data_5KS5
#
_entry.id   5KS5
#
_entity_poly.entity_id   1
_entity_poly.type   'polypeptide(L)'
_entity_poly.pdbx_seq_one_letter_code
;GSHMSPDRCQDWLEALHWYNTALEMTDCDEGGEYDGMQDEPRYMMLAREAEMLFTGGYGLEKDPQRSGDLYTQAAEAAME
AMKGRLANQYYQKAEEAWAQMEE
;
_entity_poly.pdbx_strand_id   A
#
# COMPACT_ATOMS: atom_id res chain seq x y z
N GLY A 1 -23.58 15.78 3.17
CA GLY A 1 -23.25 14.65 2.28
C GLY A 1 -24.09 13.43 2.57
N SER A 2 -24.14 12.51 1.62
CA SER A 2 -24.91 11.29 1.79
C SER A 2 -24.01 10.16 2.29
N HIS A 3 -22.95 9.90 1.54
CA HIS A 3 -21.99 8.85 1.90
C HIS A 3 -20.64 9.17 1.27
N MET A 4 -19.58 9.09 2.07
CA MET A 4 -18.24 9.40 1.60
C MET A 4 -17.89 8.55 0.39
N SER A 5 -17.56 9.20 -0.71
CA SER A 5 -17.29 8.51 -1.96
C SER A 5 -15.85 8.77 -2.39
N PRO A 6 -15.23 7.82 -3.12
CA PRO A 6 -13.86 7.95 -3.58
C PRO A 6 -13.74 8.90 -4.77
N ASP A 7 -14.10 10.16 -4.54
CA ASP A 7 -14.03 11.20 -5.57
C ASP A 7 -12.59 11.62 -5.82
N ARG A 8 -11.69 11.02 -5.06
CA ARG A 8 -10.28 11.28 -5.19
C ARG A 8 -9.66 10.27 -6.15
N CYS A 9 -10.32 10.08 -7.29
CA CYS A 9 -9.92 9.07 -8.27
C CYS A 9 -8.57 9.42 -8.91
N GLN A 10 -8.17 10.67 -8.82
CA GLN A 10 -6.90 11.10 -9.38
C GLN A 10 -5.79 11.04 -8.34
N ASP A 11 -6.17 10.89 -7.09
CA ASP A 11 -5.23 10.99 -5.99
C ASP A 11 -4.26 9.82 -5.94
N TRP A 12 -4.66 8.66 -6.47
CA TRP A 12 -3.76 7.51 -6.42
C TRP A 12 -2.67 7.64 -7.49
N LEU A 13 -3.01 8.26 -8.61
CA LEU A 13 -2.01 8.54 -9.64
C LEU A 13 -1.06 9.60 -9.13
N GLU A 14 -1.64 10.62 -8.50
CA GLU A 14 -0.89 11.72 -7.92
C GLU A 14 0.06 11.20 -6.85
N ALA A 15 -0.46 10.36 -5.96
CA ALA A 15 0.30 9.79 -4.87
C ALA A 15 1.50 8.98 -5.37
N LEU A 16 1.24 8.10 -6.33
CA LEU A 16 2.30 7.25 -6.87
C LEU A 16 3.25 8.04 -7.76
N HIS A 17 2.78 9.18 -8.25
CA HIS A 17 3.60 10.04 -9.10
C HIS A 17 4.68 10.73 -8.29
N TRP A 18 4.31 11.21 -7.10
CA TRP A 18 5.27 11.86 -6.21
C TRP A 18 6.19 10.83 -5.55
N TYR A 19 5.77 9.56 -5.62
CA TYR A 19 6.53 8.45 -5.05
C TYR A 19 6.56 8.56 -3.52
N ASN A 20 7.04 7.52 -2.86
CA ASN A 20 7.17 7.54 -1.41
C ASN A 20 8.39 6.72 -1.01
N THR A 21 9.51 7.39 -0.85
CA THR A 21 10.79 6.73 -0.61
C THR A 21 10.96 6.30 0.85
N ALA A 22 9.96 5.58 1.38
CA ALA A 22 10.00 5.02 2.73
C ALA A 22 9.93 6.10 3.82
N LEU A 23 10.91 6.99 3.83
CA LEU A 23 11.07 7.95 4.90
C LEU A 23 10.19 9.18 4.71
N GLU A 24 9.41 9.16 3.64
CA GLU A 24 8.46 10.24 3.38
C GLU A 24 7.13 9.93 4.05
N MET A 25 6.76 10.72 5.04
CA MET A 25 5.49 10.53 5.72
C MET A 25 4.39 11.30 4.99
N THR A 26 3.18 10.77 5.03
CA THR A 26 2.04 11.42 4.42
C THR A 26 0.99 11.76 5.47
N ASP A 27 -0.19 12.15 5.04
CA ASP A 27 -1.25 12.50 5.99
C ASP A 27 -1.84 11.27 6.67
N CYS A 28 -1.73 10.13 5.99
CA CYS A 28 -2.31 8.87 6.46
C CYS A 28 -3.83 9.01 6.58
N ASP A 29 -4.41 9.88 5.76
CA ASP A 29 -5.84 10.15 5.77
C ASP A 29 -6.62 9.02 5.11
N GLU A 30 -6.86 7.97 5.86
CA GLU A 30 -7.62 6.81 5.39
C GLU A 30 -8.77 6.52 6.35
N GLY A 31 -9.91 7.12 6.08
CA GLY A 31 -11.05 6.93 6.94
C GLY A 31 -11.96 5.81 6.45
N GLY A 32 -13.12 6.17 5.94
CA GLY A 32 -14.07 5.20 5.47
C GLY A 32 -14.93 5.72 4.34
N GLU A 33 -14.55 5.40 3.11
CA GLU A 33 -15.30 5.83 1.95
C GLU A 33 -16.06 4.65 1.34
N TYR A 34 -17.38 4.75 1.35
CA TYR A 34 -18.23 3.66 0.92
C TYR A 34 -18.98 4.01 -0.36
N ASP A 35 -18.36 3.70 -1.50
CA ASP A 35 -18.99 3.90 -2.79
C ASP A 35 -18.16 3.26 -3.89
N GLY A 36 -18.73 2.27 -4.57
CA GLY A 36 -18.04 1.63 -5.67
C GLY A 36 -17.20 0.45 -5.20
N MET A 37 -17.01 0.35 -3.89
CA MET A 37 -16.22 -0.72 -3.31
C MET A 37 -17.11 -1.94 -3.07
N GLN A 38 -17.59 -2.51 -4.17
CA GLN A 38 -18.44 -3.68 -4.11
C GLN A 38 -17.61 -4.92 -4.36
N ASP A 39 -16.50 -5.02 -3.64
CA ASP A 39 -15.53 -6.06 -3.87
C ASP A 39 -14.90 -6.48 -2.55
N GLU A 40 -14.52 -7.74 -2.45
CA GLU A 40 -13.82 -8.24 -1.27
C GLU A 40 -12.35 -7.85 -1.39
N PRO A 41 -11.89 -6.87 -0.60
CA PRO A 41 -10.58 -6.24 -0.84
C PRO A 41 -9.43 -7.23 -0.70
N ARG A 42 -8.69 -7.43 -1.79
CA ARG A 42 -7.54 -8.32 -1.77
C ARG A 42 -6.31 -7.63 -1.18
N TYR A 43 -6.26 -6.31 -1.31
CA TYR A 43 -5.09 -5.55 -0.87
C TYR A 43 -4.88 -5.65 0.62
N MET A 44 -5.95 -5.85 1.37
CA MET A 44 -5.84 -6.00 2.82
C MET A 44 -5.23 -7.34 3.17
N MET A 45 -5.59 -8.36 2.41
CA MET A 45 -5.02 -9.70 2.59
C MET A 45 -3.55 -9.68 2.22
N LEU A 46 -3.26 -9.09 1.07
CA LEU A 46 -1.89 -8.99 0.57
C LEU A 46 -1.02 -8.17 1.51
N ALA A 47 -1.60 -7.12 2.10
CA ALA A 47 -0.86 -6.26 2.99
C ALA A 47 -0.71 -6.90 4.37
N ARG A 48 -1.72 -7.67 4.76
CA ARG A 48 -1.67 -8.39 6.01
C ARG A 48 -0.57 -9.44 5.97
N GLU A 49 -0.49 -10.16 4.85
CA GLU A 49 0.58 -11.14 4.67
C GLU A 49 1.92 -10.42 4.58
N ALA A 50 1.94 -9.31 3.85
CA ALA A 50 3.14 -8.48 3.76
C ALA A 50 3.61 -8.04 5.14
N GLU A 51 2.65 -7.70 6.00
CA GLU A 51 2.94 -7.32 7.37
C GLU A 51 3.50 -8.51 8.14
N MET A 52 2.95 -9.69 7.86
CA MET A 52 3.45 -10.92 8.47
C MET A 52 4.85 -11.24 7.97
N LEU A 53 5.17 -10.81 6.77
CA LEU A 53 6.51 -11.00 6.21
C LEU A 53 7.43 -9.86 6.64
N PHE A 54 6.84 -8.79 7.15
CA PHE A 54 7.61 -7.63 7.59
C PHE A 54 8.11 -7.81 9.02
N THR A 55 7.18 -7.96 9.96
CA THR A 55 7.55 -8.04 11.37
C THR A 55 7.46 -9.48 11.88
N GLY A 56 7.11 -10.41 11.02
CA GLY A 56 6.96 -11.78 11.44
C GLY A 56 5.54 -12.09 11.85
N GLY A 57 4.91 -13.03 11.17
CA GLY A 57 3.51 -13.31 11.42
C GLY A 57 3.26 -14.77 11.78
N TYR A 58 2.02 -15.20 11.59
CA TYR A 58 1.59 -16.54 11.97
C TYR A 58 2.18 -17.59 11.04
N GLY A 59 3.41 -18.00 11.32
CA GLY A 59 4.05 -19.01 10.50
C GLY A 59 4.80 -18.40 9.33
N LEU A 60 4.94 -17.09 9.35
CA LEU A 60 5.65 -16.37 8.30
C LEU A 60 6.94 -15.78 8.86
N GLU A 61 8.06 -16.18 8.28
CA GLU A 61 9.36 -15.64 8.65
C GLU A 61 9.55 -14.27 8.02
N LYS A 62 10.11 -13.33 8.77
CA LYS A 62 10.33 -11.98 8.27
C LYS A 62 11.29 -12.00 7.07
N ASP A 63 10.83 -11.42 5.97
CA ASP A 63 11.60 -11.39 4.73
C ASP A 63 11.30 -10.10 3.98
N PRO A 64 12.22 -9.11 4.06
CA PRO A 64 12.03 -7.79 3.43
C PRO A 64 11.70 -7.87 1.95
N GLN A 65 12.22 -8.89 1.27
CA GLN A 65 12.03 -9.02 -0.17
C GLN A 65 10.58 -9.37 -0.47
N ARG A 66 10.08 -10.44 0.13
CA ARG A 66 8.71 -10.87 -0.10
C ARG A 66 7.75 -9.84 0.47
N SER A 67 8.16 -9.23 1.58
CA SER A 67 7.38 -8.19 2.22
C SER A 67 7.09 -7.07 1.23
N GLY A 68 8.13 -6.57 0.56
CA GLY A 68 7.95 -5.50 -0.39
C GLY A 68 7.17 -5.94 -1.61
N ASP A 69 7.39 -7.18 -2.05
CA ASP A 69 6.68 -7.70 -3.22
C ASP A 69 5.19 -7.81 -2.94
N LEU A 70 4.85 -8.17 -1.72
CA LEU A 70 3.46 -8.26 -1.31
C LEU A 70 2.86 -6.87 -1.14
N TYR A 71 3.65 -5.94 -0.60
CA TYR A 71 3.18 -4.58 -0.39
C TYR A 71 2.99 -3.84 -1.71
N THR A 72 3.85 -4.13 -2.69
CA THR A 72 3.73 -3.50 -4.00
C THR A 72 2.50 -4.03 -4.71
N GLN A 73 2.25 -5.33 -4.58
CA GLN A 73 1.04 -5.94 -5.13
C GLN A 73 -0.19 -5.38 -4.43
N ALA A 74 -0.09 -5.25 -3.10
CA ALA A 74 -1.17 -4.67 -2.32
C ALA A 74 -1.46 -3.26 -2.77
N ALA A 75 -0.42 -2.47 -3.06
CA ALA A 75 -0.60 -1.12 -3.54
C ALA A 75 -1.31 -1.09 -4.87
N GLU A 76 -0.97 -2.04 -5.74
CA GLU A 76 -1.63 -2.15 -7.03
C GLU A 76 -3.13 -2.36 -6.85
N ALA A 77 -3.47 -3.27 -5.95
CA ALA A 77 -4.86 -3.60 -5.69
C ALA A 77 -5.56 -2.45 -4.97
N ALA A 78 -4.80 -1.70 -4.19
CA ALA A 78 -5.34 -0.58 -3.43
C ALA A 78 -5.68 0.59 -4.35
N MET A 79 -4.74 0.96 -5.22
CA MET A 79 -4.97 2.04 -6.17
C MET A 79 -6.00 1.62 -7.21
N GLU A 80 -6.13 0.30 -7.38
CA GLU A 80 -7.16 -0.25 -8.26
C GLU A 80 -8.54 -0.05 -7.62
N ALA A 81 -8.57 -0.09 -6.30
CA ALA A 81 -9.81 0.08 -5.54
C ALA A 81 -10.08 1.57 -5.27
N MET A 82 -9.43 2.43 -6.05
CA MET A 82 -9.65 3.88 -6.01
C MET A 82 -9.16 4.48 -4.68
N LYS A 83 -8.38 3.72 -3.94
CA LYS A 83 -7.87 4.15 -2.64
C LYS A 83 -6.39 4.49 -2.71
N GLY A 84 -6.11 5.73 -3.12
CA GLY A 84 -4.74 6.17 -3.26
C GLY A 84 -3.97 6.20 -1.96
N ARG A 85 -4.65 6.54 -0.86
CA ARG A 85 -4.01 6.64 0.44
C ARG A 85 -3.39 5.30 0.85
N LEU A 86 -4.16 4.23 0.68
CA LEU A 86 -3.69 2.89 0.99
C LEU A 86 -2.55 2.50 0.07
N ALA A 87 -2.72 2.76 -1.22
CA ALA A 87 -1.70 2.45 -2.21
C ALA A 87 -0.39 3.13 -1.86
N ASN A 88 -0.48 4.40 -1.46
CA ASN A 88 0.67 5.17 -1.05
C ASN A 88 1.34 4.55 0.17
N GLN A 89 0.54 4.27 1.21
CA GLN A 89 1.07 3.72 2.44
C GLN A 89 1.74 2.35 2.22
N TYR A 90 1.04 1.46 1.54
CA TYR A 90 1.60 0.14 1.24
C TYR A 90 2.87 0.26 0.39
N TYR A 91 2.91 1.25 -0.49
CA TYR A 91 4.12 1.48 -1.28
C TYR A 91 5.22 2.05 -0.40
N GLN A 92 4.81 2.92 0.53
CA GLN A 92 5.71 3.47 1.54
C GLN A 92 6.31 2.36 2.36
N LYS A 93 5.53 1.30 2.54
CA LYS A 93 5.93 0.21 3.40
C LYS A 93 6.81 -0.74 2.62
N ALA A 94 6.56 -0.83 1.32
CA ALA A 94 7.38 -1.62 0.41
C ALA A 94 8.77 -1.02 0.34
N GLU A 95 8.84 0.30 0.27
CA GLU A 95 10.11 0.99 0.24
C GLU A 95 10.85 0.79 1.56
N GLU A 96 10.12 0.91 2.67
CA GLU A 96 10.70 0.68 4.00
C GLU A 96 11.27 -0.73 4.09
N ALA A 97 10.53 -1.70 3.58
CA ALA A 97 10.93 -3.09 3.62
C ALA A 97 12.31 -3.27 2.99
N TRP A 98 12.48 -2.73 1.79
CA TRP A 98 13.77 -2.84 1.10
C TRP A 98 14.80 -1.88 1.69
N ALA A 99 14.35 -0.74 2.20
CA ALA A 99 15.24 0.24 2.82
C ALA A 99 15.95 -0.36 4.02
N GLN A 100 15.29 -1.29 4.69
CA GLN A 100 15.88 -1.98 5.84
C GLN A 100 17.09 -2.82 5.44
N MET A 101 17.23 -3.09 4.14
CA MET A 101 18.35 -3.88 3.65
C MET A 101 19.54 -3.00 3.31
N GLU A 102 19.32 -1.69 3.28
CA GLU A 102 20.38 -0.75 2.95
C GLU A 102 20.55 0.27 4.07
N GLU A 103 20.24 -0.16 5.28
CA GLU A 103 20.34 0.67 6.45
C GLU A 103 21.24 0.01 7.49
N GLY A 1 -16.77 7.38 -6.17
CA GLY A 1 -17.29 7.96 -4.90
C GLY A 1 -17.90 9.33 -5.12
N SER A 2 -17.89 10.14 -4.08
CA SER A 2 -18.45 11.48 -4.15
C SER A 2 -17.85 12.37 -3.06
N HIS A 3 -17.68 11.81 -1.88
CA HIS A 3 -17.16 12.57 -0.74
C HIS A 3 -15.67 12.30 -0.54
N MET A 4 -14.84 13.17 -1.10
CA MET A 4 -13.38 13.07 -0.94
C MET A 4 -12.85 11.75 -1.49
N SER A 5 -13.59 11.16 -2.40
CA SER A 5 -13.20 9.86 -2.95
C SER A 5 -12.13 10.04 -4.04
N PRO A 6 -11.13 9.16 -4.10
CA PRO A 6 -10.05 9.23 -5.09
C PRO A 6 -10.50 8.81 -6.49
N ASP A 7 -11.59 9.42 -6.97
CA ASP A 7 -12.10 9.15 -8.30
C ASP A 7 -11.13 9.63 -9.36
N ARG A 8 -10.42 10.70 -9.05
CA ARG A 8 -9.40 11.23 -9.94
C ARG A 8 -8.10 10.44 -9.76
N CYS A 9 -8.14 9.18 -10.16
CA CYS A 9 -7.01 8.27 -10.00
C CYS A 9 -5.92 8.55 -11.02
N GLN A 10 -5.48 9.79 -11.07
CA GLN A 10 -4.47 10.24 -12.01
C GLN A 10 -3.41 11.08 -11.30
N ASP A 11 -3.86 12.13 -10.63
CA ASP A 11 -2.96 13.02 -9.90
C ASP A 11 -2.19 12.27 -8.83
N TRP A 12 -2.89 11.64 -7.89
CA TRP A 12 -2.25 10.90 -6.82
C TRP A 12 -1.54 9.67 -7.37
N LEU A 13 -2.00 9.22 -8.53
CA LEU A 13 -1.42 8.05 -9.18
C LEU A 13 0.00 8.38 -9.63
N GLU A 14 0.14 9.52 -10.30
CA GLU A 14 1.46 9.98 -10.74
C GLU A 14 2.27 10.44 -9.54
N ALA A 15 1.59 11.06 -8.58
CA ALA A 15 2.24 11.51 -7.35
C ALA A 15 2.89 10.34 -6.61
N LEU A 16 2.16 9.22 -6.57
CA LEU A 16 2.67 8.01 -5.95
C LEU A 16 3.90 7.48 -6.69
N HIS A 17 3.90 7.69 -8.00
CA HIS A 17 5.00 7.25 -8.86
C HIS A 17 6.31 7.96 -8.49
N TRP A 18 6.20 9.12 -7.85
CA TRP A 18 7.37 9.88 -7.45
C TRP A 18 7.50 9.93 -5.93
N TYR A 19 6.68 9.14 -5.24
CA TYR A 19 6.69 9.14 -3.78
C TYR A 19 7.83 8.27 -3.25
N ASN A 20 9.05 8.72 -3.51
CA ASN A 20 10.24 8.01 -3.07
C ASN A 20 10.79 8.67 -1.82
N THR A 21 9.98 8.71 -0.76
CA THR A 21 10.38 9.30 0.50
C THR A 21 10.84 8.25 1.50
N ALA A 22 10.17 7.10 1.48
CA ALA A 22 10.45 5.97 2.38
C ALA A 22 10.03 6.27 3.82
N LEU A 23 10.59 7.33 4.40
CA LEU A 23 10.33 7.64 5.80
C LEU A 23 9.20 8.66 5.95
N GLU A 24 9.28 9.76 5.22
CA GLU A 24 8.26 10.80 5.30
C GLU A 24 6.90 10.28 4.80
N MET A 25 5.99 10.07 5.72
CA MET A 25 4.64 9.65 5.38
C MET A 25 3.69 10.83 5.41
N THR A 26 2.69 10.80 4.55
CA THR A 26 1.73 11.88 4.46
C THR A 26 0.63 11.70 5.50
N ASP A 27 0.98 11.94 6.75
CA ASP A 27 0.05 11.75 7.86
C ASP A 27 -0.35 13.10 8.43
N CYS A 28 -1.03 13.89 7.59
CA CYS A 28 -1.56 15.17 8.01
C CYS A 28 -3.03 15.23 7.65
N ASP A 29 -3.83 14.44 8.34
CA ASP A 29 -5.22 14.24 7.96
C ASP A 29 -6.15 14.17 9.17
N GLU A 30 -7.36 14.68 9.01
CA GLU A 30 -8.39 14.63 10.04
C GLU A 30 -9.67 14.05 9.47
N GLY A 31 -9.55 13.02 8.65
CA GLY A 31 -10.70 12.44 7.98
C GLY A 31 -10.83 12.99 6.58
N GLY A 32 -10.28 12.25 5.62
CA GLY A 32 -10.28 12.72 4.25
C GLY A 32 -11.07 11.82 3.31
N GLU A 33 -10.36 11.01 2.54
CA GLU A 33 -10.98 10.13 1.55
C GLU A 33 -12.04 9.24 2.17
N TYR A 34 -13.28 9.44 1.73
CA TYR A 34 -14.37 8.56 2.10
C TYR A 34 -14.83 7.80 0.86
N ASP A 35 -14.09 6.75 0.54
CA ASP A 35 -14.35 5.97 -0.68
C ASP A 35 -15.07 4.68 -0.36
N GLY A 36 -15.97 4.28 -1.26
CA GLY A 36 -16.73 3.06 -1.06
C GLY A 36 -16.55 2.10 -2.21
N MET A 37 -15.38 1.45 -2.26
CA MET A 37 -15.08 0.47 -3.30
C MET A 37 -16.05 -0.70 -3.22
N GLN A 38 -16.40 -1.25 -4.37
CA GLN A 38 -17.33 -2.37 -4.44
C GLN A 38 -16.58 -3.68 -4.57
N ASP A 39 -15.60 -3.85 -3.70
CA ASP A 39 -14.76 -5.04 -3.69
C ASP A 39 -14.34 -5.36 -2.26
N GLU A 40 -14.49 -6.61 -1.87
CA GLU A 40 -13.97 -7.06 -0.57
C GLU A 40 -12.45 -6.96 -0.62
N PRO A 41 -11.86 -6.11 0.24
CA PRO A 41 -10.49 -5.67 0.04
C PRO A 41 -9.48 -6.80 0.03
N ARG A 42 -8.84 -6.98 -1.12
CA ARG A 42 -7.75 -7.93 -1.26
C ARG A 42 -6.44 -7.32 -0.77
N TYR A 43 -6.32 -6.00 -0.95
CA TYR A 43 -5.08 -5.29 -0.64
C TYR A 43 -4.76 -5.32 0.84
N MET A 44 -5.79 -5.44 1.67
CA MET A 44 -5.59 -5.52 3.12
C MET A 44 -5.04 -6.88 3.49
N MET A 45 -5.50 -7.90 2.77
CA MET A 45 -5.05 -9.26 3.00
C MET A 45 -3.61 -9.40 2.51
N LEU A 46 -3.37 -8.88 1.31
CA LEU A 46 -2.01 -8.87 0.74
C LEU A 46 -1.05 -8.09 1.64
N ALA A 47 -1.53 -6.99 2.22
CA ALA A 47 -0.69 -6.17 3.08
C ALA A 47 -0.47 -6.85 4.42
N ARG A 48 -1.51 -7.55 4.89
CA ARG A 48 -1.40 -8.30 6.13
C ARG A 48 -0.41 -9.42 5.98
N GLU A 49 -0.45 -10.09 4.82
CA GLU A 49 0.51 -11.15 4.54
C GLU A 49 1.90 -10.54 4.45
N ALA A 50 2.00 -9.41 3.77
CA ALA A 50 3.26 -8.67 3.68
C ALA A 50 3.80 -8.35 5.07
N GLU A 51 2.91 -7.91 5.97
CA GLU A 51 3.29 -7.57 7.33
C GLU A 51 3.74 -8.82 8.09
N MET A 52 3.04 -9.94 7.87
CA MET A 52 3.40 -11.19 8.50
C MET A 52 4.69 -11.75 7.91
N LEU A 53 5.00 -11.35 6.69
CA LEU A 53 6.23 -11.74 6.03
C LEU A 53 7.38 -10.85 6.47
N PHE A 54 7.06 -9.61 6.84
CA PHE A 54 8.08 -8.66 7.28
C PHE A 54 8.56 -8.99 8.69
N THR A 55 7.63 -9.07 9.64
CA THR A 55 7.99 -9.30 11.03
C THR A 55 8.10 -10.78 11.34
N GLY A 56 7.45 -11.59 10.51
CA GLY A 56 7.36 -13.00 10.78
C GLY A 56 6.09 -13.31 11.52
N GLY A 57 5.75 -14.59 11.63
CA GLY A 57 4.52 -14.97 12.28
C GLY A 57 4.45 -16.46 12.52
N TYR A 58 3.30 -16.94 12.93
CA TYR A 58 3.11 -18.36 13.23
C TYR A 58 2.88 -19.14 11.94
N GLY A 59 3.95 -19.33 11.18
CA GLY A 59 3.85 -20.03 9.92
C GLY A 59 4.43 -19.21 8.79
N LEU A 60 4.58 -17.92 9.03
CA LEU A 60 5.16 -17.02 8.05
C LEU A 60 6.60 -16.70 8.43
N GLU A 61 7.51 -16.88 7.49
CA GLU A 61 8.92 -16.60 7.72
C GLU A 61 9.23 -15.16 7.31
N LYS A 62 10.15 -14.55 8.05
CA LYS A 62 10.52 -13.16 7.80
C LYS A 62 11.36 -13.02 6.51
N ASP A 63 10.72 -12.51 5.48
CA ASP A 63 11.36 -12.27 4.19
C ASP A 63 11.12 -10.84 3.72
N PRO A 64 12.03 -9.90 4.04
CA PRO A 64 11.91 -8.49 3.64
C PRO A 64 11.66 -8.31 2.13
N GLN A 65 12.19 -9.21 1.33
CA GLN A 65 12.02 -9.15 -0.13
C GLN A 65 10.55 -9.38 -0.48
N ARG A 66 10.00 -10.48 -0.01
CA ARG A 66 8.63 -10.84 -0.32
C ARG A 66 7.68 -9.85 0.34
N SER A 67 8.10 -9.31 1.48
CA SER A 67 7.34 -8.28 2.16
C SER A 67 7.06 -7.11 1.24
N GLY A 68 8.11 -6.58 0.60
CA GLY A 68 7.93 -5.47 -0.30
C GLY A 68 7.21 -5.88 -1.56
N ASP A 69 7.43 -7.13 -1.98
CA ASP A 69 6.72 -7.67 -3.15
C ASP A 69 5.22 -7.65 -2.87
N LEU A 70 4.83 -8.15 -1.72
CA LEU A 70 3.43 -8.20 -1.32
C LEU A 70 2.88 -6.80 -1.07
N TYR A 71 3.70 -5.91 -0.52
CA TYR A 71 3.27 -4.55 -0.28
C TYR A 71 3.06 -3.79 -1.59
N THR A 72 3.90 -4.08 -2.59
CA THR A 72 3.73 -3.44 -3.89
C THR A 72 2.52 -4.02 -4.61
N GLN A 73 2.31 -5.32 -4.46
CA GLN A 73 1.13 -5.97 -5.02
C GLN A 73 -0.11 -5.42 -4.34
N ALA A 74 -0.02 -5.25 -3.02
CA ALA A 74 -1.09 -4.68 -2.24
C ALA A 74 -1.36 -3.24 -2.65
N ALA A 75 -0.30 -2.48 -2.93
CA ALA A 75 -0.45 -1.10 -3.38
C ALA A 75 -1.12 -1.06 -4.73
N GLU A 76 -0.80 -2.03 -5.59
CA GLU A 76 -1.46 -2.15 -6.87
C GLU A 76 -2.94 -2.39 -6.67
N ALA A 77 -3.28 -3.38 -5.87
CA ALA A 77 -4.67 -3.71 -5.60
C ALA A 77 -5.38 -2.56 -4.89
N ALA A 78 -4.62 -1.78 -4.16
CA ALA A 78 -5.15 -0.62 -3.46
C ALA A 78 -5.47 0.50 -4.44
N MET A 79 -4.49 0.85 -5.28
CA MET A 79 -4.66 1.94 -6.22
C MET A 79 -5.71 1.59 -7.28
N GLU A 80 -5.80 0.31 -7.63
CA GLU A 80 -6.81 -0.13 -8.59
C GLU A 80 -8.19 -0.15 -7.96
N ALA A 81 -8.23 -0.31 -6.63
CA ALA A 81 -9.49 -0.28 -5.90
C ALA A 81 -9.83 1.14 -5.47
N MET A 82 -9.18 2.12 -6.12
CA MET A 82 -9.45 3.54 -5.89
C MET A 82 -9.07 3.95 -4.47
N LYS A 83 -8.11 3.24 -3.88
CA LYS A 83 -7.68 3.55 -2.53
C LYS A 83 -6.31 4.22 -2.56
N GLY A 84 -6.29 5.49 -2.96
CA GLY A 84 -5.05 6.24 -3.06
C GLY A 84 -4.22 6.22 -1.78
N ARG A 85 -4.85 6.54 -0.66
CA ARG A 85 -4.16 6.58 0.63
C ARG A 85 -3.55 5.23 0.97
N LEU A 86 -4.33 4.16 0.77
CA LEU A 86 -3.88 2.80 1.06
C LEU A 86 -2.68 2.47 0.18
N ALA A 87 -2.81 2.76 -1.11
CA ALA A 87 -1.74 2.54 -2.06
C ALA A 87 -0.49 3.33 -1.68
N ASN A 88 -0.72 4.56 -1.22
CA ASN A 88 0.37 5.42 -0.78
C ASN A 88 1.12 4.75 0.37
N GLN A 89 0.36 4.38 1.40
CA GLN A 89 0.92 3.70 2.56
C GLN A 89 1.69 2.46 2.16
N TYR A 90 1.01 1.53 1.49
CA TYR A 90 1.60 0.25 1.16
C TYR A 90 2.78 0.38 0.19
N TYR A 91 2.74 1.37 -0.69
CA TYR A 91 3.84 1.60 -1.61
C TYR A 91 5.05 2.13 -0.83
N GLN A 92 4.77 3.09 0.06
CA GLN A 92 5.79 3.64 0.93
C GLN A 92 6.25 2.58 1.93
N LYS A 93 5.40 1.61 2.18
CA LYS A 93 5.72 0.58 3.15
C LYS A 93 6.60 -0.46 2.47
N ALA A 94 6.39 -0.64 1.17
CA ALA A 94 7.28 -1.46 0.36
C ALA A 94 8.66 -0.81 0.32
N GLU A 95 8.67 0.49 0.01
CA GLU A 95 9.88 1.28 0.03
C GLU A 95 10.58 1.16 1.38
N GLU A 96 9.79 1.30 2.45
CA GLU A 96 10.31 1.16 3.81
C GLU A 96 10.86 -0.23 4.05
N ALA A 97 10.13 -1.24 3.61
CA ALA A 97 10.54 -2.63 3.78
C ALA A 97 11.90 -2.88 3.14
N TRP A 98 12.07 -2.38 1.91
CA TRP A 98 13.34 -2.55 1.22
C TRP A 98 14.41 -1.59 1.76
N ALA A 99 13.99 -0.46 2.33
CA ALA A 99 14.93 0.46 2.97
C ALA A 99 15.43 -0.14 4.29
N GLN A 100 14.58 -0.93 4.90
CA GLN A 100 14.87 -1.63 6.14
C GLN A 100 15.29 -3.06 5.86
N MET A 101 15.64 -3.35 4.60
CA MET A 101 15.95 -4.71 4.15
C MET A 101 17.24 -5.24 4.76
N GLU A 102 17.23 -5.36 6.07
CA GLU A 102 18.32 -5.95 6.83
C GLU A 102 17.75 -6.54 8.12
N GLU A 103 16.52 -7.01 7.99
CA GLU A 103 15.77 -7.56 9.11
C GLU A 103 16.09 -9.04 9.30
N GLY A 1 -20.22 4.98 -5.69
CA GLY A 1 -19.60 5.60 -4.50
C GLY A 1 -20.61 5.97 -3.43
N SER A 2 -20.93 5.03 -2.54
CA SER A 2 -21.87 5.29 -1.46
C SER A 2 -21.29 6.33 -0.51
N HIS A 3 -19.99 6.22 -0.24
CA HIS A 3 -19.29 7.20 0.58
C HIS A 3 -18.17 7.83 -0.22
N MET A 4 -18.48 9.00 -0.79
CA MET A 4 -17.56 9.73 -1.67
C MET A 4 -17.39 9.02 -3.01
N SER A 5 -17.53 9.79 -4.07
CA SER A 5 -17.36 9.25 -5.42
C SER A 5 -16.20 9.94 -6.12
N PRO A 6 -14.97 9.48 -5.84
CA PRO A 6 -13.74 10.05 -6.40
C PRO A 6 -13.59 9.75 -7.89
N ASP A 7 -14.35 10.44 -8.72
CA ASP A 7 -14.26 10.27 -10.16
C ASP A 7 -12.92 10.80 -10.64
N ARG A 8 -12.35 11.74 -9.90
CA ARG A 8 -11.03 12.27 -10.20
C ARG A 8 -9.98 11.54 -9.36
N CYS A 9 -10.03 10.22 -9.39
CA CYS A 9 -9.05 9.40 -8.71
C CYS A 9 -7.81 9.25 -9.60
N GLN A 10 -7.18 10.38 -9.89
CA GLN A 10 -6.06 10.42 -10.82
C GLN A 10 -4.91 11.27 -10.28
N ASP A 11 -5.15 11.97 -9.17
CA ASP A 11 -4.13 12.84 -8.61
C ASP A 11 -3.05 12.03 -7.89
N TRP A 12 -3.43 10.82 -7.46
CA TRP A 12 -2.48 9.96 -6.76
C TRP A 12 -1.36 9.52 -7.70
N LEU A 13 -1.65 9.49 -9.01
CA LEU A 13 -0.63 9.16 -10.00
C LEU A 13 0.45 10.22 -9.99
N GLU A 14 0.04 11.47 -9.96
CA GLU A 14 0.96 12.59 -9.94
C GLU A 14 1.72 12.62 -8.63
N ALA A 15 1.00 12.41 -7.54
CA ALA A 15 1.61 12.40 -6.21
C ALA A 15 2.64 11.29 -6.09
N LEU A 16 2.29 10.10 -6.59
CA LEU A 16 3.18 8.95 -6.53
C LEU A 16 4.31 9.08 -7.53
N HIS A 17 4.12 9.91 -8.55
CA HIS A 17 5.13 10.15 -9.58
C HIS A 17 6.29 10.96 -9.01
N TRP A 18 5.96 11.95 -8.19
CA TRP A 18 6.96 12.82 -7.59
C TRP A 18 7.37 12.31 -6.22
N TYR A 19 6.98 11.07 -5.93
CA TYR A 19 7.23 10.45 -4.63
C TYR A 19 8.71 10.15 -4.43
N ASN A 20 9.51 11.19 -4.25
CA ASN A 20 10.93 11.05 -3.99
C ASN A 20 11.21 11.21 -2.51
N THR A 21 10.58 10.35 -1.72
CA THR A 21 10.72 10.41 -0.28
C THR A 21 10.22 9.10 0.34
N ALA A 22 10.93 8.61 1.34
CA ALA A 22 10.51 7.41 2.05
C ALA A 22 9.57 7.77 3.20
N LEU A 23 9.50 9.06 3.52
CA LEU A 23 8.64 9.53 4.59
C LEU A 23 7.69 10.60 4.08
N GLU A 24 6.41 10.28 4.06
CA GLU A 24 5.37 11.23 3.70
C GLU A 24 4.15 11.01 4.58
N MET A 25 3.59 12.08 5.11
CA MET A 25 2.39 11.99 5.91
C MET A 25 1.15 11.98 5.02
N THR A 26 0.71 10.79 4.65
CA THR A 26 -0.45 10.63 3.79
C THR A 26 -1.74 10.92 4.56
N ASP A 27 -1.96 12.18 4.89
CA ASP A 27 -3.14 12.58 5.62
C ASP A 27 -4.14 13.25 4.67
N CYS A 28 -4.81 12.45 3.87
CA CYS A 28 -5.81 12.96 2.95
C CYS A 28 -6.95 11.96 2.78
N ASP A 29 -7.13 11.10 3.77
CA ASP A 29 -8.16 10.07 3.71
C ASP A 29 -8.36 9.41 5.07
N GLU A 30 -9.62 9.33 5.50
CA GLU A 30 -9.97 8.67 6.76
C GLU A 30 -10.69 7.36 6.48
N GLY A 31 -10.28 6.68 5.42
CA GLY A 31 -10.91 5.44 5.04
C GLY A 31 -12.11 5.65 4.14
N GLY A 32 -11.98 6.56 3.19
CA GLY A 32 -13.06 6.87 2.29
C GLY A 32 -12.82 6.29 0.91
N GLU A 33 -13.09 7.09 -0.12
CA GLU A 33 -12.99 6.62 -1.51
C GLU A 33 -13.75 5.31 -1.68
N TYR A 34 -15.01 5.31 -1.29
CA TYR A 34 -15.80 4.08 -1.31
C TYR A 34 -16.59 3.98 -2.60
N ASP A 35 -15.89 3.65 -3.67
CA ASP A 35 -16.52 3.43 -4.97
C ASP A 35 -15.94 2.16 -5.60
N GLY A 36 -16.76 1.13 -5.69
CA GLY A 36 -16.30 -0.13 -6.26
C GLY A 36 -15.38 -0.87 -5.31
N MET A 37 -15.55 -0.60 -4.02
CA MET A 37 -14.76 -1.25 -3.00
C MET A 37 -15.30 -2.64 -2.72
N GLN A 38 -14.57 -3.64 -3.23
CA GLN A 38 -14.91 -5.03 -3.05
C GLN A 38 -15.05 -5.36 -1.56
N ASP A 39 -16.06 -6.18 -1.25
CA ASP A 39 -16.38 -6.55 0.12
C ASP A 39 -15.26 -7.37 0.73
N GLU A 40 -14.54 -8.09 -0.11
CA GLU A 40 -13.32 -8.76 0.29
C GLU A 40 -12.13 -8.11 -0.41
N PRO A 41 -11.53 -7.10 0.23
CA PRO A 41 -10.43 -6.35 -0.36
C PRO A 41 -9.13 -7.12 -0.32
N ARG A 42 -8.55 -7.35 -1.50
CA ARG A 42 -7.33 -8.13 -1.62
C ARG A 42 -6.15 -7.38 -1.02
N TYR A 43 -6.15 -6.06 -1.17
CA TYR A 43 -5.02 -5.25 -0.75
C TYR A 43 -4.79 -5.33 0.76
N MET A 44 -5.85 -5.55 1.52
CA MET A 44 -5.73 -5.65 2.97
C MET A 44 -5.16 -7.01 3.36
N MET A 45 -5.61 -8.05 2.67
CA MET A 45 -5.12 -9.40 2.94
C MET A 45 -3.66 -9.50 2.49
N LEU A 46 -3.39 -8.95 1.32
CA LEU A 46 -2.04 -8.90 0.77
C LEU A 46 -1.12 -8.09 1.67
N ALA A 47 -1.62 -7.00 2.22
CA ALA A 47 -0.79 -6.15 3.07
C ALA A 47 -0.59 -6.79 4.43
N ARG A 48 -1.61 -7.48 4.92
CA ARG A 48 -1.51 -8.19 6.19
C ARG A 48 -0.52 -9.35 6.04
N GLU A 49 -0.56 -9.99 4.89
CA GLU A 49 0.37 -11.06 4.59
C GLU A 49 1.78 -10.49 4.52
N ALA A 50 1.90 -9.37 3.81
CA ALA A 50 3.17 -8.65 3.73
C ALA A 50 3.67 -8.27 5.13
N GLU A 51 2.74 -7.87 5.99
CA GLU A 51 3.05 -7.54 7.37
C GLU A 51 3.57 -8.78 8.12
N MET A 52 2.93 -9.92 7.87
CA MET A 52 3.36 -11.17 8.48
C MET A 52 4.69 -11.63 7.89
N LEU A 53 4.97 -11.19 6.67
CA LEU A 53 6.24 -11.50 6.02
C LEU A 53 7.34 -10.58 6.51
N PHE A 54 6.98 -9.37 6.90
CA PHE A 54 7.95 -8.39 7.36
C PHE A 54 8.34 -8.63 8.82
N THR A 55 7.34 -8.73 9.69
CA THR A 55 7.60 -8.86 11.12
C THR A 55 7.67 -10.32 11.57
N GLY A 56 7.17 -11.22 10.74
CA GLY A 56 7.12 -12.62 11.11
C GLY A 56 5.75 -13.00 11.62
N GLY A 57 5.16 -14.02 11.01
CA GLY A 57 3.81 -14.42 11.37
C GLY A 57 3.68 -15.91 11.53
N TYR A 58 2.49 -16.36 11.91
CA TYR A 58 2.20 -17.77 12.13
C TYR A 58 2.26 -18.55 10.82
N GLY A 59 3.44 -19.10 10.53
CA GLY A 59 3.61 -19.87 9.31
C GLY A 59 4.20 -19.04 8.20
N LEU A 60 4.45 -17.78 8.50
CA LEU A 60 5.04 -16.86 7.54
C LEU A 60 6.45 -16.48 7.97
N GLU A 61 7.40 -16.67 7.07
CA GLU A 61 8.78 -16.35 7.38
C GLU A 61 9.03 -14.86 7.23
N LYS A 62 10.18 -14.41 7.68
CA LYS A 62 10.54 -13.01 7.59
C LYS A 62 11.40 -12.77 6.36
N ASP A 63 10.79 -12.20 5.33
CA ASP A 63 11.48 -11.98 4.07
C ASP A 63 11.16 -10.58 3.52
N PRO A 64 12.06 -9.60 3.74
CA PRO A 64 11.86 -8.22 3.27
C PRO A 64 11.56 -8.12 1.78
N GLN A 65 12.11 -9.05 1.00
CA GLN A 65 11.91 -9.05 -0.44
C GLN A 65 10.44 -9.34 -0.77
N ARG A 66 9.94 -10.45 -0.24
CA ARG A 66 8.56 -10.84 -0.47
C ARG A 66 7.63 -9.86 0.21
N SER A 67 8.05 -9.35 1.36
CA SER A 67 7.30 -8.34 2.07
C SER A 67 7.00 -7.15 1.16
N GLY A 68 8.04 -6.59 0.55
CA GLY A 68 7.83 -5.46 -0.33
C GLY A 68 7.10 -5.85 -1.59
N ASP A 69 7.31 -7.09 -2.03
CA ASP A 69 6.60 -7.60 -3.20
C ASP A 69 5.10 -7.63 -2.93
N LEU A 70 4.74 -8.13 -1.75
CA LEU A 70 3.35 -8.22 -1.35
C LEU A 70 2.78 -6.83 -1.06
N TYR A 71 3.61 -5.94 -0.52
CA TYR A 71 3.18 -4.57 -0.27
C TYR A 71 2.96 -3.81 -1.58
N THR A 72 3.81 -4.06 -2.57
CA THR A 72 3.66 -3.41 -3.87
C THR A 72 2.47 -4.01 -4.61
N GLN A 73 2.27 -5.31 -4.45
CA GLN A 73 1.11 -5.99 -5.01
C GLN A 73 -0.14 -5.46 -4.32
N ALA A 74 -0.05 -5.29 -3.00
CA ALA A 74 -1.14 -4.72 -2.22
C ALA A 74 -1.42 -3.29 -2.65
N ALA A 75 -0.38 -2.52 -2.91
CA ALA A 75 -0.56 -1.15 -3.36
C ALA A 75 -1.19 -1.11 -4.73
N GLU A 76 -0.83 -2.08 -5.57
CA GLU A 76 -1.44 -2.22 -6.87
C GLU A 76 -2.93 -2.49 -6.73
N ALA A 77 -3.28 -3.43 -5.86
CA ALA A 77 -4.67 -3.77 -5.61
C ALA A 77 -5.39 -2.61 -4.93
N ALA A 78 -4.64 -1.80 -4.19
CA ALA A 78 -5.19 -0.64 -3.51
C ALA A 78 -5.52 0.46 -4.51
N MET A 79 -4.57 0.77 -5.39
CA MET A 79 -4.78 1.80 -6.40
C MET A 79 -5.82 1.33 -7.41
N GLU A 80 -5.89 0.00 -7.59
CA GLU A 80 -6.90 -0.61 -8.45
C GLU A 80 -8.29 -0.38 -7.87
N ALA A 81 -8.39 -0.51 -6.55
CA ALA A 81 -9.68 -0.41 -5.85
C ALA A 81 -9.98 1.02 -5.42
N MET A 82 -9.28 1.98 -6.04
CA MET A 82 -9.50 3.41 -5.78
C MET A 82 -9.19 3.75 -4.33
N LYS A 83 -8.04 3.33 -3.85
CA LYS A 83 -7.60 3.65 -2.51
C LYS A 83 -6.22 4.31 -2.55
N GLY A 84 -6.21 5.63 -2.76
CA GLY A 84 -4.96 6.36 -2.90
C GLY A 84 -4.07 6.26 -1.67
N ARG A 85 -4.63 6.58 -0.50
CA ARG A 85 -3.85 6.58 0.74
C ARG A 85 -3.31 5.19 1.04
N LEU A 86 -4.12 4.16 0.77
CA LEU A 86 -3.71 2.79 1.00
C LEU A 86 -2.54 2.42 0.11
N ALA A 87 -2.68 2.74 -1.18
CA ALA A 87 -1.63 2.47 -2.14
C ALA A 87 -0.34 3.21 -1.76
N ASN A 88 -0.48 4.49 -1.44
CA ASN A 88 0.65 5.31 -1.02
C ASN A 88 1.32 4.68 0.20
N GLN A 89 0.53 4.40 1.23
CA GLN A 89 1.04 3.81 2.46
C GLN A 89 1.78 2.51 2.18
N TYR A 90 1.12 1.58 1.50
CA TYR A 90 1.72 0.28 1.22
C TYR A 90 2.96 0.41 0.33
N TYR A 91 2.99 1.39 -0.56
CA TYR A 91 4.18 1.62 -1.36
C TYR A 91 5.28 2.22 -0.49
N GLN A 92 4.88 3.10 0.43
CA GLN A 92 5.81 3.71 1.38
C GLN A 92 6.35 2.64 2.32
N LYS A 93 5.55 1.62 2.52
CA LYS A 93 5.90 0.54 3.43
C LYS A 93 6.79 -0.45 2.69
N ALA A 94 6.56 -0.59 1.39
CA ALA A 94 7.45 -1.37 0.53
C ALA A 94 8.81 -0.70 0.49
N GLU A 95 8.79 0.61 0.25
CA GLU A 95 10.00 1.42 0.30
C GLU A 95 10.75 1.19 1.61
N GLU A 96 10.02 1.33 2.72
CA GLU A 96 10.60 1.12 4.06
C GLU A 96 11.12 -0.32 4.20
N ALA A 97 10.34 -1.28 3.73
CA ALA A 97 10.72 -2.69 3.82
C ALA A 97 12.06 -2.94 3.16
N TRP A 98 12.22 -2.45 1.94
CA TRP A 98 13.47 -2.65 1.21
C TRP A 98 14.57 -1.71 1.71
N ALA A 99 14.20 -0.53 2.16
CA ALA A 99 15.18 0.44 2.65
C ALA A 99 15.78 -0.01 3.97
N GLN A 100 14.94 -0.48 4.87
CA GLN A 100 15.38 -0.82 6.21
C GLN A 100 15.82 -2.27 6.27
N MET A 101 14.89 -3.18 5.92
CA MET A 101 15.12 -4.64 5.97
C MET A 101 15.34 -5.13 7.40
N GLU A 102 16.43 -4.67 8.01
CA GLU A 102 16.82 -5.11 9.34
C GLU A 102 16.00 -4.41 10.42
N GLU A 103 14.76 -4.86 10.59
CA GLU A 103 13.90 -4.33 11.64
C GLU A 103 13.58 -5.44 12.64
N GLY A 1 -25.34 9.69 6.97
CA GLY A 1 -24.50 10.17 8.10
C GLY A 1 -23.29 10.93 7.62
N SER A 2 -22.81 11.87 8.43
CA SER A 2 -21.66 12.67 8.07
C SER A 2 -20.38 11.86 8.15
N HIS A 3 -19.93 11.35 7.02
CA HIS A 3 -18.72 10.54 6.96
C HIS A 3 -17.82 11.05 5.85
N MET A 4 -16.53 10.88 6.02
CA MET A 4 -15.59 11.26 4.98
C MET A 4 -15.77 10.37 3.75
N SER A 5 -15.55 10.94 2.59
CA SER A 5 -15.67 10.20 1.34
C SER A 5 -14.47 10.53 0.44
N PRO A 6 -14.13 9.64 -0.51
CA PRO A 6 -12.99 9.84 -1.41
C PRO A 6 -13.29 10.87 -2.49
N ASP A 7 -13.73 12.05 -2.08
CA ASP A 7 -13.97 13.14 -3.01
C ASP A 7 -12.66 13.62 -3.61
N ARG A 8 -11.62 13.59 -2.80
CA ARG A 8 -10.29 14.01 -3.22
C ARG A 8 -9.52 12.83 -3.79
N CYS A 9 -10.19 12.00 -4.59
CA CYS A 9 -9.56 10.82 -5.17
C CYS A 9 -8.70 11.19 -6.38
N GLN A 10 -7.88 12.21 -6.20
CA GLN A 10 -7.03 12.69 -7.28
C GLN A 10 -5.58 12.87 -6.82
N ASP A 11 -5.38 13.24 -5.56
CA ASP A 11 -4.05 13.50 -5.03
C ASP A 11 -3.19 12.24 -5.08
N TRP A 12 -3.82 11.08 -5.00
CA TRP A 12 -3.08 9.83 -4.97
C TRP A 12 -2.42 9.55 -6.32
N LEU A 13 -3.01 10.07 -7.40
CA LEU A 13 -2.42 9.91 -8.72
C LEU A 13 -1.16 10.75 -8.81
N GLU A 14 -1.24 11.95 -8.25
CA GLU A 14 -0.11 12.86 -8.23
C GLU A 14 1.00 12.28 -7.34
N ALA A 15 0.59 11.79 -6.18
CA ALA A 15 1.51 11.16 -5.23
C ALA A 15 2.18 9.95 -5.87
N LEU A 16 1.37 9.12 -6.52
CA LEU A 16 1.87 7.93 -7.20
C LEU A 16 2.80 8.31 -8.34
N HIS A 17 2.52 9.44 -8.97
CA HIS A 17 3.29 9.90 -10.11
C HIS A 17 4.74 10.20 -9.73
N TRP A 18 4.92 10.89 -8.61
CA TRP A 18 6.26 11.27 -8.16
C TRP A 18 6.92 10.13 -7.39
N TYR A 19 6.12 9.18 -6.91
CA TYR A 19 6.63 8.06 -6.10
C TYR A 19 7.47 8.58 -4.94
N ASN A 20 6.83 9.30 -4.02
CA ASN A 20 7.50 9.80 -2.83
C ASN A 20 7.60 8.69 -1.79
N THR A 21 8.15 7.55 -2.21
CA THR A 21 8.20 6.36 -1.38
C THR A 21 9.09 6.56 -0.16
N ALA A 22 8.56 6.19 1.01
CA ALA A 22 9.26 6.26 2.30
C ALA A 22 9.41 7.70 2.80
N LEU A 23 9.45 8.65 1.87
CA LEU A 23 9.62 10.05 2.21
C LEU A 23 8.28 10.71 2.52
N GLU A 24 7.23 10.24 1.86
CA GLU A 24 5.89 10.78 2.08
C GLU A 24 5.38 10.33 3.44
N MET A 25 4.53 11.16 4.03
CA MET A 25 3.95 10.88 5.32
C MET A 25 2.46 10.62 5.20
N THR A 26 2.09 9.35 5.12
CA THR A 26 0.71 8.97 4.99
C THR A 26 0.02 8.91 6.35
N ASP A 27 -0.19 10.08 6.94
CA ASP A 27 -0.80 10.18 8.25
C ASP A 27 -2.31 10.36 8.10
N CYS A 28 -2.97 9.32 7.61
CA CYS A 28 -4.39 9.37 7.33
C CYS A 28 -5.08 8.11 7.83
N ASP A 29 -6.19 8.28 8.53
CA ASP A 29 -6.99 7.15 9.00
C ASP A 29 -7.90 6.67 7.88
N GLU A 30 -8.24 5.38 7.92
CA GLU A 30 -9.15 4.80 6.94
C GLU A 30 -10.51 4.50 7.60
N GLY A 31 -10.76 5.14 8.72
CA GLY A 31 -11.98 4.89 9.46
C GLY A 31 -13.10 5.83 9.08
N GLY A 32 -12.83 7.13 9.20
CA GLY A 32 -13.83 8.14 8.91
C GLY A 32 -14.34 8.06 7.49
N GLU A 33 -13.44 7.81 6.56
CA GLU A 33 -13.79 7.68 5.16
C GLU A 33 -14.47 6.35 4.90
N TYR A 34 -15.78 6.32 5.09
CA TYR A 34 -16.55 5.12 4.83
C TYR A 34 -16.83 5.01 3.34
N ASP A 35 -15.85 4.50 2.61
CA ASP A 35 -15.94 4.35 1.17
C ASP A 35 -16.66 3.05 0.81
N GLY A 36 -17.31 3.05 -0.34
CA GLY A 36 -18.00 1.86 -0.81
C GLY A 36 -17.05 0.89 -1.47
N MET A 37 -15.95 0.64 -0.79
CA MET A 37 -14.92 -0.27 -1.29
C MET A 37 -15.37 -1.71 -1.19
N GLN A 38 -14.65 -2.59 -1.89
CA GLN A 38 -14.97 -4.02 -1.94
C GLN A 38 -14.98 -4.61 -0.55
N ASP A 39 -16.09 -5.26 -0.18
CA ASP A 39 -16.28 -5.76 1.18
C ASP A 39 -15.26 -6.84 1.51
N GLU A 40 -14.71 -7.45 0.47
CA GLU A 40 -13.57 -8.34 0.63
C GLU A 40 -12.35 -7.73 -0.07
N PRO A 41 -11.58 -6.90 0.64
CA PRO A 41 -10.39 -6.27 0.06
C PRO A 41 -9.20 -7.22 0.05
N ARG A 42 -8.66 -7.49 -1.14
CA ARG A 42 -7.51 -8.37 -1.24
C ARG A 42 -6.22 -7.64 -0.87
N TYR A 43 -6.20 -6.33 -1.08
CA TYR A 43 -5.01 -5.53 -0.80
C TYR A 43 -4.67 -5.56 0.70
N MET A 44 -5.69 -5.60 1.54
CA MET A 44 -5.45 -5.65 2.98
C MET A 44 -4.93 -7.01 3.39
N MET A 45 -5.37 -8.04 2.68
CA MET A 45 -4.90 -9.41 2.94
C MET A 45 -3.45 -9.55 2.50
N LEU A 46 -3.16 -9.03 1.31
CA LEU A 46 -1.79 -9.06 0.77
C LEU A 46 -0.86 -8.25 1.66
N ALA A 47 -1.37 -7.15 2.21
CA ALA A 47 -0.55 -6.31 3.07
C ALA A 47 -0.40 -6.95 4.45
N ARG A 48 -1.44 -7.65 4.88
CA ARG A 48 -1.41 -8.40 6.13
C ARG A 48 -0.37 -9.51 6.03
N GLU A 49 -0.40 -10.22 4.91
CA GLU A 49 0.53 -11.30 4.66
C GLU A 49 1.95 -10.73 4.63
N ALA A 50 2.10 -9.61 3.94
CA ALA A 50 3.37 -8.91 3.86
C ALA A 50 3.86 -8.51 5.25
N GLU A 51 2.96 -7.99 6.08
CA GLU A 51 3.32 -7.57 7.43
C GLU A 51 3.76 -8.76 8.27
N MET A 52 3.06 -9.87 8.10
CA MET A 52 3.39 -11.08 8.85
C MET A 52 4.68 -11.71 8.31
N LEU A 53 4.96 -11.49 7.03
CA LEU A 53 6.18 -12.00 6.42
C LEU A 53 7.35 -11.06 6.65
N PHE A 54 7.08 -9.83 7.02
CA PHE A 54 8.13 -8.87 7.29
C PHE A 54 8.78 -9.16 8.64
N THR A 55 7.96 -9.43 9.64
CA THR A 55 8.46 -9.75 10.97
C THR A 55 8.69 -11.25 11.12
N GLY A 56 7.84 -12.03 10.47
CA GLY A 56 7.95 -13.48 10.54
C GLY A 56 7.30 -14.04 11.77
N GLY A 57 7.57 -15.30 12.08
CA GLY A 57 7.05 -15.92 13.26
C GLY A 57 5.78 -16.69 13.01
N TYR A 58 5.54 -17.70 13.84
CA TYR A 58 4.30 -18.49 13.80
C TYR A 58 4.05 -19.08 12.42
N GLY A 59 5.10 -19.60 11.80
CA GLY A 59 4.96 -20.25 10.50
C GLY A 59 5.44 -19.37 9.36
N LEU A 60 5.50 -18.07 9.59
CA LEU A 60 5.90 -17.13 8.56
C LEU A 60 7.41 -16.91 8.60
N GLU A 61 8.04 -17.04 7.45
CA GLU A 61 9.46 -16.77 7.32
C GLU A 61 9.67 -15.30 6.97
N LYS A 62 10.37 -14.57 7.85
CA LYS A 62 10.57 -13.15 7.62
C LYS A 62 11.46 -12.92 6.41
N ASP A 63 10.91 -12.25 5.42
CA ASP A 63 11.62 -12.01 4.17
C ASP A 63 11.28 -10.62 3.63
N PRO A 64 12.17 -9.64 3.87
CA PRO A 64 11.96 -8.24 3.44
C PRO A 64 11.64 -8.11 1.95
N GLN A 65 12.20 -8.99 1.14
CA GLN A 65 11.98 -8.93 -0.31
C GLN A 65 10.53 -9.31 -0.62
N ARG A 66 10.10 -10.44 -0.07
CA ARG A 66 8.76 -10.94 -0.30
C ARG A 66 7.74 -9.97 0.26
N SER A 67 8.10 -9.39 1.40
CA SER A 67 7.28 -8.39 2.05
C SER A 67 6.99 -7.22 1.11
N GLY A 68 8.04 -6.67 0.49
CA GLY A 68 7.84 -5.54 -0.40
C GLY A 68 7.10 -5.93 -1.66
N ASP A 69 7.34 -7.14 -2.13
CA ASP A 69 6.63 -7.65 -3.30
C ASP A 69 5.14 -7.70 -3.02
N LEU A 70 4.76 -8.23 -1.87
CA LEU A 70 3.36 -8.31 -1.50
C LEU A 70 2.78 -6.94 -1.20
N TYR A 71 3.58 -6.06 -0.59
CA TYR A 71 3.13 -4.70 -0.32
C TYR A 71 2.89 -3.92 -1.61
N THR A 72 3.73 -4.13 -2.60
CA THR A 72 3.57 -3.43 -3.87
C THR A 72 2.38 -3.99 -4.64
N GLN A 73 2.21 -5.31 -4.59
CA GLN A 73 1.04 -5.94 -5.19
C GLN A 73 -0.23 -5.44 -4.51
N ALA A 74 -0.18 -5.38 -3.18
CA ALA A 74 -1.27 -4.88 -2.39
C ALA A 74 -1.58 -3.43 -2.75
N ALA A 75 -0.54 -2.62 -2.94
CA ALA A 75 -0.73 -1.23 -3.28
C ALA A 75 -1.37 -1.10 -4.65
N GLU A 76 -0.97 -1.95 -5.58
CA GLU A 76 -1.53 -1.96 -6.91
C GLU A 76 -3.03 -2.25 -6.83
N ALA A 77 -3.39 -3.25 -6.02
CA ALA A 77 -4.80 -3.60 -5.83
C ALA A 77 -5.53 -2.50 -5.07
N ALA A 78 -4.80 -1.79 -4.22
CA ALA A 78 -5.38 -0.70 -3.44
C ALA A 78 -5.73 0.48 -4.33
N MET A 79 -4.80 0.87 -5.19
CA MET A 79 -5.01 2.00 -6.09
C MET A 79 -5.99 1.63 -7.19
N GLU A 80 -6.09 0.33 -7.50
CA GLU A 80 -7.07 -0.14 -8.45
C GLU A 80 -8.47 0.01 -7.86
N ALA A 81 -8.56 -0.08 -6.54
CA ALA A 81 -9.82 0.08 -5.85
C ALA A 81 -10.07 1.54 -5.48
N MET A 82 -9.37 2.45 -6.16
CA MET A 82 -9.51 3.90 -5.97
C MET A 82 -8.96 4.34 -4.60
N LYS A 83 -8.52 3.38 -3.82
CA LYS A 83 -7.94 3.67 -2.51
C LYS A 83 -6.45 3.95 -2.66
N GLY A 84 -6.14 4.90 -3.54
CA GLY A 84 -4.75 5.24 -3.84
C GLY A 84 -3.98 5.74 -2.64
N ARG A 85 -4.68 6.29 -1.66
CA ARG A 85 -4.06 6.72 -0.41
C ARG A 85 -3.44 5.51 0.29
N LEU A 86 -4.20 4.42 0.37
CA LEU A 86 -3.70 3.15 0.89
C LEU A 86 -2.54 2.68 0.05
N ALA A 87 -2.70 2.77 -1.26
CA ALA A 87 -1.66 2.38 -2.20
C ALA A 87 -0.36 3.10 -1.91
N ASN A 88 -0.42 4.43 -1.86
CA ASN A 88 0.75 5.24 -1.59
C ASN A 88 1.39 4.84 -0.26
N GLN A 89 0.55 4.64 0.76
CA GLN A 89 1.04 4.16 2.06
C GLN A 89 1.77 2.82 1.91
N TYR A 90 1.11 1.85 1.28
CA TYR A 90 1.71 0.54 1.06
C TYR A 90 2.99 0.63 0.22
N TYR A 91 3.07 1.60 -0.69
CA TYR A 91 4.30 1.85 -1.44
C TYR A 91 5.36 2.42 -0.50
N GLN A 92 4.94 3.32 0.36
CA GLN A 92 5.80 3.91 1.38
C GLN A 92 6.29 2.80 2.32
N LYS A 93 5.45 1.80 2.49
CA LYS A 93 5.74 0.71 3.42
C LYS A 93 6.65 -0.29 2.72
N ALA A 94 6.41 -0.50 1.43
CA ALA A 94 7.26 -1.37 0.62
C ALA A 94 8.68 -0.82 0.58
N GLU A 95 8.78 0.48 0.36
CA GLU A 95 10.07 1.15 0.33
C GLU A 95 10.73 1.03 1.69
N GLU A 96 9.94 1.23 2.75
CA GLU A 96 10.42 1.05 4.11
C GLU A 96 10.92 -0.39 4.32
N ALA A 97 10.16 -1.35 3.82
CA ALA A 97 10.51 -2.75 3.93
C ALA A 97 11.91 -3.00 3.36
N TRP A 98 12.13 -2.54 2.13
CA TRP A 98 13.41 -2.71 1.48
C TRP A 98 14.49 -1.79 2.08
N ALA A 99 14.08 -0.67 2.65
CA ALA A 99 15.03 0.26 3.26
C ALA A 99 15.54 -0.26 4.59
N GLN A 100 14.65 -0.82 5.39
CA GLN A 100 14.99 -1.30 6.73
C GLN A 100 15.55 -2.71 6.65
N MET A 101 14.77 -3.64 6.11
CA MET A 101 15.16 -5.05 6.02
C MET A 101 15.72 -5.58 7.34
N GLU A 102 15.17 -5.11 8.45
CA GLU A 102 15.65 -5.50 9.76
C GLU A 102 14.69 -5.03 10.84
N GLU A 103 13.60 -5.74 10.98
CA GLU A 103 12.62 -5.46 12.04
C GLU A 103 12.33 -6.75 12.77
N GLY A 1 -19.37 5.74 5.33
CA GLY A 1 -19.85 6.22 4.02
C GLY A 1 -18.73 6.75 3.17
N SER A 2 -18.99 6.92 1.88
CA SER A 2 -17.97 7.38 0.96
C SER A 2 -17.85 8.91 0.98
N HIS A 3 -17.42 9.43 2.12
CA HIS A 3 -17.24 10.86 2.30
C HIS A 3 -15.91 11.31 1.68
N MET A 4 -15.08 10.34 1.36
CA MET A 4 -13.77 10.62 0.76
C MET A 4 -13.58 9.82 -0.51
N SER A 5 -14.28 10.23 -1.56
CA SER A 5 -14.14 9.58 -2.86
C SER A 5 -12.79 9.94 -3.46
N PRO A 6 -12.09 8.97 -4.07
CA PRO A 6 -10.78 9.17 -4.66
C PRO A 6 -10.84 9.97 -5.96
N ASP A 7 -11.34 11.19 -5.86
CA ASP A 7 -11.39 12.10 -7.00
C ASP A 7 -9.99 12.55 -7.35
N ARG A 8 -9.16 12.68 -6.34
CA ARG A 8 -7.75 13.01 -6.53
C ARG A 8 -6.95 11.73 -6.86
N CYS A 9 -7.52 10.91 -7.74
CA CYS A 9 -6.89 9.66 -8.14
C CYS A 9 -5.53 9.90 -8.78
N GLN A 10 -5.33 11.10 -9.33
CA GLN A 10 -4.06 11.47 -9.93
C GLN A 10 -2.91 11.30 -8.94
N ASP A 11 -3.21 11.41 -7.65
CA ASP A 11 -2.19 11.38 -6.61
C ASP A 11 -1.44 10.06 -6.54
N TRP A 12 -2.14 8.93 -6.61
CA TRP A 12 -1.48 7.65 -6.38
C TRP A 12 -0.54 7.30 -7.53
N LEU A 13 -0.86 7.77 -8.73
CA LEU A 13 0.03 7.58 -9.87
C LEU A 13 1.37 8.26 -9.58
N GLU A 14 1.28 9.49 -9.10
CA GLU A 14 2.47 10.26 -8.78
C GLU A 14 3.14 9.74 -7.52
N ALA A 15 2.32 9.41 -6.53
CA ALA A 15 2.83 8.91 -5.25
C ALA A 15 3.66 7.66 -5.45
N LEU A 16 3.19 6.74 -6.27
CA LEU A 16 3.93 5.51 -6.55
C LEU A 16 5.06 5.77 -7.54
N HIS A 17 5.06 6.94 -8.15
CA HIS A 17 6.06 7.27 -9.16
C HIS A 17 7.24 8.02 -8.56
N TRP A 18 6.97 8.92 -7.63
CA TRP A 18 8.00 9.78 -7.07
C TRP A 18 8.47 9.30 -5.70
N TYR A 19 7.95 8.18 -5.24
CA TYR A 19 8.33 7.67 -3.92
C TYR A 19 9.57 6.80 -4.04
N ASN A 20 10.68 7.42 -4.37
CA ASN A 20 11.96 6.72 -4.45
C ASN A 20 12.70 6.84 -3.12
N THR A 21 12.19 7.72 -2.28
CA THR A 21 12.77 7.94 -0.97
C THR A 21 11.79 7.52 0.12
N ALA A 22 12.26 6.65 1.01
CA ALA A 22 11.41 6.08 2.05
C ALA A 22 10.91 7.14 3.02
N LEU A 23 11.63 8.25 3.10
CA LEU A 23 11.29 9.33 4.01
C LEU A 23 10.43 10.40 3.34
N GLU A 24 9.91 10.11 2.15
CA GLU A 24 9.03 11.05 1.46
C GLU A 24 7.81 11.33 2.32
N MET A 25 7.53 12.61 2.54
CA MET A 25 6.44 13.01 3.42
C MET A 25 5.16 13.19 2.62
N THR A 26 4.68 12.11 2.03
CA THR A 26 3.47 12.12 1.24
C THR A 26 2.25 11.99 2.14
N ASP A 27 1.88 13.09 2.78
CA ASP A 27 0.73 13.09 3.70
C ASP A 27 -0.54 13.40 2.94
N CYS A 28 -1.02 12.43 2.18
CA CYS A 28 -2.22 12.60 1.37
C CYS A 28 -3.47 12.26 2.18
N ASP A 29 -3.56 12.87 3.36
CA ASP A 29 -4.69 12.62 4.26
C ASP A 29 -5.63 13.81 4.30
N GLU A 30 -6.89 13.58 3.96
CA GLU A 30 -7.91 14.59 4.06
C GLU A 30 -9.08 14.06 4.89
N GLY A 31 -8.74 13.37 5.97
CA GLY A 31 -9.75 12.75 6.80
C GLY A 31 -10.01 11.31 6.39
N GLY A 32 -8.94 10.58 6.14
CA GLY A 32 -9.06 9.20 5.71
C GLY A 32 -9.42 9.08 4.24
N GLU A 33 -9.64 7.85 3.80
CA GLU A 33 -10.01 7.59 2.41
C GLU A 33 -11.20 6.63 2.39
N TYR A 34 -12.34 7.13 2.81
CA TYR A 34 -13.56 6.34 2.90
C TYR A 34 -14.29 6.32 1.55
N ASP A 35 -14.23 5.19 0.87
CA ASP A 35 -14.87 5.03 -0.43
C ASP A 35 -15.39 3.61 -0.58
N GLY A 36 -16.61 3.48 -1.09
CA GLY A 36 -17.24 2.17 -1.22
C GLY A 36 -17.13 1.61 -2.62
N MET A 37 -15.91 1.27 -3.00
CA MET A 37 -15.64 0.71 -4.33
C MET A 37 -16.25 -0.68 -4.47
N GLN A 38 -16.22 -1.20 -5.68
CA GLN A 38 -16.74 -2.53 -5.97
C GLN A 38 -15.75 -3.59 -5.53
N ASP A 39 -16.28 -4.75 -5.13
CA ASP A 39 -15.47 -5.88 -4.65
C ASP A 39 -14.89 -5.59 -3.27
N GLU A 40 -14.76 -6.65 -2.47
CA GLU A 40 -14.17 -6.55 -1.15
C GLU A 40 -12.69 -6.17 -1.29
N PRO A 41 -12.15 -5.36 -0.37
CA PRO A 41 -10.77 -4.91 -0.51
C PRO A 41 -9.80 -6.06 -0.29
N ARG A 42 -9.09 -6.43 -1.34
CA ARG A 42 -8.13 -7.51 -1.27
C ARG A 42 -6.77 -7.01 -0.80
N TYR A 43 -6.54 -5.71 -0.95
CA TYR A 43 -5.26 -5.12 -0.57
C TYR A 43 -5.01 -5.25 0.92
N MET A 44 -6.08 -5.37 1.70
CA MET A 44 -5.95 -5.57 3.14
C MET A 44 -5.43 -6.97 3.42
N MET A 45 -5.89 -7.93 2.64
CA MET A 45 -5.43 -9.31 2.76
C MET A 45 -3.98 -9.40 2.32
N LEU A 46 -3.67 -8.76 1.19
CA LEU A 46 -2.32 -8.73 0.67
C LEU A 46 -1.38 -7.99 1.63
N ALA A 47 -1.90 -6.98 2.31
CA ALA A 47 -1.10 -6.21 3.27
C ALA A 47 -0.94 -7.00 4.55
N ARG A 48 -1.96 -7.79 4.90
CA ARG A 48 -1.88 -8.70 6.03
C ARG A 48 -0.79 -9.75 5.77
N GLU A 49 -0.77 -10.25 4.54
CA GLU A 49 0.23 -11.22 4.13
C GLU A 49 1.61 -10.55 4.19
N ALA A 50 1.68 -9.35 3.62
CA ALA A 50 2.90 -8.56 3.66
C ALA A 50 3.36 -8.33 5.09
N GLU A 51 2.40 -8.06 5.98
CA GLU A 51 2.70 -7.88 7.40
C GLU A 51 3.29 -9.15 7.99
N MET A 52 2.69 -10.29 7.64
CA MET A 52 3.16 -11.58 8.13
C MET A 52 4.53 -11.92 7.55
N LEU A 53 4.82 -11.40 6.37
CA LEU A 53 6.13 -11.63 5.74
C LEU A 53 7.15 -10.61 6.25
N PHE A 54 6.69 -9.45 6.67
CA PHE A 54 7.57 -8.39 7.11
C PHE A 54 8.02 -8.60 8.55
N THR A 55 7.05 -8.66 9.47
CA THR A 55 7.37 -8.82 10.88
C THR A 55 7.45 -10.28 11.28
N GLY A 56 6.94 -11.15 10.40
CA GLY A 56 6.99 -12.58 10.64
C GLY A 56 5.88 -13.05 11.56
N GLY A 57 5.70 -14.36 11.66
CA GLY A 57 4.68 -14.91 12.52
C GLY A 57 3.60 -15.63 11.74
N TYR A 58 2.69 -16.27 12.46
CA TYR A 58 1.57 -17.00 11.85
C TYR A 58 2.07 -18.08 10.87
N GLY A 59 3.27 -18.59 11.10
CA GLY A 59 3.81 -19.61 10.23
C GLY A 59 4.65 -19.03 9.10
N LEU A 60 4.69 -17.72 9.01
CA LEU A 60 5.46 -17.05 7.97
C LEU A 60 6.83 -16.65 8.49
N GLU A 61 7.86 -16.91 7.70
CA GLU A 61 9.20 -16.46 8.01
C GLU A 61 9.44 -15.11 7.33
N LYS A 62 9.98 -14.17 8.09
CA LYS A 62 10.12 -12.80 7.60
C LYS A 62 11.16 -12.71 6.49
N ASP A 63 10.80 -12.00 5.44
CA ASP A 63 11.70 -11.76 4.31
C ASP A 63 11.40 -10.39 3.70
N PRO A 64 12.29 -9.41 3.93
CA PRO A 64 12.08 -8.01 3.48
C PRO A 64 11.77 -7.90 1.99
N GLN A 65 12.30 -8.81 1.18
CA GLN A 65 12.09 -8.75 -0.25
C GLN A 65 10.66 -9.13 -0.60
N ARG A 66 10.20 -10.25 -0.06
CA ARG A 66 8.85 -10.72 -0.31
C ARG A 66 7.85 -9.78 0.36
N SER A 67 8.27 -9.20 1.48
CA SER A 67 7.50 -8.19 2.15
C SER A 67 7.17 -7.05 1.18
N GLY A 68 8.20 -6.52 0.51
CA GLY A 68 7.97 -5.45 -0.42
C GLY A 68 7.19 -5.89 -1.64
N ASP A 69 7.39 -7.15 -2.04
CA ASP A 69 6.63 -7.71 -3.16
C ASP A 69 5.14 -7.67 -2.84
N LEU A 70 4.79 -8.19 -1.67
CA LEU A 70 3.39 -8.24 -1.26
C LEU A 70 2.87 -6.84 -0.96
N TYR A 71 3.71 -5.96 -0.42
CA TYR A 71 3.29 -4.58 -0.15
C TYR A 71 3.06 -3.81 -1.44
N THR A 72 3.90 -4.03 -2.44
CA THR A 72 3.73 -3.35 -3.72
C THR A 72 2.53 -3.92 -4.46
N GLN A 73 2.33 -5.23 -4.34
CA GLN A 73 1.15 -5.86 -4.91
C GLN A 73 -0.10 -5.40 -4.17
N ALA A 74 0.02 -5.23 -2.86
CA ALA A 74 -1.06 -4.69 -2.06
C ALA A 74 -1.37 -3.27 -2.48
N ALA A 75 -0.34 -2.48 -2.78
CA ALA A 75 -0.54 -1.12 -3.24
C ALA A 75 -1.19 -1.13 -4.61
N GLU A 76 -0.81 -2.11 -5.42
CA GLU A 76 -1.41 -2.29 -6.73
C GLU A 76 -2.91 -2.59 -6.57
N ALA A 77 -3.23 -3.49 -5.64
CA ALA A 77 -4.61 -3.84 -5.36
C ALA A 77 -5.34 -2.66 -4.72
N ALA A 78 -4.59 -1.83 -4.01
CA ALA A 78 -5.14 -0.64 -3.38
C ALA A 78 -5.51 0.39 -4.44
N MET A 79 -4.58 0.66 -5.35
CA MET A 79 -4.82 1.63 -6.41
C MET A 79 -5.84 1.08 -7.40
N GLU A 80 -5.93 -0.25 -7.48
CA GLU A 80 -6.98 -0.90 -8.26
C GLU A 80 -8.34 -0.62 -7.64
N ALA A 81 -8.39 -0.71 -6.32
CA ALA A 81 -9.63 -0.51 -5.58
C ALA A 81 -9.90 0.97 -5.36
N MET A 82 -9.22 1.81 -6.14
CA MET A 82 -9.36 3.27 -6.06
C MET A 82 -9.06 3.76 -4.65
N LYS A 83 -7.98 3.24 -4.10
CA LYS A 83 -7.52 3.64 -2.78
C LYS A 83 -6.10 4.17 -2.86
N GLY A 84 -5.97 5.39 -3.33
CA GLY A 84 -4.67 5.99 -3.56
C GLY A 84 -3.85 6.16 -2.30
N ARG A 85 -4.49 6.57 -1.21
CA ARG A 85 -3.78 6.79 0.03
C ARG A 85 -3.23 5.48 0.58
N LEU A 86 -4.06 4.44 0.54
CA LEU A 86 -3.65 3.11 0.98
C LEU A 86 -2.48 2.63 0.12
N ALA A 87 -2.61 2.81 -1.19
CA ALA A 87 -1.56 2.48 -2.14
C ALA A 87 -0.28 3.21 -1.79
N ASN A 88 -0.39 4.51 -1.53
CA ASN A 88 0.75 5.33 -1.16
C ASN A 88 1.43 4.78 0.10
N GLN A 89 0.63 4.53 1.14
CA GLN A 89 1.17 4.00 2.40
C GLN A 89 1.88 2.65 2.19
N TYR A 90 1.17 1.70 1.60
CA TYR A 90 1.74 0.37 1.38
C TYR A 90 2.96 0.43 0.46
N TYR A 91 2.97 1.37 -0.48
CA TYR A 91 4.15 1.56 -1.32
C TYR A 91 5.27 2.18 -0.50
N GLN A 92 4.88 3.07 0.42
CA GLN A 92 5.80 3.66 1.38
C GLN A 92 6.43 2.58 2.24
N LYS A 93 5.65 1.57 2.55
CA LYS A 93 6.08 0.53 3.45
C LYS A 93 6.94 -0.47 2.68
N ALA A 94 6.64 -0.62 1.40
CA ALA A 94 7.45 -1.43 0.51
C ALA A 94 8.83 -0.80 0.35
N GLU A 95 8.84 0.47 0.01
CA GLU A 95 10.08 1.22 -0.12
C GLU A 95 10.86 1.18 1.18
N GLU A 96 10.16 1.43 2.30
CA GLU A 96 10.78 1.40 3.61
C GLU A 96 11.33 0.01 3.91
N ALA A 97 10.58 -1.02 3.55
CA ALA A 97 11.00 -2.40 3.76
C ALA A 97 12.34 -2.66 3.08
N TRP A 98 12.41 -2.36 1.79
CA TRP A 98 13.65 -2.58 1.03
C TRP A 98 14.75 -1.61 1.46
N ALA A 99 14.36 -0.38 1.79
CA ALA A 99 15.32 0.65 2.17
C ALA A 99 15.98 0.33 3.51
N GLN A 100 15.21 -0.23 4.43
CA GLN A 100 15.74 -0.51 5.75
C GLN A 100 16.44 -1.86 5.80
N MET A 101 15.70 -2.93 5.51
CA MET A 101 16.20 -4.32 5.63
C MET A 101 17.16 -4.48 6.81
N GLU A 102 16.78 -3.91 7.94
CA GLU A 102 17.65 -3.86 9.11
C GLU A 102 16.83 -3.52 10.35
N GLU A 103 16.11 -4.50 10.85
CA GLU A 103 15.28 -4.32 12.03
C GLU A 103 15.93 -4.99 13.24
N GLY A 1 -21.64 11.72 9.98
CA GLY A 1 -20.35 12.45 9.84
C GLY A 1 -19.92 12.56 8.40
N SER A 2 -18.95 13.41 8.15
CA SER A 2 -18.44 13.62 6.80
C SER A 2 -17.56 12.45 6.38
N HIS A 3 -17.90 11.83 5.26
CA HIS A 3 -17.12 10.73 4.73
C HIS A 3 -16.36 11.18 3.48
N MET A 4 -15.06 11.39 3.63
CA MET A 4 -14.23 11.81 2.51
C MET A 4 -13.82 10.61 1.68
N SER A 5 -14.78 10.06 0.95
CA SER A 5 -14.51 8.94 0.07
C SER A 5 -13.54 9.36 -1.01
N PRO A 6 -12.51 8.54 -1.28
CA PRO A 6 -11.42 8.88 -2.21
C PRO A 6 -11.86 8.84 -3.68
N ASP A 7 -12.68 9.80 -4.06
CA ASP A 7 -13.09 9.95 -5.46
C ASP A 7 -11.93 10.48 -6.28
N ARG A 8 -11.15 11.36 -5.67
CA ARG A 8 -9.96 11.90 -6.30
C ARG A 8 -8.72 11.26 -5.68
N CYS A 9 -8.30 10.14 -6.25
CA CYS A 9 -7.15 9.42 -5.75
C CYS A 9 -6.13 9.20 -6.86
N GLN A 10 -5.67 10.29 -7.48
CA GLN A 10 -4.72 10.22 -8.58
C GLN A 10 -3.58 11.21 -8.40
N ASP A 11 -3.48 11.81 -7.22
CA ASP A 11 -2.45 12.82 -6.95
C ASP A 11 -1.24 12.19 -6.28
N TRP A 12 -1.46 11.03 -5.67
CA TRP A 12 -0.40 10.29 -4.98
C TRP A 12 0.67 9.80 -5.95
N LEU A 13 0.32 9.79 -7.23
CA LEU A 13 1.24 9.40 -8.28
C LEU A 13 2.48 10.29 -8.28
N GLU A 14 2.34 11.51 -7.78
CA GLU A 14 3.46 12.43 -7.67
C GLU A 14 4.48 11.91 -6.66
N ALA A 15 3.99 11.22 -5.64
CA ALA A 15 4.85 10.61 -4.63
C ALA A 15 5.65 9.47 -5.24
N LEU A 16 4.99 8.69 -6.09
CA LEU A 16 5.64 7.60 -6.81
C LEU A 16 6.47 8.14 -7.98
N HIS A 17 6.29 9.41 -8.28
CA HIS A 17 6.95 10.04 -9.40
C HIS A 17 8.45 10.19 -9.14
N TRP A 18 8.83 10.50 -7.91
CA TRP A 18 10.23 10.66 -7.58
C TRP A 18 10.80 9.40 -6.91
N TYR A 19 9.95 8.65 -6.21
CA TYR A 19 10.36 7.41 -5.54
C TYR A 19 11.50 7.63 -4.53
N ASN A 20 12.05 6.53 -4.03
CA ASN A 20 13.12 6.57 -3.02
C ASN A 20 12.63 7.29 -1.77
N THR A 21 11.81 6.58 -1.01
CA THR A 21 11.18 7.16 0.16
C THR A 21 10.99 6.09 1.24
N ALA A 22 12.10 5.49 1.67
CA ALA A 22 12.06 4.45 2.68
C ALA A 22 11.93 5.05 4.08
N LEU A 23 12.81 5.99 4.40
CA LEU A 23 12.77 6.64 5.70
C LEU A 23 12.02 7.96 5.62
N GLU A 24 12.04 8.57 4.44
CA GLU A 24 11.25 9.76 4.19
C GLU A 24 9.80 9.36 3.97
N MET A 25 8.87 10.22 4.34
CA MET A 25 7.46 9.91 4.24
C MET A 25 6.80 10.70 3.12
N THR A 26 6.05 10.01 2.27
CA THR A 26 5.31 10.66 1.20
C THR A 26 3.89 10.97 1.65
N ASP A 27 3.74 12.02 2.45
CA ASP A 27 2.42 12.41 2.96
C ASP A 27 1.61 13.13 1.89
N CYS A 28 1.16 12.38 0.90
CA CYS A 28 0.29 12.93 -0.13
C CYS A 28 -1.17 12.83 0.31
N ASP A 29 -1.37 12.88 1.62
CA ASP A 29 -2.70 12.80 2.22
C ASP A 29 -3.43 14.13 2.09
N GLU A 30 -4.17 14.27 1.01
CA GLU A 30 -4.89 15.50 0.74
C GLU A 30 -6.31 15.19 0.28
N GLY A 31 -6.97 14.31 1.01
CA GLY A 31 -8.32 13.91 0.65
C GLY A 31 -9.11 13.46 1.85
N GLY A 32 -8.72 12.32 2.40
CA GLY A 32 -9.42 11.76 3.54
C GLY A 32 -9.49 10.26 3.44
N GLU A 33 -9.83 9.79 2.24
CA GLU A 33 -9.80 8.38 1.90
C GLU A 33 -10.64 7.55 2.87
N TYR A 34 -11.84 8.01 3.15
CA TYR A 34 -12.76 7.30 4.00
C TYR A 34 -13.72 6.50 3.14
N ASP A 35 -13.40 5.23 2.95
CA ASP A 35 -14.26 4.34 2.19
C ASP A 35 -14.47 3.04 2.95
N GLY A 36 -13.41 2.27 3.10
CA GLY A 36 -13.46 1.04 3.84
C GLY A 36 -14.44 0.05 3.24
N MET A 37 -14.24 -0.28 1.97
CA MET A 37 -15.03 -1.28 1.29
C MET A 37 -14.91 -2.64 1.97
N GLN A 38 -15.78 -2.89 2.93
CA GLN A 38 -15.74 -4.12 3.69
C GLN A 38 -16.56 -5.20 3.01
N ASP A 39 -16.27 -5.37 1.73
CA ASP A 39 -16.88 -6.44 0.94
C ASP A 39 -15.86 -7.55 0.75
N GLU A 40 -15.09 -7.49 -0.32
CA GLU A 40 -13.89 -8.31 -0.43
C GLU A 40 -12.69 -7.45 -0.81
N PRO A 41 -12.02 -6.83 0.17
CA PRO A 41 -10.78 -6.12 -0.09
C PRO A 41 -9.60 -7.09 -0.12
N ARG A 42 -8.94 -7.21 -1.27
CA ARG A 42 -7.80 -8.09 -1.39
C ARG A 42 -6.53 -7.42 -0.87
N TYR A 43 -6.49 -6.09 -0.93
CA TYR A 43 -5.30 -5.35 -0.54
C TYR A 43 -5.01 -5.51 0.94
N MET A 44 -6.05 -5.70 1.73
CA MET A 44 -5.89 -5.89 3.17
C MET A 44 -5.27 -7.24 3.45
N MET A 45 -5.66 -8.23 2.66
CA MET A 45 -5.14 -9.58 2.79
C MET A 45 -3.67 -9.61 2.36
N LEU A 46 -3.40 -8.99 1.22
CA LEU A 46 -2.06 -8.95 0.66
C LEU A 46 -1.12 -8.15 1.57
N ALA A 47 -1.64 -7.10 2.20
CA ALA A 47 -0.84 -6.28 3.10
C ALA A 47 -0.65 -6.98 4.43
N ARG A 48 -1.65 -7.77 4.84
CA ARG A 48 -1.56 -8.57 6.04
C ARG A 48 -0.47 -9.62 5.87
N GLU A 49 -0.44 -10.24 4.70
CA GLU A 49 0.57 -11.23 4.39
C GLU A 49 1.94 -10.55 4.36
N ALA A 50 2.01 -9.40 3.70
CA ALA A 50 3.22 -8.59 3.66
C ALA A 50 3.74 -8.30 5.07
N GLU A 51 2.84 -7.95 5.97
CA GLU A 51 3.21 -7.66 7.35
C GLU A 51 3.72 -8.93 8.05
N MET A 52 3.10 -10.06 7.72
CA MET A 52 3.52 -11.33 8.29
C MET A 52 4.84 -11.81 7.69
N LEU A 53 5.14 -11.31 6.49
CA LEU A 53 6.41 -11.64 5.82
C LEU A 53 7.49 -10.68 6.28
N PHE A 54 7.08 -9.60 6.93
CA PHE A 54 8.01 -8.57 7.36
C PHE A 54 8.80 -9.00 8.59
N THR A 55 8.11 -9.32 9.68
CA THR A 55 8.79 -9.68 10.93
C THR A 55 8.55 -11.13 11.31
N GLY A 56 7.96 -11.89 10.42
CA GLY A 56 7.65 -13.28 10.72
C GLY A 56 6.38 -13.40 11.53
N GLY A 57 5.25 -13.47 10.86
CA GLY A 57 3.97 -13.52 11.54
C GLY A 57 3.61 -14.92 12.01
N TYR A 58 4.54 -15.55 12.72
CA TYR A 58 4.32 -16.88 13.30
C TYR A 58 3.85 -17.89 12.25
N GLY A 59 4.74 -18.22 11.33
CA GLY A 59 4.40 -19.17 10.29
C GLY A 59 4.95 -18.75 8.94
N LEU A 60 5.16 -17.46 8.77
CA LEU A 60 5.68 -16.93 7.52
C LEU A 60 7.16 -16.58 7.67
N GLU A 61 7.96 -17.02 6.73
CA GLU A 61 9.40 -16.76 6.73
C GLU A 61 9.66 -15.28 6.53
N LYS A 62 10.22 -14.62 7.54
CA LYS A 62 10.52 -13.20 7.45
C LYS A 62 11.44 -12.92 6.27
N ASP A 63 10.97 -12.09 5.36
CA ASP A 63 11.72 -11.74 4.17
C ASP A 63 11.29 -10.36 3.68
N PRO A 64 12.05 -9.31 4.04
CA PRO A 64 11.76 -7.92 3.65
C PRO A 64 11.54 -7.75 2.15
N GLN A 65 12.17 -8.61 1.34
CA GLN A 65 12.03 -8.55 -0.10
C GLN A 65 10.60 -8.93 -0.51
N ARG A 66 10.13 -10.07 0.00
CA ARG A 66 8.79 -10.54 -0.30
C ARG A 66 7.77 -9.63 0.38
N SER A 67 8.14 -9.11 1.54
CA SER A 67 7.31 -8.15 2.24
C SER A 67 6.97 -6.98 1.33
N GLY A 68 7.99 -6.40 0.69
CA GLY A 68 7.76 -5.29 -0.21
C GLY A 68 7.08 -5.73 -1.49
N ASP A 69 7.34 -6.98 -1.87
CA ASP A 69 6.73 -7.55 -3.07
C ASP A 69 5.23 -7.67 -2.88
N LEU A 70 4.82 -8.04 -1.68
CA LEU A 70 3.41 -8.16 -1.34
C LEU A 70 2.79 -6.78 -1.11
N TYR A 71 3.56 -5.86 -0.52
CA TYR A 71 3.08 -4.50 -0.29
C TYR A 71 2.85 -3.77 -1.61
N THR A 72 3.71 -4.03 -2.59
CA THR A 72 3.56 -3.41 -3.90
C THR A 72 2.37 -4.01 -4.63
N GLN A 73 2.18 -5.32 -4.47
CA GLN A 73 1.02 -5.99 -5.04
C GLN A 73 -0.26 -5.49 -4.37
N ALA A 74 -0.20 -5.36 -3.05
CA ALA A 74 -1.32 -4.83 -2.28
C ALA A 74 -1.64 -3.41 -2.71
N ALA A 75 -0.61 -2.62 -2.99
CA ALA A 75 -0.80 -1.26 -3.43
C ALA A 75 -1.45 -1.20 -4.79
N GLU A 76 -1.10 -2.16 -5.65
CA GLU A 76 -1.72 -2.27 -6.95
C GLU A 76 -3.21 -2.56 -6.81
N ALA A 77 -3.54 -3.42 -5.86
CA ALA A 77 -4.94 -3.75 -5.59
C ALA A 77 -5.64 -2.59 -4.91
N ALA A 78 -4.87 -1.79 -4.18
CA ALA A 78 -5.41 -0.62 -3.51
C ALA A 78 -5.73 0.47 -4.52
N MET A 79 -4.80 0.75 -5.42
CA MET A 79 -5.01 1.77 -6.44
C MET A 79 -6.10 1.32 -7.41
N GLU A 80 -6.26 0.01 -7.58
CA GLU A 80 -7.35 -0.53 -8.40
C GLU A 80 -8.69 -0.18 -7.76
N ALA A 81 -8.74 -0.28 -6.44
CA ALA A 81 -9.97 -0.06 -5.69
C ALA A 81 -10.10 1.40 -5.26
N MET A 82 -9.42 2.30 -5.98
CA MET A 82 -9.51 3.73 -5.73
C MET A 82 -9.07 4.08 -4.30
N LYS A 83 -8.03 3.40 -3.83
CA LYS A 83 -7.49 3.64 -2.51
C LYS A 83 -6.09 4.25 -2.63
N GLY A 84 -6.04 5.47 -3.17
CA GLY A 84 -4.77 6.12 -3.48
C GLY A 84 -3.81 6.23 -2.30
N ARG A 85 -4.25 6.87 -1.21
CA ARG A 85 -3.40 7.05 -0.04
C ARG A 85 -2.93 5.70 0.52
N LEU A 86 -3.81 4.70 0.44
CA LEU A 86 -3.47 3.36 0.91
C LEU A 86 -2.39 2.77 0.04
N ALA A 87 -2.57 2.89 -1.27
CA ALA A 87 -1.58 2.43 -2.24
C ALA A 87 -0.24 3.10 -1.98
N ASN A 88 -0.26 4.42 -1.81
CA ASN A 88 0.95 5.17 -1.51
C ASN A 88 1.60 4.68 -0.22
N GLN A 89 0.77 4.49 0.81
CA GLN A 89 1.26 3.99 2.09
C GLN A 89 1.94 2.63 1.93
N TYR A 90 1.26 1.71 1.25
CA TYR A 90 1.82 0.38 1.02
C TYR A 90 3.09 0.45 0.16
N TYR A 91 3.18 1.41 -0.76
CA TYR A 91 4.43 1.64 -1.49
C TYR A 91 5.48 2.22 -0.55
N GLN A 92 5.05 3.13 0.31
CA GLN A 92 5.89 3.74 1.33
C GLN A 92 6.44 2.67 2.28
N LYS A 93 5.64 1.64 2.50
CA LYS A 93 6.00 0.59 3.43
C LYS A 93 6.85 -0.44 2.71
N ALA A 94 6.65 -0.55 1.40
CA ALA A 94 7.49 -1.39 0.56
C ALA A 94 8.92 -0.84 0.56
N GLU A 95 9.04 0.46 0.39
CA GLU A 95 10.34 1.13 0.46
C GLU A 95 10.99 0.88 1.81
N GLU A 96 10.22 1.10 2.86
CA GLU A 96 10.69 0.87 4.23
C GLU A 96 11.11 -0.59 4.40
N ALA A 97 10.29 -1.51 3.90
CA ALA A 97 10.57 -2.93 4.00
C ALA A 97 11.92 -3.28 3.37
N TRP A 98 12.18 -2.73 2.19
CA TRP A 98 13.46 -2.99 1.51
C TRP A 98 14.62 -2.27 2.21
N ALA A 99 14.31 -1.23 2.96
CA ALA A 99 15.31 -0.56 3.77
C ALA A 99 15.57 -1.36 5.06
N GLN A 100 14.54 -2.06 5.50
CA GLN A 100 14.58 -2.83 6.73
C GLN A 100 15.28 -4.18 6.55
N MET A 101 15.98 -4.36 5.44
CA MET A 101 16.73 -5.61 5.20
C MET A 101 17.80 -5.83 6.25
N GLU A 102 17.99 -4.85 7.12
CA GLU A 102 18.89 -4.97 8.26
C GLU A 102 18.28 -5.88 9.35
N GLU A 103 17.00 -6.16 9.22
CA GLU A 103 16.29 -7.02 10.17
C GLU A 103 16.70 -8.48 9.96
N GLY A 1 -19.55 8.69 5.62
CA GLY A 1 -19.41 10.03 4.99
C GLY A 1 -18.15 10.14 4.17
N SER A 2 -17.85 11.34 3.70
CA SER A 2 -16.66 11.56 2.91
C SER A 2 -16.09 12.94 3.20
N HIS A 3 -14.78 13.06 3.08
CA HIS A 3 -14.09 14.33 3.28
C HIS A 3 -12.92 14.43 2.31
N MET A 4 -12.18 13.33 2.22
CA MET A 4 -11.13 13.21 1.21
C MET A 4 -11.54 12.14 0.20
N SER A 5 -11.20 12.34 -1.05
CA SER A 5 -11.52 11.38 -2.09
C SER A 5 -10.50 11.48 -3.23
N PRO A 6 -10.20 10.36 -3.89
CA PRO A 6 -9.38 10.37 -5.10
C PRO A 6 -10.16 10.93 -6.29
N ASP A 7 -10.38 12.24 -6.24
CA ASP A 7 -11.20 12.94 -7.24
C ASP A 7 -10.53 12.92 -8.61
N ARG A 8 -9.22 12.76 -8.63
CA ARG A 8 -8.48 12.75 -9.87
C ARG A 8 -7.32 11.76 -9.81
N CYS A 9 -7.61 10.51 -10.15
CA CYS A 9 -6.59 9.49 -10.21
C CYS A 9 -5.81 9.57 -11.51
N GLN A 10 -4.84 10.48 -11.55
CA GLN A 10 -4.00 10.62 -12.73
C GLN A 10 -2.53 10.76 -12.34
N ASP A 11 -2.17 11.94 -11.88
CA ASP A 11 -0.76 12.26 -11.60
C ASP A 11 -0.23 11.44 -10.43
N TRP A 12 -1.08 11.13 -9.47
CA TRP A 12 -0.61 10.46 -8.25
C TRP A 12 -0.20 9.01 -8.54
N LEU A 13 -0.69 8.46 -9.64
CA LEU A 13 -0.27 7.12 -10.06
C LEU A 13 1.17 7.15 -10.53
N GLU A 14 1.48 8.18 -11.31
CA GLU A 14 2.83 8.40 -11.79
C GLU A 14 3.73 8.80 -10.63
N ALA A 15 3.20 9.66 -9.77
CA ALA A 15 3.91 10.10 -8.58
C ALA A 15 4.20 8.93 -7.65
N LEU A 16 3.28 7.97 -7.61
CA LEU A 16 3.45 6.78 -6.79
C LEU A 16 4.65 5.96 -7.25
N HIS A 17 4.99 6.05 -8.53
CA HIS A 17 6.15 5.35 -9.07
C HIS A 17 7.43 6.06 -8.62
N TRP A 18 7.31 7.35 -8.37
CA TRP A 18 8.44 8.16 -7.91
C TRP A 18 8.40 8.28 -6.38
N TYR A 19 7.42 7.61 -5.78
CA TYR A 19 7.17 7.70 -4.36
C TYR A 19 8.13 6.80 -3.59
N ASN A 20 9.41 7.10 -3.75
CA ASN A 20 10.48 6.32 -3.12
C ASN A 20 10.66 6.75 -1.67
N THR A 21 9.55 6.81 -0.95
CA THR A 21 9.55 7.21 0.43
C THR A 21 9.77 6.01 1.34
N ALA A 22 10.99 5.86 1.81
CA ALA A 22 11.33 4.73 2.65
C ALA A 22 11.11 5.05 4.11
N LEU A 23 11.80 6.06 4.62
CA LEU A 23 11.68 6.43 6.03
C LEU A 23 11.20 7.87 6.16
N GLU A 24 10.28 8.25 5.28
CA GLU A 24 9.72 9.59 5.29
C GLU A 24 8.55 9.66 6.26
N MET A 25 8.46 10.77 6.98
CA MET A 25 7.38 11.00 7.92
C MET A 25 6.05 11.14 7.17
N THR A 26 5.17 10.19 7.37
CA THR A 26 3.86 10.21 6.74
C THR A 26 3.02 11.37 7.26
N ASP A 27 3.04 12.47 6.54
CA ASP A 27 2.31 13.66 6.94
C ASP A 27 1.10 13.86 6.02
N CYS A 28 0.29 12.84 5.91
CA CYS A 28 -0.93 12.90 5.14
C CYS A 28 -2.06 12.28 5.95
N ASP A 29 -2.61 13.08 6.87
CA ASP A 29 -3.66 12.62 7.77
C ASP A 29 -4.84 12.02 7.01
N GLU A 30 -5.28 10.86 7.46
CA GLU A 30 -6.39 10.16 6.83
C GLU A 30 -7.72 10.76 7.29
N GLY A 31 -7.99 11.98 6.83
CA GLY A 31 -9.21 12.67 7.20
C GLY A 31 -10.42 12.17 6.44
N GLY A 32 -10.70 10.89 6.58
CA GLY A 32 -11.87 10.30 5.94
C GLY A 32 -11.78 10.30 4.42
N GLU A 33 -10.92 9.45 3.89
CA GLU A 33 -10.80 9.29 2.45
C GLU A 33 -11.75 8.21 1.97
N TYR A 34 -12.94 8.62 1.58
CA TYR A 34 -13.95 7.69 1.09
C TYR A 34 -14.03 7.77 -0.43
N ASP A 35 -13.79 6.64 -1.08
CA ASP A 35 -13.85 6.56 -2.53
C ASP A 35 -15.18 5.96 -3.00
N GLY A 36 -15.59 4.87 -2.37
CA GLY A 36 -16.81 4.20 -2.77
C GLY A 36 -16.71 2.69 -2.69
N MET A 37 -15.52 2.17 -2.96
CA MET A 37 -15.25 0.73 -2.93
C MET A 37 -15.44 0.16 -1.52
N GLN A 38 -16.52 -0.58 -1.34
CA GLN A 38 -16.80 -1.23 -0.07
C GLN A 38 -16.97 -2.73 -0.29
N ASP A 39 -16.46 -3.22 -1.41
CA ASP A 39 -16.57 -4.63 -1.75
C ASP A 39 -15.37 -5.39 -1.17
N GLU A 40 -15.25 -6.67 -1.48
CA GLU A 40 -14.18 -7.52 -0.93
C GLU A 40 -12.80 -6.97 -1.24
N PRO A 41 -12.10 -6.41 -0.24
CA PRO A 41 -10.76 -5.85 -0.43
C PRO A 41 -9.68 -6.93 -0.44
N ARG A 42 -8.93 -7.02 -1.54
CA ARG A 42 -7.80 -7.93 -1.61
C ARG A 42 -6.58 -7.31 -0.93
N TYR A 43 -6.43 -6.01 -1.12
CA TYR A 43 -5.24 -5.28 -0.68
C TYR A 43 -5.01 -5.39 0.82
N MET A 44 -6.09 -5.58 1.57
CA MET A 44 -5.98 -5.69 3.02
C MET A 44 -5.36 -7.02 3.42
N MET A 45 -5.79 -8.09 2.75
CA MET A 45 -5.26 -9.41 3.03
C MET A 45 -3.82 -9.49 2.54
N LEU A 46 -3.59 -8.96 1.35
CA LEU A 46 -2.26 -8.91 0.76
C LEU A 46 -1.31 -8.11 1.65
N ALA A 47 -1.77 -6.99 2.18
CA ALA A 47 -0.93 -6.14 3.00
C ALA A 47 -0.72 -6.75 4.37
N ARG A 48 -1.76 -7.42 4.88
CA ARG A 48 -1.68 -8.08 6.17
C ARG A 48 -0.66 -9.21 6.11
N GLU A 49 -0.68 -9.97 5.01
CA GLU A 49 0.27 -11.04 4.83
C GLU A 49 1.65 -10.45 4.61
N ALA A 50 1.73 -9.38 3.82
CA ALA A 50 2.98 -8.66 3.63
C ALA A 50 3.54 -8.18 4.97
N GLU A 51 2.65 -7.77 5.87
CA GLU A 51 3.04 -7.36 7.20
C GLU A 51 3.55 -8.56 8.01
N MET A 52 2.91 -9.70 7.80
CA MET A 52 3.35 -10.94 8.44
C MET A 52 4.63 -11.44 7.79
N LEU A 53 4.93 -10.94 6.61
CA LEU A 53 6.18 -11.25 5.93
C LEU A 53 7.28 -10.30 6.39
N PHE A 54 6.88 -9.08 6.76
CA PHE A 54 7.84 -8.08 7.16
C PHE A 54 8.16 -8.17 8.65
N THR A 55 7.13 -8.12 9.49
CA THR A 55 7.33 -8.14 10.94
C THR A 55 7.17 -9.54 11.50
N GLY A 56 6.99 -10.51 10.63
CA GLY A 56 6.74 -11.87 11.08
C GLY A 56 5.26 -12.10 11.30
N GLY A 57 4.84 -13.36 11.36
CA GLY A 57 3.44 -13.65 11.54
C GLY A 57 3.20 -15.07 11.97
N TYR A 58 1.93 -15.44 12.06
CA TYR A 58 1.53 -16.77 12.51
C TYR A 58 1.86 -17.82 11.44
N GLY A 59 3.10 -18.28 11.44
CA GLY A 59 3.52 -19.26 10.45
C GLY A 59 4.22 -18.61 9.27
N LEU A 60 4.47 -17.32 9.37
CA LEU A 60 5.12 -16.58 8.30
C LEU A 60 6.51 -16.12 8.73
N GLU A 61 7.51 -16.53 7.98
CA GLU A 61 8.89 -16.11 8.24
C GLU A 61 9.13 -14.75 7.61
N LYS A 62 9.82 -13.88 8.32
CA LYS A 62 10.05 -12.53 7.84
C LYS A 62 11.06 -12.52 6.69
N ASP A 63 10.67 -11.90 5.59
CA ASP A 63 11.51 -11.76 4.41
C ASP A 63 11.25 -10.42 3.76
N PRO A 64 12.11 -9.41 4.02
CA PRO A 64 11.92 -8.03 3.52
C PRO A 64 11.68 -7.96 2.01
N GLN A 65 12.27 -8.89 1.27
CA GLN A 65 12.15 -8.89 -0.17
C GLN A 65 10.72 -9.20 -0.60
N ARG A 66 10.18 -10.31 -0.12
CA ARG A 66 8.84 -10.72 -0.47
C ARG A 66 7.84 -9.76 0.16
N SER A 67 8.22 -9.21 1.31
CA SER A 67 7.42 -8.19 1.98
C SER A 67 7.13 -7.04 1.04
N GLY A 68 8.17 -6.48 0.41
CA GLY A 68 7.98 -5.38 -0.49
C GLY A 68 7.25 -5.79 -1.74
N ASP A 69 7.50 -7.01 -2.21
CA ASP A 69 6.82 -7.51 -3.40
C ASP A 69 5.32 -7.59 -3.16
N LEU A 70 4.93 -8.16 -2.03
CA LEU A 70 3.51 -8.32 -1.73
C LEU A 70 2.90 -6.98 -1.32
N TYR A 71 3.68 -6.11 -0.68
CA TYR A 71 3.19 -4.77 -0.33
C TYR A 71 2.95 -3.95 -1.59
N THR A 72 3.79 -4.14 -2.60
CA THR A 72 3.61 -3.42 -3.86
C THR A 72 2.46 -4.02 -4.66
N GLN A 73 2.27 -5.33 -4.54
CA GLN A 73 1.11 -5.99 -5.13
C GLN A 73 -0.15 -5.49 -4.44
N ALA A 74 -0.06 -5.36 -3.11
CA ALA A 74 -1.15 -4.80 -2.33
C ALA A 74 -1.43 -3.37 -2.74
N ALA A 75 -0.38 -2.58 -3.00
CA ALA A 75 -0.55 -1.21 -3.45
C ALA A 75 -1.22 -1.17 -4.80
N GLU A 76 -0.87 -2.12 -5.66
CA GLU A 76 -1.50 -2.25 -6.96
C GLU A 76 -2.99 -2.49 -6.78
N ALA A 77 -3.33 -3.46 -5.93
CA ALA A 77 -4.72 -3.79 -5.67
C ALA A 77 -5.43 -2.63 -4.98
N ALA A 78 -4.67 -1.86 -4.20
CA ALA A 78 -5.21 -0.72 -3.49
C ALA A 78 -5.56 0.40 -4.46
N MET A 79 -4.60 0.80 -5.30
CA MET A 79 -4.83 1.88 -6.24
C MET A 79 -5.83 1.44 -7.32
N GLU A 80 -5.89 0.14 -7.56
CA GLU A 80 -6.88 -0.42 -8.47
C GLU A 80 -8.27 -0.35 -7.84
N ALA A 81 -8.32 -0.47 -6.52
CA ALA A 81 -9.56 -0.39 -5.77
C ALA A 81 -9.88 1.05 -5.36
N MET A 82 -9.23 2.00 -6.03
CA MET A 82 -9.48 3.43 -5.84
C MET A 82 -9.05 3.88 -4.44
N LYS A 83 -8.13 3.13 -3.85
CA LYS A 83 -7.67 3.40 -2.49
C LYS A 83 -6.31 4.10 -2.52
N GLY A 84 -6.32 5.39 -2.84
CA GLY A 84 -5.08 6.16 -2.94
C GLY A 84 -4.25 6.13 -1.66
N ARG A 85 -4.90 6.44 -0.54
CA ARG A 85 -4.24 6.46 0.77
C ARG A 85 -3.53 5.13 1.04
N LEU A 86 -4.26 4.04 0.85
CA LEU A 86 -3.74 2.71 1.11
C LEU A 86 -2.55 2.41 0.21
N ALA A 87 -2.70 2.72 -1.07
CA ALA A 87 -1.64 2.50 -2.05
C ALA A 87 -0.37 3.24 -1.66
N ASN A 88 -0.53 4.50 -1.25
CA ASN A 88 0.60 5.32 -0.83
C ASN A 88 1.27 4.69 0.40
N GLN A 89 0.48 4.36 1.40
CA GLN A 89 0.99 3.73 2.62
C GLN A 89 1.76 2.45 2.31
N TYR A 90 1.09 1.52 1.64
CA TYR A 90 1.69 0.23 1.33
C TYR A 90 2.93 0.37 0.45
N TYR A 91 2.95 1.37 -0.44
CA TYR A 91 4.13 1.60 -1.26
C TYR A 91 5.27 2.15 -0.40
N GLN A 92 4.91 3.07 0.51
CA GLN A 92 5.87 3.65 1.44
C GLN A 92 6.41 2.58 2.37
N LYS A 93 5.62 1.54 2.56
CA LYS A 93 5.99 0.46 3.46
C LYS A 93 6.85 -0.54 2.71
N ALA A 94 6.58 -0.68 1.41
CA ALA A 94 7.40 -1.51 0.54
C ALA A 94 8.80 -0.92 0.43
N GLU A 95 8.86 0.39 0.23
CA GLU A 95 10.14 1.09 0.16
C GLU A 95 10.87 0.96 1.49
N GLU A 96 10.13 1.13 2.59
CA GLU A 96 10.70 0.95 3.93
C GLU A 96 11.25 -0.46 4.07
N ALA A 97 10.49 -1.46 3.62
CA ALA A 97 10.89 -2.85 3.73
C ALA A 97 12.26 -3.09 3.10
N TRP A 98 12.42 -2.66 1.85
CA TRP A 98 13.68 -2.86 1.14
C TRP A 98 14.78 -1.94 1.66
N ALA A 99 14.42 -0.74 2.09
CA ALA A 99 15.41 0.22 2.55
C ALA A 99 15.96 -0.14 3.94
N GLN A 100 15.10 -0.63 4.82
CA GLN A 100 15.49 -0.86 6.21
C GLN A 100 16.49 -2.00 6.33
N MET A 101 16.08 -3.21 5.92
CA MET A 101 16.92 -4.42 5.95
C MET A 101 17.93 -4.40 7.10
N GLU A 102 17.46 -4.23 8.32
CA GLU A 102 18.34 -4.18 9.48
C GLU A 102 17.71 -4.83 10.70
N GLU A 103 16.49 -5.31 10.53
CA GLU A 103 15.75 -5.89 11.63
C GLU A 103 15.68 -7.39 11.47
N GLY A 1 -21.11 15.08 1.58
CA GLY A 1 -21.33 13.63 1.72
C GLY A 1 -20.35 12.99 2.69
N SER A 2 -19.34 12.32 2.14
CA SER A 2 -18.35 11.62 2.95
C SER A 2 -17.15 12.50 3.25
N HIS A 3 -17.42 13.72 3.74
CA HIS A 3 -16.39 14.70 4.09
C HIS A 3 -15.72 15.28 2.84
N MET A 4 -15.24 14.41 1.97
CA MET A 4 -14.63 14.82 0.72
C MET A 4 -14.53 13.62 -0.22
N SER A 5 -15.07 13.76 -1.42
CA SER A 5 -15.01 12.71 -2.42
C SER A 5 -13.62 12.68 -3.06
N PRO A 6 -13.13 11.49 -3.46
CA PRO A 6 -11.78 11.31 -4.01
C PRO A 6 -11.65 11.83 -5.43
N ASP A 7 -11.98 13.10 -5.61
CA ASP A 7 -11.96 13.71 -6.93
C ASP A 7 -10.55 14.19 -7.27
N ARG A 8 -9.75 14.45 -6.25
CA ARG A 8 -8.42 15.00 -6.44
C ARG A 8 -7.33 14.08 -5.90
N CYS A 9 -7.66 12.80 -5.72
CA CYS A 9 -6.68 11.83 -5.28
C CYS A 9 -5.75 11.44 -6.43
N GLN A 10 -4.91 12.38 -6.83
CA GLN A 10 -3.98 12.15 -7.93
C GLN A 10 -2.54 12.35 -7.46
N ASP A 11 -2.38 12.66 -6.18
CA ASP A 11 -1.06 12.95 -5.61
C ASP A 11 -0.23 11.69 -5.46
N TRP A 12 -0.90 10.56 -5.22
CA TRP A 12 -0.22 9.29 -5.02
C TRP A 12 0.50 8.85 -6.29
N LEU A 13 0.00 9.33 -7.42
CA LEU A 13 0.61 9.06 -8.71
C LEU A 13 2.03 9.61 -8.76
N GLU A 14 2.19 10.81 -8.22
CA GLU A 14 3.51 11.44 -8.16
C GLU A 14 4.44 10.61 -7.29
N ALA A 15 3.91 10.16 -6.15
CA ALA A 15 4.66 9.32 -5.22
C ALA A 15 5.14 8.06 -5.93
N LEU A 16 4.22 7.42 -6.65
CA LEU A 16 4.52 6.20 -7.38
C LEU A 16 5.56 6.43 -8.47
N HIS A 17 5.54 7.63 -9.06
CA HIS A 17 6.42 7.93 -10.19
C HIS A 17 7.82 8.30 -9.73
N TRP A 18 7.97 8.71 -8.49
CA TRP A 18 9.28 9.09 -7.96
C TRP A 18 10.09 7.87 -7.54
N TYR A 19 9.42 6.89 -6.93
CA TYR A 19 10.07 5.67 -6.45
C TYR A 19 10.94 5.97 -5.21
N ASN A 20 11.24 4.94 -4.44
CA ASN A 20 12.06 5.04 -3.22
C ASN A 20 11.44 6.01 -2.21
N THR A 21 10.14 5.90 -2.02
CA THR A 21 9.44 6.70 -1.05
C THR A 21 9.40 5.99 0.30
N ALA A 22 10.58 5.71 0.84
CA ALA A 22 10.70 4.95 2.08
C ALA A 22 10.48 5.82 3.30
N LEU A 23 11.43 6.68 3.60
CA LEU A 23 11.33 7.56 4.75
C LEU A 23 10.74 8.90 4.35
N GLU A 24 10.58 9.06 3.04
CA GLU A 24 9.94 10.24 2.49
C GLU A 24 8.44 10.14 2.64
N MET A 25 7.86 10.97 3.48
CA MET A 25 6.42 10.98 3.68
C MET A 25 5.75 11.79 2.59
N THR A 26 5.32 11.10 1.54
CA THR A 26 4.70 11.73 0.41
C THR A 26 3.34 12.31 0.78
N ASP A 27 3.12 13.56 0.41
CA ASP A 27 1.85 14.21 0.63
C ASP A 27 0.85 13.78 -0.41
N CYS A 28 0.12 12.70 -0.12
CA CYS A 28 -0.86 12.18 -1.04
C CYS A 28 -2.23 12.09 -0.37
N ASP A 29 -2.59 13.13 0.35
CA ASP A 29 -3.88 13.20 1.03
C ASP A 29 -4.27 14.66 1.25
N GLU A 30 -5.42 15.05 0.73
CA GLU A 30 -5.86 16.42 0.82
C GLU A 30 -6.76 16.63 2.05
N GLY A 31 -6.17 16.44 3.23
CA GLY A 31 -6.87 16.69 4.47
C GLY A 31 -7.95 15.66 4.75
N GLY A 32 -7.60 14.39 4.64
CA GLY A 32 -8.55 13.33 4.90
C GLY A 32 -9.59 13.20 3.81
N GLU A 33 -9.17 12.73 2.64
CA GLU A 33 -10.08 12.53 1.54
C GLU A 33 -10.50 11.06 1.50
N TYR A 34 -11.81 10.85 1.45
CA TYR A 34 -12.36 9.50 1.53
C TYR A 34 -12.36 8.83 0.16
N ASP A 35 -11.48 7.85 0.03
CA ASP A 35 -11.25 7.16 -1.26
C ASP A 35 -12.32 6.10 -1.54
N GLY A 36 -13.57 6.42 -1.24
CA GLY A 36 -14.67 5.52 -1.53
C GLY A 36 -14.75 4.35 -0.57
N MET A 37 -13.80 3.42 -0.71
CA MET A 37 -13.70 2.22 0.12
C MET A 37 -14.87 1.26 -0.11
N GLN A 38 -14.61 0.21 -0.86
CA GLN A 38 -15.56 -0.87 -1.04
C GLN A 38 -15.49 -1.84 0.13
N ASP A 39 -16.58 -2.55 0.37
CA ASP A 39 -16.72 -3.38 1.57
C ASP A 39 -15.93 -4.68 1.48
N GLU A 40 -15.36 -4.94 0.32
CA GLU A 40 -14.52 -6.13 0.13
C GLU A 40 -13.09 -5.70 -0.20
N PRO A 41 -12.25 -5.50 0.82
CA PRO A 41 -10.86 -5.11 0.60
C PRO A 41 -9.96 -6.29 0.25
N ARG A 42 -9.39 -6.24 -0.94
CA ARG A 42 -8.41 -7.23 -1.38
C ARG A 42 -7.02 -6.90 -0.85
N TYR A 43 -6.66 -5.63 -0.95
CA TYR A 43 -5.34 -5.14 -0.58
C TYR A 43 -5.02 -5.43 0.88
N MET A 44 -6.05 -5.47 1.72
CA MET A 44 -5.85 -5.68 3.15
C MET A 44 -5.38 -7.11 3.41
N MET A 45 -5.85 -8.04 2.59
CA MET A 45 -5.41 -9.42 2.71
C MET A 45 -3.97 -9.54 2.25
N LEU A 46 -3.67 -8.89 1.13
CA LEU A 46 -2.32 -8.89 0.58
C LEU A 46 -1.35 -8.20 1.54
N ALA A 47 -1.82 -7.14 2.19
CA ALA A 47 -0.98 -6.38 3.10
C ALA A 47 -0.82 -7.11 4.42
N ARG A 48 -1.86 -7.84 4.82
CA ARG A 48 -1.81 -8.65 6.03
C ARG A 48 -0.78 -9.77 5.84
N GLU A 49 -0.77 -10.35 4.65
CA GLU A 49 0.22 -11.36 4.29
C GLU A 49 1.60 -10.74 4.31
N ALA A 50 1.72 -9.58 3.66
CA ALA A 50 2.96 -8.82 3.64
C ALA A 50 3.45 -8.49 5.04
N GLU A 51 2.53 -8.12 5.93
CA GLU A 51 2.88 -7.77 7.29
C GLU A 51 3.37 -8.99 8.05
N MET A 52 2.79 -10.14 7.73
CA MET A 52 3.22 -11.40 8.35
C MET A 52 4.62 -11.77 7.87
N LEU A 53 4.94 -11.38 6.64
CA LEU A 53 6.28 -11.59 6.09
C LEU A 53 7.26 -10.56 6.65
N PHE A 54 6.79 -9.35 6.86
CA PHE A 54 7.63 -8.26 7.30
C PHE A 54 8.01 -8.41 8.78
N THR A 55 7.01 -8.66 9.62
CA THR A 55 7.27 -8.82 11.04
C THR A 55 7.66 -10.27 11.39
N GLY A 56 7.31 -11.19 10.50
CA GLY A 56 7.59 -12.60 10.75
C GLY A 56 6.64 -13.17 11.78
N GLY A 57 6.97 -14.35 12.30
CA GLY A 57 6.15 -14.95 13.34
C GLY A 57 6.33 -16.44 13.41
N TYR A 58 5.40 -17.11 14.10
CA TYR A 58 5.46 -18.55 14.26
C TYR A 58 5.03 -19.25 12.97
N GLY A 59 5.98 -19.42 12.06
CA GLY A 59 5.68 -20.10 10.80
C GLY A 59 6.07 -19.25 9.61
N LEU A 60 6.15 -17.94 9.81
CA LEU A 60 6.55 -17.04 8.74
C LEU A 60 7.94 -16.47 9.04
N GLU A 61 8.87 -16.73 8.14
CA GLU A 61 10.22 -16.20 8.26
C GLU A 61 10.26 -14.80 7.68
N LYS A 62 10.62 -13.82 8.49
CA LYS A 62 10.66 -12.43 8.06
C LYS A 62 11.62 -12.26 6.88
N ASP A 63 11.10 -11.70 5.79
CA ASP A 63 11.89 -11.49 4.58
C ASP A 63 11.50 -10.17 3.94
N PRO A 64 12.33 -9.11 4.12
CA PRO A 64 12.03 -7.77 3.59
C PRO A 64 11.77 -7.76 2.08
N GLN A 65 12.40 -8.69 1.37
CA GLN A 65 12.29 -8.74 -0.08
C GLN A 65 10.86 -9.12 -0.48
N ARG A 66 10.37 -10.23 0.05
CA ARG A 66 9.04 -10.69 -0.27
C ARG A 66 8.01 -9.76 0.37
N SER A 67 8.36 -9.20 1.52
CA SER A 67 7.51 -8.23 2.18
C SER A 67 7.19 -7.07 1.24
N GLY A 68 8.22 -6.53 0.58
CA GLY A 68 7.99 -5.45 -0.34
C GLY A 68 7.24 -5.90 -1.58
N ASP A 69 7.47 -7.15 -1.99
CA ASP A 69 6.77 -7.70 -3.14
C ASP A 69 5.26 -7.78 -2.85
N LEU A 70 4.92 -8.24 -1.67
CA LEU A 70 3.52 -8.35 -1.27
C LEU A 70 2.92 -6.98 -1.02
N TYR A 71 3.72 -6.07 -0.46
CA TYR A 71 3.25 -4.71 -0.22
C TYR A 71 3.06 -3.94 -1.52
N THR A 72 3.90 -4.21 -2.52
CA THR A 72 3.75 -3.57 -3.81
C THR A 72 2.51 -4.12 -4.53
N GLN A 73 2.26 -5.42 -4.36
CA GLN A 73 1.05 -6.02 -4.88
C GLN A 73 -0.17 -5.46 -4.16
N ALA A 74 -0.04 -5.30 -2.85
CA ALA A 74 -1.10 -4.71 -2.06
C ALA A 74 -1.39 -3.28 -2.48
N ALA A 75 -0.34 -2.52 -2.77
CA ALA A 75 -0.52 -1.15 -3.22
C ALA A 75 -1.17 -1.13 -4.59
N GLU A 76 -0.81 -2.10 -5.42
CA GLU A 76 -1.41 -2.27 -6.72
C GLU A 76 -2.91 -2.50 -6.57
N ALA A 77 -3.27 -3.42 -5.69
CA ALA A 77 -4.66 -3.75 -5.45
C ALA A 77 -5.39 -2.58 -4.80
N ALA A 78 -4.65 -1.77 -4.06
CA ALA A 78 -5.21 -0.60 -3.40
C ALA A 78 -5.49 0.51 -4.41
N MET A 79 -4.49 0.83 -5.22
CA MET A 79 -4.64 1.90 -6.22
C MET A 79 -5.70 1.52 -7.24
N GLU A 80 -5.78 0.23 -7.54
CA GLU A 80 -6.75 -0.28 -8.50
C GLU A 80 -8.16 -0.22 -7.89
N ALA A 81 -8.21 -0.32 -6.56
CA ALA A 81 -9.48 -0.25 -5.84
C ALA A 81 -9.79 1.18 -5.40
N MET A 82 -9.17 2.16 -6.08
CA MET A 82 -9.46 3.58 -5.85
C MET A 82 -8.90 4.06 -4.49
N LYS A 83 -8.19 3.18 -3.81
CA LYS A 83 -7.67 3.47 -2.48
C LYS A 83 -6.30 4.11 -2.59
N GLY A 84 -6.25 5.29 -3.22
CA GLY A 84 -4.99 5.98 -3.47
C GLY A 84 -4.13 6.18 -2.24
N ARG A 85 -4.73 6.67 -1.15
CA ARG A 85 -3.95 6.96 0.06
C ARG A 85 -3.36 5.67 0.64
N LEU A 86 -4.16 4.61 0.67
CA LEU A 86 -3.70 3.31 1.15
C LEU A 86 -2.60 2.78 0.25
N ALA A 87 -2.79 2.95 -1.05
CA ALA A 87 -1.79 2.54 -2.04
C ALA A 87 -0.46 3.23 -1.76
N ASN A 88 -0.52 4.53 -1.54
CA ASN A 88 0.67 5.31 -1.21
C ASN A 88 1.34 4.76 0.04
N GLN A 89 0.55 4.55 1.09
CA GLN A 89 1.07 4.03 2.35
C GLN A 89 1.75 2.68 2.16
N TYR A 90 1.03 1.72 1.57
CA TYR A 90 1.59 0.40 1.34
C TYR A 90 2.83 0.47 0.44
N TYR A 91 2.85 1.42 -0.48
CA TYR A 91 4.00 1.60 -1.34
C TYR A 91 5.16 2.17 -0.54
N GLN A 92 4.84 3.10 0.36
CA GLN A 92 5.83 3.69 1.27
C GLN A 92 6.38 2.62 2.20
N LYS A 93 5.58 1.59 2.44
CA LYS A 93 5.97 0.52 3.34
C LYS A 93 6.80 -0.50 2.57
N ALA A 94 6.47 -0.65 1.29
CA ALA A 94 7.25 -1.52 0.41
C ALA A 94 8.64 -0.96 0.23
N GLU A 95 8.71 0.33 -0.08
CA GLU A 95 9.97 1.02 -0.22
C GLU A 95 10.74 0.99 1.09
N GLU A 96 10.03 1.23 2.20
CA GLU A 96 10.65 1.15 3.52
C GLU A 96 11.23 -0.22 3.78
N ALA A 97 10.48 -1.26 3.38
CA ALA A 97 10.93 -2.63 3.56
C ALA A 97 12.24 -2.89 2.83
N TRP A 98 12.30 -2.54 1.56
CA TRP A 98 13.51 -2.78 0.77
C TRP A 98 14.63 -1.82 1.15
N ALA A 99 14.29 -0.57 1.39
CA ALA A 99 15.29 0.45 1.69
C ALA A 99 15.95 0.22 3.04
N GLN A 100 15.20 -0.33 3.99
CA GLN A 100 15.76 -0.53 5.32
C GLN A 100 16.44 -1.89 5.42
N MET A 101 15.70 -2.97 5.20
CA MET A 101 16.20 -4.34 5.40
C MET A 101 17.02 -4.43 6.68
N GLU A 102 16.51 -3.80 7.73
CA GLU A 102 17.20 -3.68 9.01
C GLU A 102 16.18 -3.53 10.12
N GLU A 103 15.34 -4.54 10.30
CA GLU A 103 14.30 -4.50 11.30
C GLU A 103 14.84 -4.95 12.65
N GLY A 1 -22.49 15.19 -6.84
CA GLY A 1 -23.07 15.86 -5.65
C GLY A 1 -22.29 15.56 -4.40
N SER A 2 -22.99 15.17 -3.35
CA SER A 2 -22.34 14.83 -2.08
C SER A 2 -21.77 13.42 -2.13
N HIS A 3 -20.79 13.23 -3.00
CA HIS A 3 -20.14 11.94 -3.17
C HIS A 3 -18.63 12.11 -3.23
N MET A 4 -17.91 11.13 -2.74
CA MET A 4 -16.46 11.11 -2.86
C MET A 4 -16.08 10.27 -4.07
N SER A 5 -16.31 10.83 -5.24
CA SER A 5 -16.05 10.12 -6.49
C SER A 5 -14.57 10.19 -6.86
N PRO A 6 -14.01 9.09 -7.39
CA PRO A 6 -12.63 9.07 -7.92
C PRO A 6 -12.52 9.92 -9.19
N ASP A 7 -12.63 11.22 -9.03
CA ASP A 7 -12.56 12.16 -10.15
C ASP A 7 -11.13 12.65 -10.35
N ARG A 8 -10.37 12.73 -9.26
CA ARG A 8 -9.03 13.27 -9.31
C ARG A 8 -8.03 12.20 -8.84
N CYS A 9 -8.05 11.04 -9.49
CA CYS A 9 -7.18 9.93 -9.11
C CYS A 9 -5.72 10.19 -9.46
N GLN A 10 -5.45 11.29 -10.17
CA GLN A 10 -4.09 11.64 -10.54
C GLN A 10 -3.22 11.80 -9.31
N ASP A 11 -3.84 12.16 -8.19
CA ASP A 11 -3.14 12.38 -6.93
C ASP A 11 -2.23 11.20 -6.58
N TRP A 12 -2.79 10.00 -6.58
CA TRP A 12 -2.04 8.82 -6.23
C TRP A 12 -1.36 8.21 -7.45
N LEU A 13 -2.04 8.30 -8.59
CA LEU A 13 -1.54 7.70 -9.83
C LEU A 13 -0.20 8.32 -10.21
N GLU A 14 -0.15 9.64 -10.18
CA GLU A 14 1.07 10.35 -10.50
C GLU A 14 2.09 10.18 -9.38
N ALA A 15 1.60 10.21 -8.15
CA ALA A 15 2.46 10.07 -6.98
C ALA A 15 3.31 8.81 -7.05
N LEU A 16 2.66 7.67 -7.26
CA LEU A 16 3.35 6.38 -7.29
C LEU A 16 4.32 6.27 -8.47
N HIS A 17 4.23 7.19 -9.41
CA HIS A 17 5.13 7.18 -10.56
C HIS A 17 6.50 7.68 -10.16
N TRP A 18 6.54 8.76 -9.38
CA TRP A 18 7.81 9.35 -8.97
C TRP A 18 8.15 9.03 -7.52
N TYR A 19 7.23 8.35 -6.83
CA TYR A 19 7.37 8.09 -5.41
C TYR A 19 8.59 7.23 -5.13
N ASN A 20 9.53 7.79 -4.37
CA ASN A 20 10.72 7.07 -3.96
C ASN A 20 11.24 7.68 -2.66
N THR A 21 10.62 7.28 -1.56
CA THR A 21 10.93 7.83 -0.25
C THR A 21 10.14 7.11 0.84
N ALA A 22 10.86 6.37 1.67
CA ALA A 22 10.25 5.57 2.72
C ALA A 22 9.75 6.42 3.88
N LEU A 23 10.27 7.64 3.98
CA LEU A 23 9.85 8.55 5.03
C LEU A 23 9.38 9.88 4.42
N GLU A 24 8.12 9.91 4.03
CA GLU A 24 7.57 11.09 3.37
C GLU A 24 6.26 11.52 4.02
N MET A 25 5.94 12.80 3.89
CA MET A 25 4.70 13.34 4.42
C MET A 25 4.03 14.22 3.37
N THR A 26 3.43 13.58 2.38
CA THR A 26 2.68 14.28 1.36
C THR A 26 1.28 14.63 1.88
N ASP A 27 0.55 15.47 1.17
CA ASP A 27 -0.82 15.82 1.56
C ASP A 27 -1.65 14.56 1.72
N CYS A 28 -1.92 13.88 0.61
CA CYS A 28 -2.56 12.56 0.60
C CYS A 28 -4.01 12.61 1.09
N ASP A 29 -4.92 12.10 0.27
CA ASP A 29 -6.33 11.94 0.66
C ASP A 29 -6.43 11.21 2.00
N GLU A 30 -7.43 11.58 2.80
CA GLU A 30 -7.57 11.00 4.14
C GLU A 30 -8.96 10.39 4.33
N GLY A 31 -9.42 9.65 3.34
CA GLY A 31 -10.67 8.94 3.48
C GLY A 31 -11.73 9.36 2.51
N GLY A 32 -11.34 9.57 1.27
CA GLY A 32 -12.30 9.85 0.22
C GLY A 32 -12.23 8.78 -0.85
N GLU A 33 -12.67 9.12 -2.06
CA GLU A 33 -12.60 8.19 -3.20
C GLU A 33 -13.27 6.86 -2.85
N TYR A 34 -14.59 6.89 -2.74
CA TYR A 34 -15.37 5.74 -2.29
C TYR A 34 -15.80 4.86 -3.45
N ASP A 35 -14.84 4.21 -4.07
CA ASP A 35 -15.11 3.25 -5.14
C ASP A 35 -14.07 2.15 -5.08
N GLY A 36 -14.25 1.10 -5.86
CA GLY A 36 -13.30 0.01 -5.90
C GLY A 36 -13.48 -0.96 -4.75
N MET A 37 -13.65 -0.42 -3.55
CA MET A 37 -13.88 -1.22 -2.36
C MET A 37 -15.23 -1.88 -2.42
N GLN A 38 -15.25 -3.19 -2.65
CA GLN A 38 -16.49 -3.93 -2.77
C GLN A 38 -16.52 -5.12 -1.81
N ASP A 39 -16.81 -4.82 -0.55
CA ASP A 39 -17.01 -5.83 0.50
C ASP A 39 -15.71 -6.51 0.94
N GLU A 40 -15.02 -7.16 0.00
CA GLU A 40 -13.85 -7.94 0.34
C GLU A 40 -12.60 -7.32 -0.26
N PRO A 41 -11.84 -6.55 0.53
CA PRO A 41 -10.62 -5.91 0.06
C PRO A 41 -9.44 -6.87 0.00
N ARG A 42 -8.87 -7.08 -1.17
CA ARG A 42 -7.72 -7.97 -1.29
C ARG A 42 -6.44 -7.26 -0.87
N TYR A 43 -6.42 -5.93 -0.99
CA TYR A 43 -5.22 -5.16 -0.69
C TYR A 43 -4.88 -5.23 0.79
N MET A 44 -5.90 -5.33 1.64
CA MET A 44 -5.69 -5.42 3.07
C MET A 44 -5.17 -6.82 3.43
N MET A 45 -5.62 -7.82 2.68
CA MET A 45 -5.18 -9.18 2.90
C MET A 45 -3.73 -9.32 2.42
N LEU A 46 -3.45 -8.76 1.25
CA LEU A 46 -2.11 -8.75 0.70
C LEU A 46 -1.17 -7.96 1.62
N ALA A 47 -1.68 -6.90 2.24
CA ALA A 47 -0.86 -6.09 3.14
C ALA A 47 -0.70 -6.80 4.48
N ARG A 48 -1.72 -7.56 4.87
CA ARG A 48 -1.66 -8.40 6.06
C ARG A 48 -0.59 -9.47 5.86
N GLU A 49 -0.59 -10.06 4.67
CA GLU A 49 0.39 -11.08 4.33
C GLU A 49 1.78 -10.46 4.34
N ALA A 50 1.89 -9.30 3.69
CA ALA A 50 3.13 -8.55 3.67
C ALA A 50 3.62 -8.22 5.08
N GLU A 51 2.70 -7.81 5.95
CA GLU A 51 3.06 -7.44 7.30
C GLU A 51 3.50 -8.68 8.08
N MET A 52 2.88 -9.82 7.80
CA MET A 52 3.27 -11.07 8.45
C MET A 52 4.60 -11.56 7.89
N LEU A 53 4.91 -11.18 6.66
CA LEU A 53 6.18 -11.54 6.03
C LEU A 53 7.28 -10.58 6.46
N PHE A 54 6.91 -9.34 6.76
CA PHE A 54 7.90 -8.33 7.10
C PHE A 54 8.21 -8.32 8.60
N THR A 55 7.21 -8.04 9.41
CA THR A 55 7.42 -7.93 10.85
C THR A 55 6.98 -9.19 11.57
N GLY A 56 6.87 -10.28 10.82
CA GLY A 56 6.40 -11.53 11.38
C GLY A 56 7.50 -12.31 12.07
N GLY A 57 7.72 -13.54 11.62
CA GLY A 57 8.71 -14.39 12.23
C GLY A 57 8.10 -15.35 13.24
N TYR A 58 6.78 -15.29 13.35
CA TYR A 58 6.04 -16.16 14.27
C TYR A 58 4.96 -16.92 13.52
N GLY A 59 5.39 -17.72 12.55
CA GLY A 59 4.48 -18.45 11.71
C GLY A 59 4.86 -18.27 10.25
N LEU A 60 5.18 -17.03 9.90
CA LEU A 60 5.69 -16.72 8.58
C LEU A 60 7.13 -16.30 8.69
N GLU A 61 8.02 -17.01 8.02
CA GLU A 61 9.44 -16.66 8.02
C GLU A 61 9.63 -15.34 7.29
N LYS A 62 10.12 -14.34 8.01
CA LYS A 62 10.22 -12.99 7.47
C LYS A 62 11.17 -12.94 6.27
N ASP A 63 10.81 -12.12 5.29
CA ASP A 63 11.59 -11.97 4.08
C ASP A 63 11.30 -10.61 3.44
N PRO A 64 12.17 -9.60 3.69
CA PRO A 64 11.97 -8.22 3.19
C PRO A 64 11.67 -8.14 1.71
N GLN A 65 12.23 -9.07 0.93
CA GLN A 65 12.02 -9.08 -0.51
C GLN A 65 10.57 -9.41 -0.83
N ARG A 66 10.10 -10.53 -0.26
CA ARG A 66 8.74 -10.97 -0.48
C ARG A 66 7.79 -9.97 0.15
N SER A 67 8.20 -9.43 1.29
CA SER A 67 7.43 -8.40 1.97
C SER A 67 7.15 -7.24 1.04
N GLY A 68 8.19 -6.67 0.44
CA GLY A 68 7.98 -5.54 -0.45
C GLY A 68 7.23 -5.92 -1.70
N ASP A 69 7.42 -7.16 -2.14
CA ASP A 69 6.67 -7.66 -3.30
C ASP A 69 5.18 -7.69 -2.97
N LEU A 70 4.86 -8.16 -1.79
CA LEU A 70 3.46 -8.22 -1.35
C LEU A 70 2.92 -6.82 -1.07
N TYR A 71 3.77 -5.94 -0.54
CA TYR A 71 3.38 -4.55 -0.31
C TYR A 71 3.07 -3.86 -1.63
N THR A 72 3.91 -4.10 -2.63
CA THR A 72 3.72 -3.46 -3.93
C THR A 72 2.51 -4.05 -4.63
N GLN A 73 2.30 -5.35 -4.49
CA GLN A 73 1.10 -5.98 -5.04
C GLN A 73 -0.13 -5.45 -4.31
N ALA A 74 -0.01 -5.29 -3.00
CA ALA A 74 -1.08 -4.70 -2.21
C ALA A 74 -1.37 -3.28 -2.64
N ALA A 75 -0.32 -2.51 -2.94
CA ALA A 75 -0.50 -1.15 -3.42
C ALA A 75 -1.19 -1.13 -4.77
N GLU A 76 -0.84 -2.11 -5.60
CA GLU A 76 -1.51 -2.27 -6.88
C GLU A 76 -2.99 -2.54 -6.67
N ALA A 77 -3.29 -3.47 -5.76
CA ALA A 77 -4.67 -3.83 -5.47
C ALA A 77 -5.40 -2.67 -4.80
N ALA A 78 -4.64 -1.86 -4.07
CA ALA A 78 -5.19 -0.69 -3.40
C ALA A 78 -5.58 0.36 -4.42
N MET A 79 -4.64 0.70 -5.31
CA MET A 79 -4.89 1.71 -6.32
C MET A 79 -5.91 1.19 -7.34
N GLU A 80 -5.97 -0.13 -7.49
CA GLU A 80 -6.95 -0.75 -8.36
C GLU A 80 -8.34 -0.63 -7.74
N ALA A 81 -8.39 -0.68 -6.42
CA ALA A 81 -9.65 -0.58 -5.70
C ALA A 81 -9.93 0.86 -5.27
N MET A 82 -9.35 1.81 -6.03
CA MET A 82 -9.55 3.24 -5.81
C MET A 82 -9.21 3.61 -4.37
N LYS A 83 -8.06 3.14 -3.92
CA LYS A 83 -7.58 3.42 -2.58
C LYS A 83 -6.17 3.98 -2.64
N GLY A 84 -6.04 5.15 -3.25
CA GLY A 84 -4.76 5.79 -3.41
C GLY A 84 -4.02 6.01 -2.10
N ARG A 85 -4.76 6.40 -1.07
CA ARG A 85 -4.17 6.57 0.27
C ARG A 85 -3.47 5.29 0.71
N LEU A 86 -4.20 4.18 0.59
CA LEU A 86 -3.66 2.87 0.94
C LEU A 86 -2.47 2.54 0.06
N ALA A 87 -2.61 2.78 -1.23
CA ALA A 87 -1.55 2.53 -2.20
C ALA A 87 -0.28 3.28 -1.84
N ASN A 88 -0.43 4.56 -1.52
CA ASN A 88 0.71 5.39 -1.17
C ASN A 88 1.37 4.86 0.10
N GLN A 89 0.56 4.62 1.13
CA GLN A 89 1.05 4.09 2.40
C GLN A 89 1.76 2.74 2.21
N TYR A 90 1.07 1.78 1.60
CA TYR A 90 1.66 0.45 1.37
C TYR A 90 2.91 0.54 0.50
N TYR A 91 2.94 1.47 -0.45
CA TYR A 91 4.12 1.62 -1.29
C TYR A 91 5.27 2.21 -0.46
N GLN A 92 4.94 3.15 0.42
CA GLN A 92 5.92 3.74 1.32
C GLN A 92 6.39 2.70 2.34
N LYS A 93 5.52 1.73 2.60
CA LYS A 93 5.82 0.68 3.56
C LYS A 93 6.65 -0.38 2.85
N ALA A 94 6.43 -0.50 1.54
CA ALA A 94 7.26 -1.33 0.68
C ALA A 94 8.69 -0.79 0.64
N GLU A 95 8.79 0.53 0.45
CA GLU A 95 10.09 1.18 0.43
C GLU A 95 10.74 1.07 1.80
N GLU A 96 9.94 1.22 2.86
CA GLU A 96 10.43 0.97 4.22
C GLU A 96 10.95 -0.46 4.34
N ALA A 97 10.18 -1.41 3.80
CA ALA A 97 10.57 -2.82 3.83
C ALA A 97 11.93 -3.04 3.18
N TRP A 98 12.13 -2.47 2.00
CA TRP A 98 13.39 -2.64 1.28
C TRP A 98 14.49 -1.76 1.89
N ALA A 99 14.13 -0.63 2.46
CA ALA A 99 15.10 0.24 3.11
C ALA A 99 15.59 -0.39 4.42
N GLN A 100 14.70 -1.14 5.04
CA GLN A 100 14.97 -1.79 6.31
C GLN A 100 15.75 -3.10 6.12
N MET A 101 16.25 -3.33 4.91
CA MET A 101 17.11 -4.50 4.66
C MET A 101 18.49 -4.26 5.25
N GLU A 102 18.50 -3.96 6.54
CA GLU A 102 19.74 -3.70 7.26
C GLU A 102 19.79 -4.60 8.49
N GLU A 103 19.04 -5.69 8.44
CA GLU A 103 18.98 -6.65 9.51
C GLU A 103 19.39 -8.03 9.00
N GLY A 1 -0.77 4.47 9.41
CA GLY A 1 -1.10 5.80 8.83
C GLY A 1 -2.52 6.21 9.15
N SER A 2 -2.68 7.02 10.19
CA SER A 2 -4.01 7.43 10.64
C SER A 2 -4.54 8.60 9.82
N HIS A 3 -4.50 8.46 8.50
CA HIS A 3 -5.04 9.49 7.63
C HIS A 3 -6.51 9.22 7.40
N MET A 4 -6.80 8.13 6.69
CA MET A 4 -8.16 7.57 6.54
C MET A 4 -9.09 8.46 5.70
N SER A 5 -8.91 9.77 5.81
CA SER A 5 -9.79 10.73 5.14
C SER A 5 -9.69 10.62 3.62
N PRO A 6 -10.83 10.37 2.96
CA PRO A 6 -10.90 10.32 1.50
C PRO A 6 -11.02 11.72 0.90
N ASP A 7 -11.17 12.70 1.79
CA ASP A 7 -11.26 14.11 1.39
C ASP A 7 -9.90 14.65 1.00
N ARG A 8 -8.85 14.00 1.49
CA ARG A 8 -7.49 14.38 1.14
C ARG A 8 -6.75 13.21 0.51
N CYS A 9 -7.03 12.97 -0.75
CA CYS A 9 -6.35 11.94 -1.52
C CYS A 9 -5.58 12.59 -2.66
N GLN A 10 -4.76 13.58 -2.31
CA GLN A 10 -4.03 14.34 -3.31
C GLN A 10 -2.52 14.23 -3.12
N ASP A 11 -2.05 14.42 -1.89
CA ASP A 11 -0.62 14.49 -1.59
C ASP A 11 0.12 13.23 -2.01
N TRP A 12 -0.54 12.09 -1.90
CA TRP A 12 0.11 10.82 -2.22
C TRP A 12 0.48 10.77 -3.70
N LEU A 13 -0.25 11.52 -4.51
CA LEU A 13 -0.01 11.57 -5.94
C LEU A 13 1.32 12.24 -6.23
N GLU A 14 1.67 13.22 -5.42
CA GLU A 14 2.98 13.88 -5.54
C GLU A 14 4.09 12.89 -5.20
N ALA A 15 3.92 12.20 -4.09
CA ALA A 15 4.92 11.27 -3.59
C ALA A 15 5.12 10.10 -4.55
N LEU A 16 4.01 9.51 -4.98
CA LEU A 16 4.05 8.38 -5.91
C LEU A 16 4.54 8.81 -7.28
N HIS A 17 4.30 10.07 -7.62
CA HIS A 17 4.69 10.63 -8.91
C HIS A 17 6.18 10.49 -9.12
N TRP A 18 6.97 10.80 -8.11
CA TRP A 18 8.42 10.76 -8.23
C TRP A 18 8.98 9.45 -7.68
N TYR A 19 8.05 8.55 -7.35
CA TYR A 19 8.37 7.25 -6.74
C TYR A 19 9.39 7.40 -5.62
N ASN A 20 9.04 8.19 -4.63
CA ASN A 20 9.88 8.40 -3.47
C ASN A 20 9.02 8.76 -2.29
N THR A 21 8.48 7.75 -1.62
CA THR A 21 7.51 7.99 -0.56
C THR A 21 7.83 7.17 0.70
N ALA A 22 9.07 6.70 0.82
CA ALA A 22 9.47 5.90 1.98
C ALA A 22 9.43 6.73 3.26
N LEU A 23 9.75 8.00 3.11
CA LEU A 23 9.74 8.94 4.22
C LEU A 23 8.70 10.02 3.96
N GLU A 24 7.51 9.56 3.55
CA GLU A 24 6.40 10.45 3.24
C GLU A 24 6.05 11.33 4.43
N MET A 25 5.68 12.58 4.15
CA MET A 25 5.19 13.48 5.19
C MET A 25 3.78 13.07 5.58
N THR A 26 3.69 12.07 6.45
CA THR A 26 2.41 11.51 6.87
C THR A 26 1.62 12.49 7.72
N ASP A 27 0.70 13.19 7.09
CA ASP A 27 -0.19 14.09 7.81
C ASP A 27 -1.48 13.36 8.17
N CYS A 28 -1.53 12.87 9.40
CA CYS A 28 -2.67 12.10 9.87
C CYS A 28 -3.80 13.03 10.30
N ASP A 29 -5.01 12.51 10.29
CA ASP A 29 -6.19 13.29 10.68
C ASP A 29 -6.68 12.85 12.04
N GLU A 30 -7.02 13.82 12.88
CA GLU A 30 -7.58 13.52 14.20
C GLU A 30 -9.05 13.11 14.08
N GLY A 31 -9.27 11.98 13.42
CA GLY A 31 -10.60 11.47 13.20
C GLY A 31 -10.59 10.38 12.16
N GLY A 32 -10.67 10.78 10.90
CA GLY A 32 -10.56 9.84 9.82
C GLY A 32 -11.88 9.19 9.44
N GLU A 33 -12.53 9.74 8.43
CA GLU A 33 -13.74 9.16 7.88
C GLU A 33 -13.37 8.11 6.84
N TYR A 34 -12.88 6.98 7.32
CA TYR A 34 -12.35 5.94 6.44
C TYR A 34 -13.43 5.40 5.51
N ASP A 35 -13.14 5.41 4.22
CA ASP A 35 -14.05 4.88 3.22
C ASP A 35 -14.12 3.36 3.31
N GLY A 36 -15.18 2.87 3.94
CA GLY A 36 -15.37 1.44 4.05
C GLY A 36 -16.30 0.92 2.98
N MET A 37 -15.78 0.83 1.76
CA MET A 37 -16.55 0.33 0.63
C MET A 37 -17.10 -1.08 0.90
N GLN A 38 -18.28 -1.35 0.39
CA GLN A 38 -18.93 -2.65 0.58
C GLN A 38 -18.39 -3.67 -0.40
N ASP A 39 -17.11 -3.95 -0.27
CA ASP A 39 -16.43 -4.92 -1.11
C ASP A 39 -15.17 -5.40 -0.41
N GLU A 40 -14.91 -6.69 -0.47
CA GLU A 40 -13.75 -7.25 0.20
C GLU A 40 -12.46 -6.73 -0.43
N PRO A 41 -11.68 -5.97 0.35
CA PRO A 41 -10.44 -5.40 -0.16
C PRO A 41 -9.32 -6.44 -0.22
N ARG A 42 -8.78 -6.64 -1.41
CA ARG A 42 -7.71 -7.61 -1.62
C ARG A 42 -6.40 -7.08 -1.03
N TYR A 43 -6.25 -5.76 -1.09
CA TYR A 43 -5.01 -5.11 -0.64
C TYR A 43 -4.76 -5.32 0.85
N MET A 44 -5.83 -5.46 1.63
CA MET A 44 -5.69 -5.66 3.06
C MET A 44 -5.17 -7.06 3.36
N MET A 45 -5.63 -8.04 2.59
CA MET A 45 -5.20 -9.41 2.77
C MET A 45 -3.75 -9.56 2.30
N LEU A 46 -3.45 -8.94 1.18
CA LEU A 46 -2.09 -8.93 0.65
C LEU A 46 -1.15 -8.16 1.57
N ALA A 47 -1.68 -7.11 2.21
CA ALA A 47 -0.87 -6.31 3.12
C ALA A 47 -0.69 -7.05 4.44
N ARG A 48 -1.69 -7.83 4.83
CA ARG A 48 -1.57 -8.66 6.02
C ARG A 48 -0.44 -9.67 5.82
N GLU A 49 -0.43 -10.31 4.66
CA GLU A 49 0.62 -11.26 4.35
C GLU A 49 1.96 -10.54 4.30
N ALA A 50 1.97 -9.39 3.63
CA ALA A 50 3.15 -8.53 3.58
C ALA A 50 3.67 -8.21 4.97
N GLU A 51 2.76 -7.89 5.89
CA GLU A 51 3.14 -7.54 7.25
C GLU A 51 3.67 -8.76 7.98
N MET A 52 3.05 -9.92 7.73
CA MET A 52 3.50 -11.16 8.34
C MET A 52 4.85 -11.57 7.77
N LEU A 53 5.13 -11.15 6.55
CA LEU A 53 6.43 -11.39 5.94
C LEU A 53 7.41 -10.27 6.32
N PHE A 54 6.88 -9.15 6.78
CA PHE A 54 7.71 -8.02 7.16
C PHE A 54 8.24 -8.17 8.58
N THR A 55 7.34 -8.23 9.55
CA THR A 55 7.74 -8.23 10.95
C THR A 55 7.68 -9.63 11.55
N GLY A 56 7.26 -10.60 10.74
CA GLY A 56 7.14 -11.96 11.23
C GLY A 56 5.72 -12.28 11.64
N GLY A 57 5.19 -13.37 11.13
CA GLY A 57 3.85 -13.78 11.45
C GLY A 57 3.79 -15.19 11.97
N TYR A 58 2.63 -15.57 12.51
CA TYR A 58 2.44 -16.91 13.05
C TYR A 58 2.35 -17.93 11.93
N GLY A 59 3.49 -18.39 11.45
CA GLY A 59 3.51 -19.35 10.36
C GLY A 59 4.25 -18.81 9.15
N LEU A 60 4.48 -17.51 9.13
CA LEU A 60 5.21 -16.87 8.06
C LEU A 60 6.54 -16.34 8.56
N GLU A 61 7.62 -16.81 7.96
CA GLU A 61 8.96 -16.35 8.31
C GLU A 61 9.24 -15.04 7.60
N LYS A 62 9.74 -14.06 8.33
CA LYS A 62 9.94 -12.72 7.78
C LYS A 62 11.02 -12.70 6.69
N ASP A 63 10.76 -11.92 5.65
CA ASP A 63 11.68 -11.71 4.55
C ASP A 63 11.39 -10.37 3.90
N PRO A 64 12.34 -9.41 3.99
CA PRO A 64 12.17 -8.05 3.45
C PRO A 64 11.75 -8.02 1.98
N GLN A 65 12.17 -9.03 1.22
CA GLN A 65 11.85 -9.05 -0.21
C GLN A 65 10.38 -9.37 -0.41
N ARG A 66 9.92 -10.46 0.21
CA ARG A 66 8.52 -10.85 0.09
C ARG A 66 7.63 -9.78 0.66
N SER A 67 8.10 -9.14 1.72
CA SER A 67 7.41 -8.03 2.32
C SER A 67 7.07 -6.98 1.28
N GLY A 68 8.08 -6.47 0.56
CA GLY A 68 7.83 -5.46 -0.42
C GLY A 68 7.06 -5.99 -1.61
N ASP A 69 7.28 -7.26 -1.93
CA ASP A 69 6.56 -7.89 -3.03
C ASP A 69 5.06 -7.86 -2.76
N LEU A 70 4.67 -8.34 -1.58
CA LEU A 70 3.26 -8.37 -1.22
C LEU A 70 2.73 -6.95 -1.02
N TYR A 71 3.56 -6.06 -0.48
CA TYR A 71 3.14 -4.67 -0.27
C TYR A 71 2.91 -3.96 -1.60
N THR A 72 3.75 -4.24 -2.58
CA THR A 72 3.61 -3.59 -3.89
C THR A 72 2.40 -4.13 -4.62
N GLN A 73 2.17 -5.45 -4.56
CA GLN A 73 0.96 -6.01 -5.14
C GLN A 73 -0.27 -5.50 -4.40
N ALA A 74 -0.16 -5.41 -3.08
CA ALA A 74 -1.23 -4.86 -2.26
C ALA A 74 -1.54 -3.43 -2.68
N ALA A 75 -0.50 -2.63 -2.89
CA ALA A 75 -0.67 -1.25 -3.28
C ALA A 75 -1.28 -1.15 -4.68
N GLU A 76 -0.88 -2.08 -5.54
CA GLU A 76 -1.46 -2.16 -6.88
C GLU A 76 -2.96 -2.38 -6.77
N ALA A 77 -3.35 -3.36 -5.95
CA ALA A 77 -4.76 -3.68 -5.74
C ALA A 77 -5.48 -2.54 -5.04
N ALA A 78 -4.75 -1.80 -4.23
CA ALA A 78 -5.31 -0.66 -3.50
C ALA A 78 -5.60 0.50 -4.45
N MET A 79 -4.60 0.86 -5.25
CA MET A 79 -4.76 1.95 -6.20
C MET A 79 -5.78 1.59 -7.26
N GLU A 80 -5.88 0.29 -7.54
CA GLU A 80 -6.90 -0.22 -8.45
C GLU A 80 -8.30 0.03 -7.88
N ALA A 81 -8.44 -0.19 -6.59
CA ALA A 81 -9.71 -0.01 -5.89
C ALA A 81 -9.96 1.46 -5.55
N MET A 82 -9.17 2.35 -6.16
CA MET A 82 -9.28 3.79 -5.95
C MET A 82 -8.90 4.17 -4.52
N LYS A 83 -8.13 3.30 -3.88
CA LYS A 83 -7.69 3.53 -2.51
C LYS A 83 -6.25 4.01 -2.53
N GLY A 84 -6.03 5.12 -3.24
CA GLY A 84 -4.69 5.65 -3.42
C GLY A 84 -3.94 5.91 -2.13
N ARG A 85 -4.64 6.38 -1.10
CA ARG A 85 -4.03 6.60 0.20
C ARG A 85 -3.45 5.29 0.74
N LEU A 86 -4.25 4.24 0.72
CA LEU A 86 -3.80 2.93 1.16
C LEU A 86 -2.64 2.46 0.30
N ALA A 87 -2.80 2.62 -1.00
CA ALA A 87 -1.77 2.26 -1.97
C ALA A 87 -0.44 2.92 -1.65
N ASN A 88 -0.46 4.25 -1.54
CA ASN A 88 0.77 5.00 -1.32
C ASN A 88 1.38 4.65 0.03
N GLN A 89 0.54 4.39 1.04
CA GLN A 89 1.05 3.91 2.32
C GLN A 89 1.80 2.59 2.14
N TYR A 90 1.15 1.64 1.50
CA TYR A 90 1.78 0.34 1.24
C TYR A 90 2.99 0.46 0.31
N TYR A 91 3.01 1.49 -0.53
CA TYR A 91 4.22 1.80 -1.31
C TYR A 91 5.31 2.32 -0.38
N GLN A 92 4.92 3.20 0.53
CA GLN A 92 5.81 3.73 1.56
C GLN A 92 6.35 2.59 2.40
N LYS A 93 5.54 1.56 2.54
CA LYS A 93 5.87 0.44 3.40
C LYS A 93 6.77 -0.51 2.63
N ALA A 94 6.51 -0.64 1.33
CA ALA A 94 7.34 -1.44 0.45
C ALA A 94 8.73 -0.84 0.35
N GLU A 95 8.80 0.48 0.18
CA GLU A 95 10.07 1.16 0.06
C GLU A 95 10.82 1.10 1.38
N GLU A 96 10.10 1.32 2.48
CA GLU A 96 10.70 1.23 3.79
C GLU A 96 11.18 -0.19 4.07
N ALA A 97 10.41 -1.18 3.62
CA ALA A 97 10.81 -2.57 3.78
C ALA A 97 12.14 -2.84 3.10
N TRP A 98 12.25 -2.48 1.83
CA TRP A 98 13.47 -2.72 1.08
C TRP A 98 14.61 -1.80 1.52
N ALA A 99 14.28 -0.60 1.96
CA ALA A 99 15.31 0.36 2.38
C ALA A 99 15.87 0.02 3.76
N GLN A 100 14.99 -0.32 4.69
CA GLN A 100 15.39 -0.51 6.09
C GLN A 100 16.04 -1.87 6.27
N MET A 101 15.31 -2.94 5.96
CA MET A 101 15.81 -4.31 6.13
C MET A 101 16.47 -4.48 7.49
N GLU A 102 15.84 -3.95 8.53
CA GLU A 102 16.39 -3.95 9.86
C GLU A 102 15.27 -3.89 10.89
N GLU A 103 15.22 -4.91 11.74
CA GLU A 103 14.17 -5.00 12.74
C GLU A 103 14.56 -6.01 13.80
N GLY A 1 -19.12 7.57 6.45
CA GLY A 1 -18.11 8.62 6.12
C GLY A 1 -18.12 8.96 4.65
N SER A 2 -16.99 9.45 4.15
CA SER A 2 -16.87 9.87 2.77
C SER A 2 -16.63 8.67 1.85
N HIS A 3 -17.70 8.09 1.35
CA HIS A 3 -17.62 6.99 0.40
C HIS A 3 -17.26 7.54 -0.98
N MET A 4 -15.98 7.63 -1.27
CA MET A 4 -15.53 8.22 -2.52
C MET A 4 -14.31 7.50 -3.05
N SER A 5 -14.23 7.38 -4.37
CA SER A 5 -13.08 6.80 -5.03
C SER A 5 -12.60 7.74 -6.14
N PRO A 6 -11.30 8.05 -6.17
CA PRO A 6 -10.71 8.90 -7.22
C PRO A 6 -10.60 8.17 -8.56
N ASP A 7 -11.74 7.73 -9.07
CA ASP A 7 -11.79 7.01 -10.33
C ASP A 7 -11.58 7.95 -11.50
N ARG A 8 -12.20 9.13 -11.43
CA ARG A 8 -12.05 10.15 -12.46
C ARG A 8 -10.77 10.95 -12.24
N CYS A 9 -9.84 10.33 -11.54
CA CYS A 9 -8.56 10.93 -11.21
C CYS A 9 -7.45 9.94 -11.54
N GLN A 10 -6.47 10.38 -12.30
CA GLN A 10 -5.38 9.49 -12.69
C GLN A 10 -4.02 10.05 -12.28
N ASP A 11 -4.01 11.28 -11.77
CA ASP A 11 -2.76 11.94 -11.42
C ASP A 11 -2.14 11.35 -10.16
N TRP A 12 -2.98 10.75 -9.31
CA TRP A 12 -2.50 10.18 -8.06
C TRP A 12 -1.73 8.89 -8.32
N LEU A 13 -1.98 8.24 -9.46
CA LEU A 13 -1.21 7.06 -9.83
C LEU A 13 0.20 7.47 -10.20
N GLU A 14 0.30 8.60 -10.89
CA GLU A 14 1.59 9.18 -11.22
C GLU A 14 2.31 9.62 -9.96
N ALA A 15 1.57 10.28 -9.08
CA ALA A 15 2.08 10.69 -7.78
C ALA A 15 2.62 9.49 -7.02
N LEU A 16 1.87 8.40 -7.06
CA LEU A 16 2.26 7.15 -6.44
C LEU A 16 3.56 6.61 -7.05
N HIS A 17 3.67 6.71 -8.37
CA HIS A 17 4.84 6.23 -9.09
C HIS A 17 6.10 6.95 -8.60
N TRP A 18 5.98 8.24 -8.35
CA TRP A 18 7.11 9.04 -7.90
C TRP A 18 7.12 9.14 -6.37
N TYR A 19 6.26 8.37 -5.72
CA TYR A 19 6.20 8.34 -4.27
C TYR A 19 7.11 7.24 -3.74
N ASN A 20 8.22 7.05 -4.42
CA ASN A 20 9.20 6.04 -4.02
C ASN A 20 10.07 6.59 -2.90
N THR A 21 9.57 6.49 -1.68
CA THR A 21 10.27 7.03 -0.51
C THR A 21 9.81 6.31 0.76
N ALA A 22 10.78 5.91 1.57
CA ALA A 22 10.50 5.20 2.82
C ALA A 22 9.96 6.16 3.87
N LEU A 23 10.45 7.39 3.83
CA LEU A 23 9.94 8.43 4.71
C LEU A 23 9.07 9.39 3.91
N GLU A 24 8.74 10.54 4.51
CA GLU A 24 7.86 11.51 3.87
C GLU A 24 6.47 10.91 3.64
N MET A 25 5.81 10.55 4.74
CA MET A 25 4.50 9.93 4.67
C MET A 25 3.43 10.95 4.29
N THR A 26 2.80 10.72 3.15
CA THR A 26 1.69 11.57 2.72
C THR A 26 0.40 11.07 3.37
N ASP A 27 -0.40 12.00 3.85
CA ASP A 27 -1.69 11.66 4.42
C ASP A 27 -2.80 12.34 3.63
N CYS A 28 -2.41 12.94 2.52
CA CYS A 28 -3.36 13.66 1.67
C CYS A 28 -4.09 12.70 0.75
N ASP A 29 -5.27 12.27 1.19
CA ASP A 29 -6.09 11.35 0.42
C ASP A 29 -7.14 12.13 -0.36
N GLU A 30 -7.46 11.65 -1.55
CA GLU A 30 -8.46 12.30 -2.40
C GLU A 30 -9.39 11.26 -3.01
N GLY A 31 -10.58 11.68 -3.41
CA GLY A 31 -11.54 10.77 -3.98
C GLY A 31 -12.58 11.47 -4.81
N GLY A 32 -13.51 12.14 -4.15
CA GLY A 32 -14.57 12.84 -4.84
C GLY A 32 -15.94 12.37 -4.40
N GLU A 33 -16.48 11.41 -5.12
CA GLU A 33 -17.82 10.90 -4.84
C GLU A 33 -17.96 9.47 -5.34
N TYR A 34 -18.68 8.66 -4.58
CA TYR A 34 -18.94 7.26 -4.92
C TYR A 34 -17.65 6.44 -4.87
N ASP A 35 -17.68 5.38 -4.08
CA ASP A 35 -16.55 4.48 -3.98
C ASP A 35 -16.88 3.15 -4.62
N GLY A 36 -16.10 2.77 -5.62
CA GLY A 36 -16.32 1.53 -6.34
C GLY A 36 -15.99 0.31 -5.50
N MET A 37 -15.15 0.50 -4.50
CA MET A 37 -14.78 -0.58 -3.60
C MET A 37 -15.97 -0.99 -2.73
N GLN A 38 -16.42 -2.23 -2.90
CA GLN A 38 -17.58 -2.72 -2.18
C GLN A 38 -17.20 -3.29 -0.82
N ASP A 39 -16.56 -2.45 -0.01
CA ASP A 39 -16.21 -2.76 1.39
C ASP A 39 -15.07 -3.79 1.52
N GLU A 40 -15.10 -4.82 0.69
CA GLU A 40 -14.14 -5.93 0.78
C GLU A 40 -12.77 -5.51 0.25
N PRO A 41 -11.79 -5.31 1.14
CA PRO A 41 -10.46 -4.93 0.74
C PRO A 41 -9.61 -6.13 0.32
N ARG A 42 -9.15 -6.12 -0.93
CA ARG A 42 -8.19 -7.11 -1.39
C ARG A 42 -6.79 -6.73 -0.92
N TYR A 43 -6.54 -5.42 -0.91
CA TYR A 43 -5.23 -4.89 -0.58
C TYR A 43 -4.83 -5.18 0.85
N MET A 44 -5.81 -5.16 1.76
CA MET A 44 -5.54 -5.42 3.17
C MET A 44 -5.18 -6.87 3.40
N MET A 45 -5.72 -7.74 2.54
CA MET A 45 -5.39 -9.16 2.62
C MET A 45 -3.95 -9.37 2.18
N LEU A 46 -3.61 -8.78 1.03
CA LEU A 46 -2.25 -8.85 0.51
C LEU A 46 -1.27 -8.16 1.46
N ALA A 47 -1.74 -7.12 2.12
CA ALA A 47 -0.90 -6.36 3.04
C ALA A 47 -0.76 -7.10 4.36
N ARG A 48 -1.80 -7.83 4.74
CA ARG A 48 -1.74 -8.67 5.93
C ARG A 48 -0.68 -9.75 5.75
N GLU A 49 -0.66 -10.35 4.57
CA GLU A 49 0.33 -11.36 4.26
C GLU A 49 1.71 -10.73 4.22
N ALA A 50 1.79 -9.57 3.59
CA ALA A 50 3.04 -8.80 3.56
C ALA A 50 3.51 -8.46 4.98
N GLU A 51 2.56 -8.12 5.84
CA GLU A 51 2.84 -7.81 7.23
C GLU A 51 3.41 -9.03 7.94
N MET A 52 2.81 -10.19 7.67
CA MET A 52 3.29 -11.44 8.26
C MET A 52 4.66 -11.80 7.71
N LEU A 53 4.96 -11.31 6.51
CA LEU A 53 6.27 -11.51 5.91
C LEU A 53 7.26 -10.46 6.40
N PHE A 54 6.74 -9.36 6.94
CA PHE A 54 7.59 -8.27 7.42
C PHE A 54 8.03 -8.53 8.86
N THR A 55 7.08 -8.60 9.78
CA THR A 55 7.41 -8.72 11.19
C THR A 55 7.55 -10.18 11.61
N GLY A 56 7.13 -11.08 10.75
CA GLY A 56 7.19 -12.49 11.06
C GLY A 56 5.83 -13.03 11.44
N GLY A 57 5.52 -14.22 10.96
CA GLY A 57 4.22 -14.78 11.24
C GLY A 57 4.32 -16.21 11.73
N TYR A 58 3.22 -16.73 12.23
CA TYR A 58 3.17 -18.10 12.71
C TYR A 58 3.04 -19.05 11.53
N GLY A 59 4.15 -19.32 10.87
CA GLY A 59 4.15 -20.10 9.65
C GLY A 59 4.74 -19.35 8.49
N LEU A 60 4.94 -18.04 8.69
CA LEU A 60 5.53 -17.20 7.66
C LEU A 60 6.91 -16.74 8.09
N GLU A 61 7.91 -17.08 7.29
CA GLU A 61 9.28 -16.66 7.55
C GLU A 61 9.47 -15.22 7.08
N LYS A 62 9.87 -14.35 8.00
CA LYS A 62 9.98 -12.93 7.71
C LYS A 62 11.08 -12.67 6.66
N ASP A 63 10.75 -11.84 5.69
CA ASP A 63 11.66 -11.52 4.61
C ASP A 63 11.31 -10.16 4.01
N PRO A 64 12.15 -9.14 4.24
CA PRO A 64 11.92 -7.78 3.74
C PRO A 64 11.70 -7.72 2.22
N GLN A 65 12.34 -8.64 1.49
CA GLN A 65 12.27 -8.63 0.03
C GLN A 65 10.87 -9.03 -0.43
N ARG A 66 10.40 -10.18 0.03
CA ARG A 66 9.08 -10.66 -0.34
C ARG A 66 8.00 -9.78 0.28
N SER A 67 8.31 -9.25 1.46
CA SER A 67 7.43 -8.31 2.13
C SER A 67 7.11 -7.15 1.22
N GLY A 68 8.13 -6.58 0.57
CA GLY A 68 7.91 -5.46 -0.33
C GLY A 68 7.19 -5.89 -1.58
N ASP A 69 7.44 -7.12 -2.02
CA ASP A 69 6.76 -7.65 -3.21
C ASP A 69 5.26 -7.71 -2.93
N LEU A 70 4.91 -8.21 -1.76
CA LEU A 70 3.50 -8.33 -1.37
C LEU A 70 2.90 -6.95 -1.09
N TYR A 71 3.69 -6.04 -0.53
CA TYR A 71 3.22 -4.69 -0.26
C TYR A 71 3.01 -3.91 -1.56
N THR A 72 3.84 -4.16 -2.56
CA THR A 72 3.65 -3.51 -3.85
C THR A 72 2.47 -4.13 -4.58
N GLN A 73 2.23 -5.41 -4.34
CA GLN A 73 1.03 -6.07 -4.84
C GLN A 73 -0.19 -5.46 -4.16
N ALA A 74 -0.08 -5.26 -2.85
CA ALA A 74 -1.14 -4.64 -2.07
C ALA A 74 -1.43 -3.23 -2.56
N ALA A 75 -0.39 -2.47 -2.89
CA ALA A 75 -0.56 -1.12 -3.41
C ALA A 75 -1.24 -1.16 -4.77
N GLU A 76 -0.88 -2.15 -5.56
CA GLU A 76 -1.49 -2.35 -6.86
C GLU A 76 -2.99 -2.61 -6.68
N ALA A 77 -3.32 -3.46 -5.72
CA ALA A 77 -4.71 -3.78 -5.41
C ALA A 77 -5.40 -2.57 -4.79
N ALA A 78 -4.64 -1.75 -4.08
CA ALA A 78 -5.17 -0.57 -3.43
C ALA A 78 -5.56 0.49 -4.46
N MET A 79 -4.68 0.73 -5.43
CA MET A 79 -4.97 1.69 -6.47
C MET A 79 -6.05 1.15 -7.41
N GLU A 80 -6.16 -0.18 -7.50
CA GLU A 80 -7.23 -0.79 -8.28
C GLU A 80 -8.57 -0.67 -7.55
N ALA A 81 -8.50 -0.53 -6.24
CA ALA A 81 -9.70 -0.29 -5.43
C ALA A 81 -9.88 1.21 -5.21
N MET A 82 -9.10 1.99 -5.97
CA MET A 82 -9.13 3.46 -5.91
C MET A 82 -8.95 3.96 -4.49
N LYS A 83 -8.03 3.35 -3.77
CA LYS A 83 -7.66 3.78 -2.44
C LYS A 83 -6.27 4.41 -2.49
N GLY A 84 -6.22 5.67 -2.90
CA GLY A 84 -4.96 6.37 -3.10
C GLY A 84 -4.07 6.36 -1.88
N ARG A 85 -4.56 6.90 -0.76
CA ARG A 85 -3.77 6.97 0.47
C ARG A 85 -3.21 5.60 0.86
N LEU A 86 -4.04 4.58 0.72
CA LEU A 86 -3.64 3.21 1.06
C LEU A 86 -2.52 2.76 0.13
N ALA A 87 -2.72 2.97 -1.16
CA ALA A 87 -1.72 2.62 -2.15
C ALA A 87 -0.39 3.30 -1.85
N ASN A 88 -0.47 4.59 -1.51
CA ASN A 88 0.71 5.36 -1.16
C ASN A 88 1.39 4.77 0.07
N GLN A 89 0.62 4.55 1.12
CA GLN A 89 1.16 4.01 2.37
C GLN A 89 1.82 2.64 2.14
N TYR A 90 1.09 1.73 1.53
CA TYR A 90 1.64 0.39 1.25
C TYR A 90 2.89 0.47 0.38
N TYR A 91 2.91 1.40 -0.57
CA TYR A 91 4.08 1.57 -1.43
C TYR A 91 5.25 2.11 -0.61
N GLN A 92 4.96 3.03 0.31
CA GLN A 92 5.96 3.57 1.21
C GLN A 92 6.46 2.50 2.17
N LYS A 93 5.61 1.52 2.43
CA LYS A 93 5.97 0.46 3.36
C LYS A 93 6.81 -0.57 2.61
N ALA A 94 6.52 -0.71 1.33
CA ALA A 94 7.33 -1.55 0.45
C ALA A 94 8.74 -1.00 0.35
N GLU A 95 8.84 0.30 0.08
CA GLU A 95 10.12 0.96 0.00
C GLU A 95 10.80 0.93 1.37
N GLU A 96 10.03 1.14 2.43
CA GLU A 96 10.56 1.06 3.79
C GLU A 96 11.16 -0.31 4.04
N ALA A 97 10.43 -1.35 3.65
CA ALA A 97 10.90 -2.72 3.82
C ALA A 97 12.24 -2.93 3.14
N TRP A 98 12.35 -2.48 1.89
CA TRP A 98 13.58 -2.65 1.13
C TRP A 98 14.68 -1.69 1.59
N ALA A 99 14.28 -0.49 1.99
CA ALA A 99 15.25 0.52 2.42
C ALA A 99 15.83 0.19 3.79
N GLN A 100 15.01 -0.38 4.66
CA GLN A 100 15.45 -0.69 6.00
C GLN A 100 16.18 -2.03 6.05
N MET A 101 15.48 -3.09 5.66
CA MET A 101 16.02 -4.46 5.73
C MET A 101 16.84 -4.69 6.99
N GLU A 102 16.33 -4.24 8.12
CA GLU A 102 17.04 -4.31 9.39
C GLU A 102 16.11 -4.70 10.52
N GLU A 103 15.70 -5.96 10.53
CA GLU A 103 14.88 -6.48 11.62
C GLU A 103 15.15 -7.96 11.79
N GLY A 1 -19.91 13.91 -4.81
CA GLY A 1 -20.17 13.22 -3.53
C GLY A 1 -19.91 14.12 -2.34
N SER A 2 -20.21 13.63 -1.15
CA SER A 2 -20.02 14.43 0.05
C SER A 2 -19.21 13.68 1.10
N HIS A 3 -19.40 12.36 1.19
CA HIS A 3 -18.70 11.58 2.22
C HIS A 3 -17.30 11.18 1.78
N MET A 4 -16.63 12.10 1.09
CA MET A 4 -15.22 11.95 0.70
C MET A 4 -15.02 10.77 -0.25
N SER A 5 -15.57 10.90 -1.44
CA SER A 5 -15.36 9.91 -2.49
C SER A 5 -14.19 10.34 -3.37
N PRO A 6 -13.37 9.38 -3.82
CA PRO A 6 -12.22 9.66 -4.68
C PRO A 6 -12.63 10.02 -6.11
N ASP A 7 -13.19 11.22 -6.27
CA ASP A 7 -13.54 11.73 -7.59
C ASP A 7 -12.30 12.26 -8.29
N ARG A 8 -11.37 12.79 -7.50
CA ARG A 8 -10.10 13.26 -8.01
C ARG A 8 -9.01 12.25 -7.65
N CYS A 9 -9.07 11.10 -8.30
CA CYS A 9 -8.12 10.04 -8.05
C CYS A 9 -7.07 9.99 -9.17
N GLN A 10 -6.48 11.13 -9.45
CA GLN A 10 -5.49 11.24 -10.52
C GLN A 10 -4.11 11.62 -9.98
N ASP A 11 -4.06 12.01 -8.71
CA ASP A 11 -2.82 12.52 -8.13
C ASP A 11 -1.87 11.38 -7.80
N TRP A 12 -2.41 10.23 -7.43
CA TRP A 12 -1.58 9.11 -6.99
C TRP A 12 -0.73 8.58 -8.13
N LEU A 13 -1.21 8.74 -9.37
CA LEU A 13 -0.46 8.29 -10.54
C LEU A 13 0.85 9.06 -10.64
N GLU A 14 0.76 10.36 -10.43
CA GLU A 14 1.93 11.22 -10.46
C GLU A 14 2.77 11.04 -9.21
N ALA A 15 2.08 10.93 -8.07
CA ALA A 15 2.73 10.73 -6.79
C ALA A 15 3.67 9.53 -6.82
N LEU A 16 3.15 8.41 -7.33
CA LEU A 16 3.92 7.17 -7.38
C LEU A 16 5.04 7.24 -8.41
N HIS A 17 5.02 8.26 -9.26
CA HIS A 17 6.04 8.41 -10.29
C HIS A 17 7.26 9.17 -9.75
N TRP A 18 7.03 9.97 -8.72
CA TRP A 18 8.09 10.75 -8.10
C TRP A 18 8.39 10.22 -6.70
N TYR A 19 7.81 9.07 -6.39
CA TYR A 19 7.77 8.56 -5.03
C TYR A 19 9.08 7.93 -4.61
N ASN A 20 9.58 8.35 -3.45
CA ASN A 20 10.76 7.74 -2.82
C ASN A 20 10.86 8.22 -1.38
N THR A 21 10.19 7.52 -0.49
CA THR A 21 10.12 7.93 0.90
C THR A 21 10.98 7.05 1.80
N ALA A 22 10.48 5.84 2.08
CA ALA A 22 11.18 4.85 2.91
C ALA A 22 11.23 5.23 4.38
N LEU A 23 11.75 6.41 4.69
CA LEU A 23 11.89 6.84 6.07
C LEU A 23 10.83 7.86 6.46
N GLU A 24 10.67 8.88 5.63
CA GLU A 24 9.69 9.92 5.89
C GLU A 24 8.27 9.36 5.83
N MET A 25 7.63 9.28 6.98
CA MET A 25 6.28 8.74 7.08
C MET A 25 5.26 9.83 6.83
N THR A 26 4.70 9.86 5.63
CA THR A 26 3.74 10.87 5.27
C THR A 26 2.32 10.43 5.60
N ASP A 27 2.01 10.43 6.89
CA ASP A 27 0.68 10.05 7.35
C ASP A 27 -0.17 11.30 7.60
N CYS A 28 0.07 12.33 6.79
CA CYS A 28 -0.63 13.60 6.92
C CYS A 28 -2.01 13.53 6.28
N ASP A 29 -2.85 12.67 6.80
CA ASP A 29 -4.20 12.48 6.30
C ASP A 29 -5.02 11.73 7.34
N GLU A 30 -6.31 12.03 7.45
CA GLU A 30 -7.15 11.36 8.42
C GLU A 30 -8.31 10.64 7.73
N GLY A 31 -8.18 10.41 6.44
CA GLY A 31 -9.23 9.72 5.71
C GLY A 31 -9.59 10.46 4.44
N GLY A 32 -8.72 10.39 3.44
CA GLY A 32 -8.99 11.00 2.16
C GLY A 32 -10.14 10.35 1.43
N GLU A 33 -10.02 9.06 1.14
CA GLU A 33 -11.06 8.34 0.44
C GLU A 33 -11.85 7.45 1.40
N TYR A 34 -13.12 7.78 1.56
CA TYR A 34 -14.03 6.98 2.36
C TYR A 34 -15.05 6.33 1.44
N ASP A 35 -14.57 5.96 0.27
CA ASP A 35 -15.40 5.38 -0.78
C ASP A 35 -14.50 4.67 -1.78
N GLY A 36 -15.04 3.68 -2.47
CA GLY A 36 -14.26 2.95 -3.45
C GLY A 36 -14.66 1.49 -3.47
N MET A 37 -13.70 0.60 -3.64
CA MET A 37 -13.99 -0.81 -3.62
C MET A 37 -13.48 -1.42 -2.32
N GLN A 38 -14.35 -1.49 -1.33
CA GLN A 38 -14.04 -2.16 -0.08
C GLN A 38 -15.07 -3.24 0.21
N ASP A 39 -15.60 -3.82 -0.86
CA ASP A 39 -16.50 -4.97 -0.73
C ASP A 39 -15.72 -6.16 -0.22
N GLU A 40 -14.86 -6.68 -1.09
CA GLU A 40 -13.87 -7.66 -0.69
C GLU A 40 -12.50 -7.18 -1.14
N PRO A 41 -11.83 -6.38 -0.29
CA PRO A 41 -10.53 -5.83 -0.64
C PRO A 41 -9.40 -6.83 -0.46
N ARG A 42 -8.69 -7.13 -1.54
CA ARG A 42 -7.55 -8.03 -1.46
C ARG A 42 -6.32 -7.32 -0.91
N TYR A 43 -6.29 -5.99 -1.01
CA TYR A 43 -5.13 -5.23 -0.56
C TYR A 43 -4.90 -5.37 0.94
N MET A 44 -5.98 -5.56 1.68
CA MET A 44 -5.87 -5.76 3.12
C MET A 44 -5.24 -7.11 3.41
N MET A 45 -5.67 -8.13 2.67
CA MET A 45 -5.15 -9.48 2.84
C MET A 45 -3.69 -9.55 2.41
N LEU A 46 -3.40 -8.93 1.28
CA LEU A 46 -2.04 -8.90 0.74
C LEU A 46 -1.12 -8.09 1.65
N ALA A 47 -1.65 -7.03 2.25
CA ALA A 47 -0.85 -6.20 3.13
C ALA A 47 -0.66 -6.90 4.47
N ARG A 48 -1.69 -7.63 4.88
CA ARG A 48 -1.63 -8.45 6.09
C ARG A 48 -0.55 -9.50 5.94
N GLU A 49 -0.53 -10.16 4.79
CA GLU A 49 0.46 -11.17 4.51
C GLU A 49 1.83 -10.52 4.43
N ALA A 50 1.92 -9.39 3.74
CA ALA A 50 3.14 -8.61 3.67
C ALA A 50 3.65 -8.25 5.06
N GLU A 51 2.71 -7.86 5.94
CA GLU A 51 3.04 -7.52 7.31
C GLU A 51 3.57 -8.74 8.05
N MET A 52 2.96 -9.89 7.80
CA MET A 52 3.42 -11.14 8.41
C MET A 52 4.75 -11.56 7.83
N LEU A 53 5.03 -11.14 6.60
CA LEU A 53 6.31 -11.44 5.96
C LEU A 53 7.37 -10.41 6.37
N PHE A 54 6.91 -9.28 6.88
CA PHE A 54 7.82 -8.24 7.35
C PHE A 54 8.30 -8.52 8.77
N THR A 55 7.38 -8.80 9.68
CA THR A 55 7.75 -9.07 11.06
C THR A 55 8.05 -10.55 11.28
N GLY A 56 7.42 -11.40 10.48
CA GLY A 56 7.60 -12.82 10.64
C GLY A 56 6.47 -13.43 11.45
N GLY A 57 6.68 -14.64 11.94
CA GLY A 57 5.67 -15.29 12.74
C GLY A 57 5.87 -16.79 12.77
N TYR A 58 4.92 -17.50 13.33
CA TYR A 58 4.99 -18.96 13.40
C TYR A 58 4.50 -19.57 12.09
N GLY A 59 5.38 -19.62 11.11
CA GLY A 59 5.03 -20.14 9.81
C GLY A 59 5.39 -19.18 8.71
N LEU A 60 5.36 -17.89 9.04
CA LEU A 60 5.71 -16.85 8.09
C LEU A 60 7.14 -16.40 8.33
N GLU A 61 7.89 -16.20 7.27
CA GLU A 61 9.28 -15.77 7.39
C GLU A 61 9.39 -14.28 7.21
N LYS A 62 10.44 -13.69 7.78
CA LYS A 62 10.69 -12.27 7.60
C LYS A 62 11.59 -12.05 6.38
N ASP A 63 10.95 -11.91 5.23
CA ASP A 63 11.67 -11.77 3.98
C ASP A 63 11.38 -10.39 3.37
N PRO A 64 12.40 -9.49 3.40
CA PRO A 64 12.26 -8.12 2.88
C PRO A 64 11.74 -8.05 1.45
N GLN A 65 12.17 -8.98 0.61
CA GLN A 65 11.81 -8.96 -0.80
C GLN A 65 10.35 -9.38 -0.96
N ARG A 66 9.96 -10.41 -0.23
CA ARG A 66 8.62 -10.94 -0.32
C ARG A 66 7.65 -9.94 0.30
N SER A 67 8.08 -9.36 1.42
CA SER A 67 7.30 -8.34 2.11
C SER A 67 6.99 -7.18 1.17
N GLY A 68 8.03 -6.61 0.55
CA GLY A 68 7.81 -5.47 -0.33
C GLY A 68 7.06 -5.85 -1.58
N ASP A 69 7.27 -7.08 -2.05
CA ASP A 69 6.55 -7.57 -3.23
C ASP A 69 5.06 -7.65 -2.92
N LEU A 70 4.72 -8.15 -1.75
CA LEU A 70 3.33 -8.24 -1.33
C LEU A 70 2.76 -6.86 -1.07
N TYR A 71 3.57 -5.97 -0.50
CA TYR A 71 3.11 -4.60 -0.25
C TYR A 71 2.88 -3.86 -1.57
N THR A 72 3.71 -4.12 -2.56
CA THR A 72 3.54 -3.49 -3.86
C THR A 72 2.35 -4.08 -4.60
N GLN A 73 2.14 -5.39 -4.47
CA GLN A 73 0.95 -6.02 -5.02
C GLN A 73 -0.28 -5.49 -4.31
N ALA A 74 -0.17 -5.32 -3.01
CA ALA A 74 -1.24 -4.74 -2.22
C ALA A 74 -1.54 -3.33 -2.67
N ALA A 75 -0.49 -2.56 -2.99
CA ALA A 75 -0.67 -1.21 -3.48
C ALA A 75 -1.37 -1.22 -4.83
N GLU A 76 -1.03 -2.22 -5.65
CA GLU A 76 -1.71 -2.42 -6.91
C GLU A 76 -3.21 -2.61 -6.66
N ALA A 77 -3.53 -3.52 -5.76
CA ALA A 77 -4.91 -3.80 -5.42
C ALA A 77 -5.59 -2.56 -4.83
N ALA A 78 -4.81 -1.76 -4.13
CA ALA A 78 -5.33 -0.54 -3.52
C ALA A 78 -5.66 0.50 -4.58
N MET A 79 -4.73 0.73 -5.50
CA MET A 79 -4.94 1.70 -6.56
C MET A 79 -6.06 1.27 -7.49
N GLU A 80 -6.22 -0.05 -7.65
CA GLU A 80 -7.29 -0.59 -8.49
C GLU A 80 -8.63 -0.52 -7.78
N ALA A 81 -8.61 -0.33 -6.47
CA ALA A 81 -9.82 -0.23 -5.68
C ALA A 81 -10.12 1.23 -5.33
N MET A 82 -9.43 2.16 -6.00
CA MET A 82 -9.62 3.60 -5.78
C MET A 82 -9.19 4.00 -4.37
N LYS A 83 -8.15 3.34 -3.87
CA LYS A 83 -7.60 3.66 -2.57
C LYS A 83 -6.18 4.20 -2.72
N GLY A 84 -6.09 5.43 -3.23
CA GLY A 84 -4.81 6.07 -3.45
C GLY A 84 -3.92 6.10 -2.22
N ARG A 85 -4.47 6.52 -1.07
CA ARG A 85 -3.67 6.60 0.14
C ARG A 85 -3.12 5.23 0.54
N LEU A 86 -3.94 4.20 0.37
CA LEU A 86 -3.52 2.85 0.71
C LEU A 86 -2.35 2.43 -0.17
N ALA A 87 -2.48 2.70 -1.47
CA ALA A 87 -1.41 2.43 -2.42
C ALA A 87 -0.14 3.20 -2.03
N ASN A 88 -0.32 4.47 -1.68
CA ASN A 88 0.79 5.33 -1.29
C ASN A 88 1.49 4.78 -0.05
N GLN A 89 0.69 4.46 0.97
CA GLN A 89 1.22 3.89 2.21
C GLN A 89 1.94 2.57 1.95
N TYR A 90 1.27 1.66 1.27
CA TYR A 90 1.88 0.35 0.98
C TYR A 90 3.18 0.49 0.19
N TYR A 91 3.26 1.48 -0.70
CA TYR A 91 4.54 1.76 -1.37
C TYR A 91 5.56 2.29 -0.38
N GLN A 92 5.12 3.19 0.50
CA GLN A 92 5.97 3.75 1.54
C GLN A 92 6.44 2.67 2.50
N LYS A 93 5.62 1.64 2.66
CA LYS A 93 5.91 0.56 3.58
C LYS A 93 6.82 -0.44 2.89
N ALA A 94 6.64 -0.60 1.59
CA ALA A 94 7.55 -1.41 0.79
C ALA A 94 8.94 -0.79 0.79
N GLU A 95 8.99 0.52 0.57
CA GLU A 95 10.25 1.24 0.62
C GLU A 95 10.87 1.13 1.99
N GLU A 96 10.06 1.33 3.03
CA GLU A 96 10.53 1.17 4.40
C GLU A 96 11.06 -0.25 4.62
N ALA A 97 10.33 -1.24 4.13
CA ALA A 97 10.74 -2.62 4.23
C ALA A 97 12.16 -2.82 3.70
N TRP A 98 12.38 -2.40 2.46
CA TRP A 98 13.70 -2.57 1.84
C TRP A 98 14.76 -1.67 2.47
N ALA A 99 14.38 -0.45 2.85
CA ALA A 99 15.34 0.52 3.35
C ALA A 99 15.77 0.19 4.78
N GLN A 100 14.82 -0.33 5.57
CA GLN A 100 15.07 -0.62 6.98
C GLN A 100 16.01 -1.81 7.16
N MET A 101 16.27 -2.52 6.06
CA MET A 101 17.11 -3.71 6.12
C MET A 101 18.59 -3.35 6.19
N GLU A 102 18.87 -2.06 6.34
CA GLU A 102 20.23 -1.60 6.60
C GLU A 102 20.59 -1.86 8.06
N GLU A 103 19.57 -2.07 8.87
CA GLU A 103 19.75 -2.38 10.28
C GLU A 103 19.76 -3.89 10.47
N GLY A 1 -21.87 10.46 2.55
CA GLY A 1 -21.57 11.65 1.73
C GLY A 1 -20.31 11.49 0.92
N SER A 2 -20.30 12.05 -0.28
CA SER A 2 -19.16 11.97 -1.16
C SER A 2 -18.07 12.94 -0.70
N HIS A 3 -17.00 12.39 -0.14
CA HIS A 3 -15.88 13.19 0.33
C HIS A 3 -14.61 12.74 -0.36
N MET A 4 -14.32 13.36 -1.50
CA MET A 4 -13.15 13.03 -2.31
C MET A 4 -13.31 11.63 -2.90
N SER A 5 -14.12 11.53 -3.94
CA SER A 5 -14.36 10.27 -4.61
C SER A 5 -13.55 10.18 -5.90
N PRO A 6 -12.65 9.19 -5.99
CA PRO A 6 -11.79 8.99 -7.16
C PRO A 6 -12.54 8.34 -8.32
N ASP A 7 -13.64 8.96 -8.71
CA ASP A 7 -14.50 8.43 -9.77
C ASP A 7 -13.81 8.46 -11.12
N ARG A 8 -13.13 9.56 -11.39
CA ARG A 8 -12.46 9.72 -12.68
C ARG A 8 -11.14 10.47 -12.56
N CYS A 9 -10.75 10.78 -11.33
CA CYS A 9 -9.43 11.33 -11.10
C CYS A 9 -8.44 10.18 -10.97
N GLN A 10 -7.68 9.95 -12.03
CA GLN A 10 -6.75 8.84 -12.06
C GLN A 10 -5.31 9.34 -12.17
N ASP A 11 -5.13 10.63 -11.91
CA ASP A 11 -3.81 11.26 -11.98
C ASP A 11 -2.87 10.67 -10.94
N TRP A 12 -3.43 10.27 -9.80
CA TRP A 12 -2.62 9.75 -8.71
C TRP A 12 -2.06 8.37 -9.04
N LEU A 13 -2.66 7.68 -10.00
CA LEU A 13 -2.13 6.41 -10.48
C LEU A 13 -0.75 6.64 -11.08
N GLU A 14 -0.64 7.70 -11.86
CA GLU A 14 0.61 8.09 -12.47
C GLU A 14 1.54 8.70 -11.44
N ALA A 15 0.99 9.58 -10.62
CA ALA A 15 1.74 10.26 -9.58
C ALA A 15 2.41 9.27 -8.63
N LEU A 16 1.69 8.21 -8.29
CA LEU A 16 2.20 7.18 -7.37
C LEU A 16 3.43 6.47 -7.95
N HIS A 17 3.54 6.49 -9.27
CA HIS A 17 4.65 5.81 -9.94
C HIS A 17 5.92 6.67 -9.87
N TRP A 18 5.74 7.93 -9.50
CA TRP A 18 6.86 8.86 -9.34
C TRP A 18 6.95 9.31 -7.89
N TYR A 19 6.17 8.67 -7.03
CA TYR A 19 6.04 9.10 -5.64
C TYR A 19 6.94 8.24 -4.74
N ASN A 20 8.23 8.52 -4.77
CA ASN A 20 9.20 7.77 -3.99
C ASN A 20 9.26 8.31 -2.57
N THR A 21 8.53 7.67 -1.66
CA THR A 21 8.52 8.08 -0.27
C THR A 21 8.76 6.88 0.64
N ALA A 22 9.75 6.98 1.50
CA ALA A 22 10.02 5.96 2.49
C ALA A 22 9.95 6.55 3.90
N LEU A 23 10.91 7.38 4.24
CA LEU A 23 10.97 7.98 5.57
C LEU A 23 10.02 9.17 5.68
N GLU A 24 9.70 9.77 4.54
CA GLU A 24 8.81 10.91 4.51
C GLU A 24 7.37 10.45 4.71
N MET A 25 6.92 10.47 5.96
CA MET A 25 5.56 10.10 6.29
C MET A 25 4.58 11.10 5.71
N THR A 26 3.95 10.72 4.62
CA THR A 26 3.05 11.60 3.91
C THR A 26 1.64 11.53 4.47
N ASP A 27 1.40 12.27 5.54
CA ASP A 27 0.06 12.40 6.11
C ASP A 27 -0.71 13.46 5.33
N CYS A 28 -0.73 13.31 4.02
CA CYS A 28 -1.30 14.32 3.13
C CYS A 28 -2.78 14.07 2.88
N ASP A 29 -3.46 13.50 3.87
CA ASP A 29 -4.88 13.26 3.77
C ASP A 29 -5.53 13.34 5.14
N GLU A 30 -6.58 14.14 5.24
CA GLU A 30 -7.26 14.34 6.52
C GLU A 30 -8.42 13.36 6.69
N GLY A 31 -8.20 12.12 6.29
CA GLY A 31 -9.23 11.11 6.43
C GLY A 31 -10.33 11.26 5.39
N GLY A 32 -9.94 11.33 4.13
CA GLY A 32 -10.91 11.45 3.07
C GLY A 32 -11.07 10.16 2.30
N GLU A 33 -10.95 10.24 0.98
CA GLU A 33 -11.03 9.09 0.09
C GLU A 33 -12.35 8.33 0.26
N TYR A 34 -13.37 8.80 -0.43
CA TYR A 34 -14.66 8.12 -0.44
C TYR A 34 -14.79 7.32 -1.72
N ASP A 35 -14.15 6.16 -1.72
CA ASP A 35 -14.15 5.27 -2.88
C ASP A 35 -15.29 4.28 -2.79
N GLY A 36 -15.25 3.25 -3.62
CA GLY A 36 -16.31 2.26 -3.63
C GLY A 36 -16.26 1.36 -2.41
N MET A 37 -15.06 0.88 -2.08
CA MET A 37 -14.87 -0.11 -1.02
C MET A 37 -15.77 -1.31 -1.26
N GLN A 38 -15.30 -2.24 -2.07
CA GLN A 38 -16.10 -3.36 -2.55
C GLN A 38 -16.23 -4.47 -1.49
N ASP A 39 -16.74 -4.07 -0.32
CA ASP A 39 -17.05 -4.98 0.78
C ASP A 39 -15.82 -5.68 1.35
N GLU A 40 -15.31 -6.67 0.64
CA GLU A 40 -14.15 -7.43 1.10
C GLU A 40 -12.88 -6.94 0.40
N PRO A 41 -12.01 -6.22 1.11
CA PRO A 41 -10.79 -5.67 0.52
C PRO A 41 -9.68 -6.72 0.40
N ARG A 42 -9.20 -6.93 -0.82
CA ARG A 42 -8.12 -7.88 -1.05
C ARG A 42 -6.76 -7.26 -0.69
N TYR A 43 -6.64 -5.95 -0.89
CA TYR A 43 -5.39 -5.24 -0.66
C TYR A 43 -4.96 -5.33 0.81
N MET A 44 -5.95 -5.37 1.70
CA MET A 44 -5.67 -5.45 3.13
C MET A 44 -5.19 -6.85 3.49
N MET A 45 -5.66 -7.84 2.75
CA MET A 45 -5.24 -9.22 2.98
C MET A 45 -3.81 -9.37 2.46
N LEU A 46 -3.57 -8.84 1.27
CA LEU A 46 -2.24 -8.86 0.67
C LEU A 46 -1.24 -8.10 1.56
N ALA A 47 -1.72 -7.00 2.16
CA ALA A 47 -0.88 -6.20 3.02
C ALA A 47 -0.69 -6.86 4.38
N ARG A 48 -1.72 -7.56 4.85
CA ARG A 48 -1.63 -8.34 6.07
C ARG A 48 -0.62 -9.45 5.88
N GLU A 49 -0.64 -10.05 4.70
CA GLU A 49 0.30 -11.09 4.34
C GLU A 49 1.71 -10.51 4.34
N ALA A 50 1.86 -9.38 3.66
CA ALA A 50 3.12 -8.65 3.63
C ALA A 50 3.60 -8.31 5.04
N GLU A 51 2.65 -7.93 5.89
CA GLU A 51 2.96 -7.58 7.27
C GLU A 51 3.46 -8.80 8.03
N MET A 52 2.84 -9.95 7.77
CA MET A 52 3.26 -11.20 8.39
C MET A 52 4.55 -11.71 7.76
N LEU A 53 4.87 -11.21 6.57
CA LEU A 53 6.14 -11.54 5.93
C LEU A 53 7.25 -10.64 6.42
N PHE A 54 6.89 -9.42 6.83
CA PHE A 54 7.88 -8.47 7.32
C PHE A 54 8.19 -8.70 8.79
N THR A 55 7.15 -8.78 9.62
CA THR A 55 7.35 -8.98 11.05
C THR A 55 7.40 -10.47 11.40
N GLY A 56 7.01 -11.31 10.46
CA GLY A 56 6.94 -12.73 10.72
C GLY A 56 5.59 -13.14 11.26
N GLY A 57 5.45 -14.38 11.68
CA GLY A 57 4.19 -14.84 12.19
C GLY A 57 4.11 -16.35 12.27
N TYR A 58 2.93 -16.85 12.59
CA TYR A 58 2.72 -18.29 12.72
C TYR A 58 2.84 -18.99 11.38
N GLY A 59 4.04 -19.46 11.09
CA GLY A 59 4.28 -20.16 9.84
C GLY A 59 4.72 -19.24 8.74
N LEU A 60 4.98 -17.98 9.08
CA LEU A 60 5.42 -17.00 8.08
C LEU A 60 6.89 -16.70 8.25
N GLU A 61 7.65 -16.95 7.19
CA GLU A 61 9.08 -16.65 7.16
C GLU A 61 9.29 -15.17 6.86
N LYS A 62 9.98 -14.47 7.74
CA LYS A 62 10.23 -13.05 7.51
C LYS A 62 11.23 -12.86 6.37
N ASP A 63 10.83 -12.08 5.38
CA ASP A 63 11.64 -11.89 4.18
C ASP A 63 11.38 -10.51 3.58
N PRO A 64 12.33 -9.56 3.75
CA PRO A 64 12.20 -8.18 3.25
C PRO A 64 11.83 -8.10 1.77
N GLN A 65 12.30 -9.05 0.98
CA GLN A 65 12.03 -9.07 -0.46
C GLN A 65 10.55 -9.36 -0.69
N ARG A 66 10.08 -10.44 -0.08
CA ARG A 66 8.71 -10.87 -0.24
C ARG A 66 7.76 -9.86 0.38
N SER A 67 8.20 -9.28 1.49
CA SER A 67 7.45 -8.22 2.15
C SER A 67 7.15 -7.10 1.18
N GLY A 68 8.17 -6.58 0.50
CA GLY A 68 7.98 -5.50 -0.43
C GLY A 68 7.18 -5.94 -1.63
N ASP A 69 7.40 -7.18 -2.07
CA ASP A 69 6.68 -7.72 -3.23
C ASP A 69 5.18 -7.75 -2.93
N LEU A 70 4.84 -8.21 -1.74
CA LEU A 70 3.45 -8.30 -1.33
C LEU A 70 2.88 -6.91 -1.02
N TYR A 71 3.69 -6.04 -0.43
CA TYR A 71 3.25 -4.68 -0.16
C TYR A 71 2.99 -3.91 -1.46
N THR A 72 3.83 -4.14 -2.47
CA THR A 72 3.65 -3.48 -3.74
C THR A 72 2.47 -4.07 -4.50
N GLN A 73 2.28 -5.37 -4.36
CA GLN A 73 1.12 -6.03 -4.93
C GLN A 73 -0.15 -5.54 -4.24
N ALA A 74 -0.06 -5.36 -2.93
CA ALA A 74 -1.15 -4.81 -2.15
C ALA A 74 -1.43 -3.37 -2.55
N ALA A 75 -0.38 -2.59 -2.78
CA ALA A 75 -0.54 -1.21 -3.21
C ALA A 75 -1.17 -1.17 -4.59
N GLU A 76 -0.80 -2.15 -5.42
CA GLU A 76 -1.39 -2.28 -6.74
C GLU A 76 -2.88 -2.56 -6.61
N ALA A 77 -3.23 -3.46 -5.71
CA ALA A 77 -4.64 -3.79 -5.46
C ALA A 77 -5.36 -2.62 -4.82
N ALA A 78 -4.62 -1.80 -4.08
CA ALA A 78 -5.18 -0.63 -3.43
C ALA A 78 -5.46 0.46 -4.45
N MET A 79 -4.49 0.73 -5.31
CA MET A 79 -4.66 1.75 -6.34
C MET A 79 -5.66 1.28 -7.39
N GLU A 80 -5.72 -0.02 -7.60
CA GLU A 80 -6.71 -0.61 -8.49
C GLU A 80 -8.10 -0.46 -7.89
N ALA A 81 -8.16 -0.48 -6.56
CA ALA A 81 -9.43 -0.32 -5.85
C ALA A 81 -9.78 1.16 -5.69
N MET A 82 -9.02 2.02 -6.36
CA MET A 82 -9.25 3.46 -6.32
C MET A 82 -8.94 4.04 -4.95
N LYS A 83 -7.99 3.42 -4.25
CA LYS A 83 -7.62 3.86 -2.92
C LYS A 83 -6.15 4.27 -2.86
N GLY A 84 -5.89 5.48 -3.36
CA GLY A 84 -4.54 6.00 -3.43
C GLY A 84 -3.89 6.18 -2.07
N ARG A 85 -4.67 6.51 -1.05
CA ARG A 85 -4.13 6.70 0.30
C ARG A 85 -3.50 5.39 0.80
N LEU A 86 -4.27 4.32 0.67
CA LEU A 86 -3.81 2.99 1.05
C LEU A 86 -2.61 2.59 0.20
N ALA A 87 -2.73 2.80 -1.11
CA ALA A 87 -1.66 2.50 -2.05
C ALA A 87 -0.38 3.26 -1.68
N ASN A 88 -0.56 4.52 -1.28
CA ASN A 88 0.57 5.34 -0.85
C ASN A 88 1.23 4.73 0.38
N GLN A 89 0.42 4.45 1.39
CA GLN A 89 0.93 3.84 2.62
C GLN A 89 1.68 2.54 2.32
N TYR A 90 1.00 1.62 1.65
CA TYR A 90 1.58 0.32 1.37
C TYR A 90 2.83 0.42 0.48
N TYR A 91 2.86 1.37 -0.46
CA TYR A 91 4.06 1.53 -1.27
C TYR A 91 5.18 2.11 -0.40
N GLN A 92 4.82 3.06 0.45
CA GLN A 92 5.77 3.67 1.37
C GLN A 92 6.29 2.63 2.36
N LYS A 93 5.47 1.61 2.57
CA LYS A 93 5.81 0.53 3.49
C LYS A 93 6.73 -0.45 2.77
N ALA A 94 6.48 -0.63 1.47
CA ALA A 94 7.33 -1.45 0.62
C ALA A 94 8.68 -0.78 0.42
N GLU A 95 8.65 0.53 0.26
CA GLU A 95 9.85 1.30 0.04
C GLU A 95 10.71 1.24 1.29
N GLU A 96 10.06 1.40 2.45
CA GLU A 96 10.75 1.24 3.73
C GLU A 96 11.23 -0.20 3.92
N ALA A 97 10.45 -1.17 3.46
CA ALA A 97 10.84 -2.57 3.56
C ALA A 97 12.18 -2.80 2.90
N TRP A 98 12.32 -2.35 1.66
CA TRP A 98 13.56 -2.51 0.92
C TRP A 98 14.63 -1.52 1.38
N ALA A 99 14.21 -0.35 1.86
CA ALA A 99 15.16 0.64 2.36
C ALA A 99 15.80 0.18 3.66
N GLN A 100 15.00 -0.44 4.52
CA GLN A 100 15.44 -0.88 5.82
C GLN A 100 16.24 -2.18 5.72
N MET A 101 15.59 -3.23 5.18
CA MET A 101 16.20 -4.57 5.10
C MET A 101 16.95 -4.91 6.39
N GLU A 102 16.33 -4.60 7.51
CA GLU A 102 16.99 -4.72 8.79
C GLU A 102 15.97 -5.17 9.84
N GLU A 103 16.47 -5.65 10.97
CA GLU A 103 15.63 -6.10 12.08
C GLU A 103 14.80 -7.30 11.68
N GLY A 1 -18.35 1.79 -21.42
CA GLY A 1 -17.35 0.89 -20.81
C GLY A 1 -16.58 1.57 -19.69
N SER A 2 -16.70 1.03 -18.49
CA SER A 2 -16.04 1.62 -17.33
C SER A 2 -15.36 0.57 -16.46
N HIS A 3 -14.55 -0.28 -17.10
CA HIS A 3 -13.78 -1.26 -16.34
C HIS A 3 -12.49 -0.62 -15.82
N MET A 4 -12.19 0.56 -16.36
CA MET A 4 -11.04 1.34 -15.93
C MET A 4 -11.30 2.82 -16.18
N SER A 5 -12.20 3.39 -15.40
CA SER A 5 -12.54 4.79 -15.54
C SER A 5 -12.40 5.53 -14.21
N PRO A 6 -11.17 5.78 -13.77
CA PRO A 6 -10.89 6.41 -12.49
C PRO A 6 -11.00 7.94 -12.56
N ASP A 7 -12.09 8.42 -13.13
CA ASP A 7 -12.29 9.86 -13.33
C ASP A 7 -12.27 10.61 -11.99
N ARG A 8 -12.91 10.02 -10.99
CA ARG A 8 -12.96 10.65 -9.66
C ARG A 8 -12.11 9.90 -8.66
N CYS A 9 -11.25 9.02 -9.14
CA CYS A 9 -10.41 8.20 -8.27
C CYS A 9 -9.06 7.93 -8.92
N GLN A 10 -8.41 9.00 -9.36
CA GLN A 10 -7.11 8.89 -9.99
C GLN A 10 -6.07 9.62 -9.14
N ASP A 11 -6.37 9.74 -7.85
CA ASP A 11 -5.47 10.38 -6.90
C ASP A 11 -4.26 9.48 -6.62
N TRP A 12 -4.41 8.19 -6.92
CA TRP A 12 -3.38 7.22 -6.60
C TRP A 12 -2.09 7.49 -7.39
N LEU A 13 -2.23 8.09 -8.56
CA LEU A 13 -1.06 8.47 -9.35
C LEU A 13 -0.24 9.49 -8.57
N GLU A 14 -0.93 10.43 -7.93
CA GLU A 14 -0.28 11.42 -7.12
C GLU A 14 0.17 10.83 -5.79
N ALA A 15 -0.59 9.86 -5.30
CA ALA A 15 -0.24 9.17 -4.07
C ALA A 15 1.16 8.59 -4.13
N LEU A 16 1.50 7.99 -5.26
CA LEU A 16 2.84 7.45 -5.48
C LEU A 16 3.80 8.52 -6.00
N HIS A 17 3.25 9.67 -6.38
CA HIS A 17 4.04 10.77 -6.91
C HIS A 17 4.61 11.63 -5.78
N TRP A 18 3.80 11.86 -4.75
CA TRP A 18 4.23 12.68 -3.62
C TRP A 18 5.28 11.97 -2.78
N TYR A 19 5.21 10.64 -2.74
CA TYR A 19 6.13 9.87 -1.90
C TYR A 19 6.83 8.79 -2.71
N ASN A 20 8.14 8.95 -2.87
CA ASN A 20 8.97 7.94 -3.51
C ASN A 20 10.44 8.18 -3.14
N THR A 21 10.93 7.40 -2.20
CA THR A 21 12.29 7.55 -1.72
C THR A 21 13.26 6.74 -2.57
N ALA A 22 13.00 5.45 -2.67
CA ALA A 22 13.88 4.54 -3.39
C ALA A 22 13.09 3.73 -4.42
N LEU A 23 13.72 3.50 -5.57
CA LEU A 23 13.13 2.70 -6.64
C LEU A 23 11.85 3.34 -7.17
N GLU A 24 12.01 4.16 -8.19
CA GLU A 24 10.88 4.83 -8.81
C GLU A 24 10.06 3.86 -9.65
N MET A 25 9.20 3.11 -8.99
CA MET A 25 8.29 2.21 -9.69
C MET A 25 7.12 3.00 -10.23
N THR A 26 6.26 3.47 -9.32
CA THR A 26 5.12 4.30 -9.67
C THR A 26 4.34 3.73 -10.87
N ASP A 27 3.68 2.60 -10.65
CA ASP A 27 2.99 1.91 -11.73
C ASP A 27 1.69 2.64 -12.08
N CYS A 28 1.78 3.53 -13.05
CA CYS A 28 0.62 4.29 -13.49
C CYS A 28 -0.24 3.46 -14.44
N ASP A 29 -0.81 2.39 -13.89
CA ASP A 29 -1.68 1.48 -14.66
C ASP A 29 -0.92 0.85 -15.83
N GLU A 30 -0.05 -0.09 -15.51
CA GLU A 30 0.66 -0.83 -16.54
C GLU A 30 0.12 -2.25 -16.64
N GLY A 31 -0.77 -2.47 -17.59
CA GLY A 31 -1.39 -3.77 -17.75
C GLY A 31 -2.47 -4.01 -16.72
N GLY A 32 -2.95 -2.94 -16.11
CA GLY A 32 -3.94 -3.05 -15.06
C GLY A 32 -5.36 -3.07 -15.61
N GLU A 33 -5.97 -1.89 -15.66
CA GLU A 33 -7.35 -1.74 -16.11
C GLU A 33 -8.31 -2.57 -15.26
N TYR A 34 -8.61 -2.09 -14.07
CA TYR A 34 -9.52 -2.79 -13.18
C TYR A 34 -10.04 -1.85 -12.09
N ASP A 35 -10.34 -0.61 -12.50
CA ASP A 35 -10.92 0.37 -11.59
C ASP A 35 -12.39 0.01 -11.32
N GLY A 36 -12.58 -0.95 -10.43
CA GLY A 36 -13.92 -1.40 -10.10
C GLY A 36 -14.19 -1.43 -8.61
N MET A 37 -13.12 -1.50 -7.81
CA MET A 37 -13.24 -1.63 -6.35
C MET A 37 -14.03 -2.87 -5.96
N GLN A 38 -13.32 -3.97 -5.77
CA GLN A 38 -13.92 -5.21 -5.31
C GLN A 38 -14.51 -5.01 -3.93
N ASP A 39 -15.66 -5.63 -3.69
CA ASP A 39 -16.37 -5.50 -2.42
C ASP A 39 -15.52 -6.04 -1.28
N GLU A 40 -14.68 -6.99 -1.60
CA GLU A 40 -13.72 -7.51 -0.65
C GLU A 40 -12.34 -6.96 -0.98
N PRO A 41 -11.74 -6.17 -0.08
CA PRO A 41 -10.49 -5.48 -0.37
C PRO A 41 -9.31 -6.44 -0.51
N ARG A 42 -8.67 -6.41 -1.67
CA ARG A 42 -7.56 -7.30 -1.96
C ARG A 42 -6.27 -6.80 -1.28
N TYR A 43 -6.14 -5.49 -1.18
CA TYR A 43 -4.92 -4.88 -0.66
C TYR A 43 -4.69 -5.21 0.80
N MET A 44 -5.77 -5.38 1.56
CA MET A 44 -5.65 -5.63 2.99
C MET A 44 -5.11 -7.02 3.25
N MET A 45 -5.56 -7.99 2.46
CA MET A 45 -5.10 -9.37 2.64
C MET A 45 -3.63 -9.46 2.23
N LEU A 46 -3.32 -8.81 1.11
CA LEU A 46 -1.94 -8.78 0.62
C LEU A 46 -1.02 -8.06 1.60
N ALA A 47 -1.54 -7.03 2.26
CA ALA A 47 -0.75 -6.27 3.21
C ALA A 47 -0.63 -7.03 4.52
N ARG A 48 -1.66 -7.81 4.83
CA ARG A 48 -1.63 -8.68 6.00
C ARG A 48 -0.53 -9.71 5.88
N GLU A 49 -0.43 -10.34 4.71
CA GLU A 49 0.62 -11.30 4.47
C GLU A 49 1.97 -10.59 4.47
N ALA A 50 2.02 -9.41 3.87
CA ALA A 50 3.22 -8.59 3.89
C ALA A 50 3.65 -8.29 5.32
N GLU A 51 2.67 -8.01 6.17
CA GLU A 51 2.92 -7.74 7.57
C GLU A 51 3.50 -8.96 8.26
N MET A 52 2.92 -10.12 7.97
CA MET A 52 3.38 -11.38 8.56
C MET A 52 4.77 -11.75 8.06
N LEU A 53 5.09 -11.35 6.84
CA LEU A 53 6.40 -11.65 6.26
C LEU A 53 7.45 -10.67 6.73
N PHE A 54 7.04 -9.44 6.99
CA PHE A 54 7.96 -8.40 7.42
C PHE A 54 8.42 -8.64 8.85
N THR A 55 7.47 -8.96 9.72
CA THR A 55 7.79 -9.21 11.12
C THR A 55 8.17 -10.68 11.36
N GLY A 56 7.55 -11.58 10.61
CA GLY A 56 7.79 -12.99 10.80
C GLY A 56 7.14 -13.51 12.07
N GLY A 57 7.85 -14.32 12.82
CA GLY A 57 7.37 -14.75 14.12
C GLY A 57 6.49 -15.98 14.04
N TYR A 58 5.32 -15.84 13.41
CA TYR A 58 4.33 -16.93 13.35
C TYR A 58 4.73 -18.01 12.36
N GLY A 59 5.82 -18.72 12.66
CA GLY A 59 6.29 -19.80 11.81
C GLY A 59 6.87 -19.29 10.51
N LEU A 60 6.98 -17.98 10.39
CA LEU A 60 7.48 -17.35 9.19
C LEU A 60 8.80 -16.66 9.46
N GLU A 61 9.78 -16.89 8.62
CA GLU A 61 11.03 -16.16 8.67
C GLU A 61 10.83 -14.80 8.02
N LYS A 62 11.16 -13.75 8.74
CA LYS A 62 10.96 -12.40 8.23
C LYS A 62 11.78 -12.19 6.96
N ASP A 63 11.10 -11.77 5.91
CA ASP A 63 11.74 -11.61 4.60
C ASP A 63 11.34 -10.28 3.98
N PRO A 64 12.21 -9.25 4.10
CA PRO A 64 11.94 -7.91 3.55
C PRO A 64 11.65 -7.92 2.05
N GLN A 65 12.19 -8.90 1.35
CA GLN A 65 12.02 -8.99 -0.11
C GLN A 65 10.57 -9.29 -0.45
N ARG A 66 10.04 -10.37 0.11
CA ARG A 66 8.67 -10.77 -0.15
C ARG A 66 7.72 -9.74 0.44
N SER A 67 8.13 -9.15 1.57
CA SER A 67 7.34 -8.11 2.21
C SER A 67 7.09 -6.96 1.23
N GLY A 68 8.14 -6.48 0.55
CA GLY A 68 7.96 -5.40 -0.39
C GLY A 68 7.20 -5.84 -1.62
N ASP A 69 7.39 -7.09 -2.01
CA ASP A 69 6.67 -7.63 -3.17
C ASP A 69 5.18 -7.66 -2.87
N LEU A 70 4.83 -8.06 -1.66
CA LEU A 70 3.44 -8.12 -1.24
C LEU A 70 2.88 -6.72 -1.05
N TYR A 71 3.68 -5.80 -0.54
CA TYR A 71 3.23 -4.42 -0.36
C TYR A 71 3.07 -3.70 -1.69
N THR A 72 3.91 -4.03 -2.67
CA THR A 72 3.77 -3.45 -4.00
C THR A 72 2.54 -4.03 -4.69
N GLN A 73 2.30 -5.32 -4.48
CA GLN A 73 1.08 -5.94 -4.97
C GLN A 73 -0.12 -5.31 -4.28
N ALA A 74 0.02 -5.08 -2.98
CA ALA A 74 -1.03 -4.44 -2.21
C ALA A 74 -1.29 -3.03 -2.71
N ALA A 75 -0.24 -2.29 -3.06
CA ALA A 75 -0.41 -0.94 -3.60
C ALA A 75 -1.13 -1.00 -4.94
N GLU A 76 -0.80 -2.02 -5.73
CA GLU A 76 -1.48 -2.25 -6.99
C GLU A 76 -2.97 -2.48 -6.73
N ALA A 77 -3.26 -3.30 -5.75
CA ALA A 77 -4.63 -3.63 -5.40
C ALA A 77 -5.34 -2.43 -4.79
N ALA A 78 -4.57 -1.55 -4.15
CA ALA A 78 -5.11 -0.35 -3.54
C ALA A 78 -5.51 0.66 -4.60
N MET A 79 -4.62 0.89 -5.57
CA MET A 79 -4.92 1.80 -6.66
C MET A 79 -6.03 1.22 -7.53
N GLU A 80 -6.12 -0.11 -7.53
CA GLU A 80 -7.15 -0.84 -8.24
C GLU A 80 -8.50 -0.69 -7.53
N ALA A 81 -8.43 -0.54 -6.21
CA ALA A 81 -9.63 -0.42 -5.39
C ALA A 81 -9.97 1.04 -5.13
N MET A 82 -9.42 1.93 -5.94
CA MET A 82 -9.71 3.36 -5.87
C MET A 82 -9.26 3.96 -4.54
N LYS A 83 -8.20 3.39 -3.95
CA LYS A 83 -7.73 3.83 -2.65
C LYS A 83 -6.33 4.45 -2.76
N GLY A 84 -6.29 5.74 -3.08
CA GLY A 84 -5.03 6.44 -3.23
C GLY A 84 -4.13 6.39 -2.01
N ARG A 85 -4.66 6.81 -0.85
CA ARG A 85 -3.87 6.86 0.37
C ARG A 85 -3.37 5.47 0.76
N LEU A 86 -4.19 4.46 0.54
CA LEU A 86 -3.80 3.08 0.84
C LEU A 86 -2.62 2.68 -0.04
N ALA A 87 -2.71 3.05 -1.32
CA ALA A 87 -1.63 2.79 -2.26
C ALA A 87 -0.36 3.49 -1.81
N ASN A 88 -0.51 4.73 -1.32
CA ASN A 88 0.62 5.48 -0.79
C ASN A 88 1.25 4.74 0.40
N GLN A 89 0.41 4.35 1.35
CA GLN A 89 0.87 3.64 2.54
C GLN A 89 1.63 2.38 2.15
N TYR A 90 0.98 1.51 1.39
CA TYR A 90 1.60 0.25 0.98
C TYR A 90 2.85 0.47 0.15
N TYR A 91 2.89 1.55 -0.64
CA TYR A 91 4.09 1.87 -1.40
C TYR A 91 5.19 2.34 -0.45
N GLN A 92 4.79 3.11 0.56
CA GLN A 92 5.69 3.59 1.59
C GLN A 92 6.23 2.41 2.40
N LYS A 93 5.44 1.35 2.47
CA LYS A 93 5.81 0.18 3.24
C LYS A 93 6.63 -0.76 2.37
N ALA A 94 6.43 -0.66 1.06
CA ALA A 94 7.25 -1.39 0.12
C ALA A 94 8.67 -0.85 0.14
N GLU A 95 8.78 0.48 0.11
CA GLU A 95 10.08 1.12 0.22
C GLU A 95 10.70 0.80 1.57
N GLU A 96 9.88 0.89 2.62
CA GLU A 96 10.31 0.55 3.97
C GLU A 96 10.89 -0.86 4.02
N ALA A 97 10.15 -1.80 3.44
CA ALA A 97 10.55 -3.20 3.42
C ALA A 97 11.88 -3.41 2.72
N TRP A 98 12.06 -2.77 1.57
CA TRP A 98 13.30 -2.93 0.83
C TRP A 98 14.43 -2.09 1.42
N ALA A 99 14.07 -1.00 2.09
CA ALA A 99 15.04 -0.18 2.81
C ALA A 99 15.49 -0.90 4.07
N GLN A 100 14.65 -1.82 4.54
CA GLN A 100 14.97 -2.65 5.69
C GLN A 100 16.18 -3.54 5.40
N MET A 101 16.45 -3.78 4.11
CA MET A 101 17.58 -4.62 3.71
C MET A 101 18.90 -3.90 3.97
N GLU A 102 18.84 -2.59 4.14
CA GLU A 102 20.02 -1.79 4.42
C GLU A 102 19.83 -1.01 5.71
N GLU A 103 19.00 -1.53 6.59
CA GLU A 103 18.69 -0.88 7.85
C GLU A 103 19.76 -1.24 8.89
N GLY A 1 -5.50 -1.77 -13.30
CA GLY A 1 -5.64 -0.63 -14.24
C GLY A 1 -5.51 0.71 -13.53
N SER A 2 -5.09 1.72 -14.28
CA SER A 2 -5.02 3.07 -13.76
C SER A 2 -6.42 3.65 -13.69
N HIS A 3 -6.78 4.21 -12.55
CA HIS A 3 -8.13 4.72 -12.35
C HIS A 3 -8.13 6.21 -12.13
N MET A 4 -8.62 6.94 -13.12
CA MET A 4 -8.80 8.37 -13.00
C MET A 4 -9.94 8.66 -12.04
N SER A 5 -9.60 8.93 -10.79
CA SER A 5 -10.58 9.12 -9.75
C SER A 5 -11.21 10.51 -9.85
N PRO A 6 -12.49 10.58 -10.26
CA PRO A 6 -13.20 11.85 -10.45
C PRO A 6 -13.76 12.38 -9.12
N ASP A 7 -13.47 11.66 -8.06
CA ASP A 7 -13.90 12.04 -6.71
C ASP A 7 -12.92 13.04 -6.10
N ARG A 8 -12.30 13.85 -6.96
CA ARG A 8 -11.29 14.81 -6.53
C ARG A 8 -10.09 14.07 -5.93
N CYS A 9 -9.80 12.91 -6.48
CA CYS A 9 -8.67 12.11 -6.05
C CYS A 9 -7.71 11.92 -7.22
N GLN A 10 -7.12 13.01 -7.66
CA GLN A 10 -6.22 12.99 -8.80
C GLN A 10 -4.79 13.30 -8.36
N ASP A 11 -4.61 13.64 -7.10
CA ASP A 11 -3.30 14.03 -6.59
C ASP A 11 -2.41 12.80 -6.41
N TRP A 12 -3.01 11.68 -6.05
CA TRP A 12 -2.24 10.47 -5.80
C TRP A 12 -1.74 9.89 -7.12
N LEU A 13 -2.43 10.21 -8.20
CA LEU A 13 -2.02 9.79 -9.53
C LEU A 13 -0.67 10.40 -9.86
N GLU A 14 -0.53 11.69 -9.58
CA GLU A 14 0.73 12.39 -9.79
C GLU A 14 1.76 11.90 -8.79
N ALA A 15 1.32 11.62 -7.57
CA ALA A 15 2.20 11.10 -6.53
C ALA A 15 2.89 9.83 -6.98
N LEU A 16 2.11 8.92 -7.56
CA LEU A 16 2.66 7.67 -8.07
C LEU A 16 3.60 7.90 -9.25
N HIS A 17 3.43 9.02 -9.93
CA HIS A 17 4.25 9.34 -11.09
C HIS A 17 5.61 9.88 -10.64
N TRP A 18 5.66 10.48 -9.45
CA TRP A 18 6.89 11.07 -8.94
C TRP A 18 7.42 10.28 -7.74
N TYR A 19 6.82 9.13 -7.48
CA TYR A 19 7.29 8.26 -6.41
C TYR A 19 7.48 6.85 -6.94
N ASN A 20 8.63 6.62 -7.54
CA ASN A 20 8.94 5.33 -8.14
C ASN A 20 9.62 4.41 -7.14
N THR A 21 8.89 3.39 -6.70
CA THR A 21 9.43 2.42 -5.77
C THR A 21 9.91 1.16 -6.49
N ALA A 22 8.98 0.41 -7.06
CA ALA A 22 9.31 -0.85 -7.73
C ALA A 22 9.03 -0.75 -9.23
N LEU A 23 9.65 0.24 -9.86
CA LEU A 23 9.49 0.48 -11.29
C LEU A 23 8.02 0.71 -11.62
N GLU A 24 7.42 1.68 -10.93
CA GLU A 24 6.02 1.98 -11.10
C GLU A 24 5.76 2.64 -12.45
N MET A 25 5.37 1.83 -13.41
CA MET A 25 5.04 2.33 -14.74
C MET A 25 3.55 2.17 -14.97
N THR A 26 2.82 3.22 -14.65
CA THR A 26 1.37 3.20 -14.71
C THR A 26 0.87 3.36 -16.15
N ASP A 27 1.18 2.38 -16.98
CA ASP A 27 0.75 2.40 -18.38
C ASP A 27 -0.29 1.30 -18.59
N CYS A 28 -1.47 1.51 -18.03
CA CYS A 28 -2.53 0.52 -18.09
C CYS A 28 -3.89 1.20 -18.04
N ASP A 29 -4.51 1.38 -19.19
CA ASP A 29 -5.80 2.05 -19.28
C ASP A 29 -6.94 1.05 -19.07
N GLU A 30 -6.72 0.13 -18.13
CA GLU A 30 -7.72 -0.86 -17.75
C GLU A 30 -8.71 -0.23 -16.79
N GLY A 31 -9.89 0.10 -17.30
CA GLY A 31 -10.88 0.79 -16.49
C GLY A 31 -10.45 2.20 -16.15
N GLY A 32 -10.37 3.04 -17.19
CA GLY A 32 -9.91 4.41 -17.03
C GLY A 32 -10.61 5.14 -15.89
N GLU A 33 -11.88 5.44 -16.08
CA GLU A 33 -12.65 6.14 -15.07
C GLU A 33 -13.46 5.13 -14.24
N TYR A 34 -12.86 3.99 -13.97
CA TYR A 34 -13.49 2.96 -13.16
C TYR A 34 -13.40 3.32 -11.69
N ASP A 35 -14.33 4.13 -11.23
CA ASP A 35 -14.37 4.55 -9.84
C ASP A 35 -15.36 3.68 -9.05
N GLY A 36 -16.10 2.85 -9.77
CA GLY A 36 -17.11 2.01 -9.15
C GLY A 36 -16.53 0.74 -8.55
N MET A 37 -15.71 0.90 -7.53
CA MET A 37 -15.12 -0.22 -6.82
C MET A 37 -16.22 -0.96 -6.05
N GLN A 38 -16.27 -2.28 -6.21
CA GLN A 38 -17.28 -3.08 -5.54
C GLN A 38 -16.81 -4.51 -5.37
N ASP A 39 -15.92 -4.72 -4.43
CA ASP A 39 -15.42 -6.05 -4.11
C ASP A 39 -14.80 -6.04 -2.71
N GLU A 40 -14.66 -7.22 -2.12
CA GLU A 40 -14.02 -7.32 -0.81
C GLU A 40 -12.57 -6.88 -0.94
N PRO A 41 -12.12 -5.94 -0.10
CA PRO A 41 -10.80 -5.32 -0.27
C PRO A 41 -9.68 -6.36 -0.29
N ARG A 42 -9.01 -6.44 -1.42
CA ARG A 42 -7.92 -7.38 -1.60
C ARG A 42 -6.65 -6.87 -0.98
N TYR A 43 -6.48 -5.56 -0.98
CA TYR A 43 -5.26 -4.93 -0.50
C TYR A 43 -5.05 -5.19 0.99
N MET A 44 -6.14 -5.38 1.73
CA MET A 44 -6.05 -5.64 3.16
C MET A 44 -5.49 -7.03 3.40
N MET A 45 -5.95 -7.99 2.61
CA MET A 45 -5.50 -9.36 2.73
C MET A 45 -4.04 -9.46 2.28
N LEU A 46 -3.75 -8.82 1.15
CA LEU A 46 -2.40 -8.80 0.60
C LEU A 46 -1.45 -8.06 1.54
N ALA A 47 -1.96 -7.03 2.21
CA ALA A 47 -1.13 -6.26 3.15
C ALA A 47 -0.96 -7.03 4.45
N ARG A 48 -1.98 -7.81 4.81
CA ARG A 48 -1.91 -8.69 5.97
C ARG A 48 -0.85 -9.76 5.74
N GLU A 49 -0.84 -10.31 4.54
CA GLU A 49 0.15 -11.29 4.16
C GLU A 49 1.52 -10.63 4.13
N ALA A 50 1.58 -9.45 3.54
CA ALA A 50 2.80 -8.64 3.54
C ALA A 50 3.31 -8.40 4.96
N GLU A 51 2.39 -8.11 5.88
CA GLU A 51 2.75 -7.92 7.28
C GLU A 51 3.30 -9.21 7.87
N MET A 52 2.72 -10.32 7.50
CA MET A 52 3.17 -11.62 8.00
C MET A 52 4.50 -12.01 7.36
N LEU A 53 4.81 -11.42 6.21
CA LEU A 53 6.11 -11.62 5.58
C LEU A 53 7.13 -10.62 6.12
N PHE A 54 6.66 -9.47 6.58
CA PHE A 54 7.54 -8.43 7.07
C PHE A 54 7.88 -8.62 8.55
N THR A 55 6.85 -8.62 9.39
CA THR A 55 7.07 -8.76 10.82
C THR A 55 7.04 -10.22 11.26
N GLY A 56 6.75 -11.11 10.32
CA GLY A 56 6.64 -12.52 10.64
C GLY A 56 5.21 -12.89 10.97
N GLY A 57 4.85 -14.13 10.69
CA GLY A 57 3.49 -14.57 10.95
C GLY A 57 3.43 -16.02 11.36
N TYR A 58 2.23 -16.53 11.58
CA TYR A 58 2.05 -17.92 11.99
C TYR A 58 2.33 -18.85 10.81
N GLY A 59 3.60 -19.20 10.63
CA GLY A 59 3.97 -20.07 9.53
C GLY A 59 4.62 -19.31 8.40
N LEU A 60 4.69 -17.99 8.55
CA LEU A 60 5.29 -17.13 7.55
C LEU A 60 6.60 -16.58 8.08
N GLU A 61 7.68 -16.86 7.37
CA GLU A 61 9.00 -16.33 7.73
C GLU A 61 9.07 -14.86 7.31
N LYS A 62 9.91 -14.09 7.99
CA LYS A 62 10.05 -12.69 7.65
C LYS A 62 11.14 -12.52 6.61
N ASP A 63 10.79 -11.84 5.53
CA ASP A 63 11.71 -11.59 4.43
C ASP A 63 11.35 -10.28 3.72
N PRO A 64 12.17 -9.23 3.89
CA PRO A 64 11.92 -7.90 3.32
C PRO A 64 11.66 -7.92 1.80
N GLN A 65 12.25 -8.88 1.11
CA GLN A 65 12.06 -8.99 -0.33
C GLN A 65 10.61 -9.36 -0.63
N ARG A 66 10.14 -10.42 0.03
CA ARG A 66 8.76 -10.84 -0.13
C ARG A 66 7.83 -9.80 0.46
N SER A 67 8.28 -9.17 1.54
CA SER A 67 7.52 -8.10 2.18
C SER A 67 7.20 -7.01 1.18
N GLY A 68 8.22 -6.46 0.50
CA GLY A 68 7.98 -5.38 -0.44
C GLY A 68 7.25 -5.87 -1.67
N ASP A 69 7.51 -7.12 -2.05
CA ASP A 69 6.84 -7.71 -3.20
C ASP A 69 5.33 -7.79 -2.94
N LEU A 70 4.97 -8.25 -1.75
CA LEU A 70 3.57 -8.36 -1.37
C LEU A 70 2.97 -6.99 -1.06
N TYR A 71 3.78 -6.08 -0.50
CA TYR A 71 3.32 -4.73 -0.23
C TYR A 71 3.04 -3.97 -1.52
N THR A 72 3.86 -4.20 -2.54
CA THR A 72 3.64 -3.56 -3.82
C THR A 72 2.44 -4.16 -4.52
N GLN A 73 2.23 -5.46 -4.33
CA GLN A 73 1.02 -6.10 -4.83
C GLN A 73 -0.19 -5.54 -4.11
N ALA A 74 -0.08 -5.41 -2.78
CA ALA A 74 -1.15 -4.85 -1.97
C ALA A 74 -1.46 -3.42 -2.39
N ALA A 75 -0.43 -2.64 -2.68
CA ALA A 75 -0.62 -1.26 -3.11
C ALA A 75 -1.23 -1.22 -4.51
N GLU A 76 -0.83 -2.17 -5.34
CA GLU A 76 -1.41 -2.31 -6.66
C GLU A 76 -2.91 -2.59 -6.52
N ALA A 77 -3.25 -3.50 -5.63
CA ALA A 77 -4.64 -3.82 -5.35
C ALA A 77 -5.34 -2.66 -4.65
N ALA A 78 -4.58 -1.85 -3.94
CA ALA A 78 -5.12 -0.67 -3.28
C ALA A 78 -5.52 0.38 -4.29
N MET A 79 -4.61 0.69 -5.21
CA MET A 79 -4.90 1.67 -6.26
C MET A 79 -5.93 1.09 -7.22
N GLU A 80 -5.98 -0.24 -7.31
CA GLU A 80 -6.98 -0.93 -8.08
C GLU A 80 -8.36 -0.74 -7.44
N ALA A 81 -8.38 -0.78 -6.12
CA ALA A 81 -9.60 -0.68 -5.35
C ALA A 81 -9.94 0.77 -5.01
N MET A 82 -9.40 1.70 -5.79
CA MET A 82 -9.71 3.13 -5.65
C MET A 82 -9.20 3.70 -4.32
N LYS A 83 -8.25 3.00 -3.72
CA LYS A 83 -7.68 3.42 -2.46
C LYS A 83 -6.26 3.94 -2.68
N GLY A 84 -6.16 5.05 -3.41
CA GLY A 84 -4.87 5.62 -3.76
C GLY A 84 -4.02 5.96 -2.54
N ARG A 85 -4.67 6.41 -1.47
CA ARG A 85 -3.97 6.74 -0.24
C ARG A 85 -3.31 5.50 0.35
N LEU A 86 -4.07 4.41 0.39
CA LEU A 86 -3.55 3.14 0.87
C LEU A 86 -2.38 2.68 0.01
N ALA A 87 -2.54 2.85 -1.30
CA ALA A 87 -1.50 2.52 -2.25
C ALA A 87 -0.23 3.28 -1.94
N ASN A 88 -0.33 4.60 -1.85
CA ASN A 88 0.82 5.45 -1.52
C ASN A 88 1.50 4.98 -0.24
N GLN A 89 0.70 4.76 0.80
CA GLN A 89 1.22 4.28 2.09
C GLN A 89 1.97 2.96 1.93
N TYR A 90 1.31 1.96 1.35
CA TYR A 90 1.94 0.66 1.18
C TYR A 90 3.16 0.71 0.25
N TYR A 91 3.20 1.68 -0.66
CA TYR A 91 4.42 1.88 -1.46
C TYR A 91 5.52 2.48 -0.59
N GLN A 92 5.14 3.42 0.28
CA GLN A 92 6.07 4.00 1.24
C GLN A 92 6.52 2.93 2.23
N LYS A 93 5.69 1.90 2.38
CA LYS A 93 5.96 0.82 3.31
C LYS A 93 6.89 -0.18 2.63
N ALA A 94 6.67 -0.39 1.34
CA ALA A 94 7.56 -1.22 0.53
C ALA A 94 8.95 -0.62 0.51
N GLU A 95 9.02 0.70 0.34
CA GLU A 95 10.28 1.41 0.40
C GLU A 95 10.93 1.19 1.75
N GLU A 96 10.15 1.37 2.82
CA GLU A 96 10.62 1.13 4.18
C GLU A 96 11.20 -0.28 4.31
N ALA A 97 10.46 -1.26 3.78
CA ALA A 97 10.87 -2.66 3.82
C ALA A 97 12.26 -2.84 3.22
N TRP A 98 12.43 -2.40 1.98
CA TRP A 98 13.72 -2.54 1.29
C TRP A 98 14.78 -1.60 1.84
N ALA A 99 14.36 -0.49 2.43
CA ALA A 99 15.29 0.44 3.05
C ALA A 99 15.86 -0.12 4.34
N GLN A 100 15.04 -0.84 5.09
CA GLN A 100 15.49 -1.41 6.35
C GLN A 100 16.22 -2.73 6.11
N MET A 101 15.53 -3.66 5.44
CA MET A 101 16.03 -5.02 5.22
C MET A 101 16.25 -5.76 6.54
N GLU A 102 17.41 -5.57 7.13
CA GLU A 102 17.76 -6.23 8.38
C GLU A 102 16.87 -5.74 9.52
N GLU A 103 16.20 -6.67 10.18
CA GLU A 103 15.30 -6.37 11.27
C GLU A 103 15.25 -7.55 12.23
N GLY A 1 -21.85 14.34 4.71
CA GLY A 1 -20.54 14.62 4.09
C GLY A 1 -20.10 13.49 3.18
N SER A 2 -19.07 13.73 2.39
CA SER A 2 -18.54 12.72 1.49
C SER A 2 -17.40 11.97 2.15
N HIS A 3 -17.17 10.74 1.74
CA HIS A 3 -16.05 9.95 2.26
C HIS A 3 -14.80 10.25 1.43
N MET A 4 -14.61 11.52 1.11
CA MET A 4 -13.54 11.98 0.23
C MET A 4 -13.70 11.37 -1.15
N SER A 5 -14.37 12.11 -2.03
CA SER A 5 -14.65 11.64 -3.38
C SER A 5 -13.37 11.50 -4.19
N PRO A 6 -13.18 10.35 -4.84
CA PRO A 6 -12.02 10.09 -5.68
C PRO A 6 -12.13 10.80 -7.03
N ASP A 7 -12.12 12.13 -6.98
CA ASP A 7 -12.26 12.95 -8.18
C ASP A 7 -11.04 12.78 -9.08
N ARG A 8 -9.87 12.71 -8.48
CA ARG A 8 -8.63 12.61 -9.24
C ARG A 8 -7.92 11.30 -8.97
N CYS A 9 -8.70 10.23 -8.81
CA CYS A 9 -8.15 8.93 -8.46
C CYS A 9 -7.44 8.27 -9.63
N GLN A 10 -7.36 8.96 -10.75
CA GLN A 10 -6.61 8.47 -11.90
C GLN A 10 -5.35 9.30 -12.12
N ASP A 11 -5.24 10.40 -11.39
CA ASP A 11 -4.18 11.37 -11.63
C ASP A 11 -2.96 11.12 -10.75
N TRP A 12 -3.22 10.77 -9.49
CA TRP A 12 -2.15 10.58 -8.51
C TRP A 12 -1.26 9.40 -8.88
N LEU A 13 -1.75 8.54 -9.76
CA LEU A 13 -1.01 7.38 -10.23
C LEU A 13 0.35 7.79 -10.79
N GLU A 14 0.39 8.92 -11.48
CA GLU A 14 1.63 9.44 -12.03
C GLU A 14 2.61 9.74 -10.90
N ALA A 15 2.12 10.43 -9.88
CA ALA A 15 2.92 10.75 -8.70
C ALA A 15 3.38 9.47 -7.99
N LEU A 16 2.50 8.48 -7.98
CA LEU A 16 2.79 7.19 -7.36
C LEU A 16 3.94 6.47 -8.06
N HIS A 17 4.08 6.70 -9.37
CA HIS A 17 5.16 6.09 -10.14
C HIS A 17 6.52 6.61 -9.66
N TRP A 18 6.51 7.82 -9.14
CA TRP A 18 7.73 8.46 -8.65
C TRP A 18 7.77 8.45 -7.14
N TYR A 19 6.83 7.70 -6.53
CA TYR A 19 6.71 7.64 -5.09
C TYR A 19 7.98 7.09 -4.44
N ASN A 20 8.86 7.98 -4.07
CA ASN A 20 10.06 7.66 -3.34
C ASN A 20 10.09 8.48 -2.07
N THR A 21 9.45 7.96 -1.05
CA THR A 21 9.19 8.72 0.16
C THR A 21 9.76 8.01 1.40
N ALA A 22 10.73 7.13 1.18
CA ALA A 22 11.29 6.33 2.26
C ALA A 22 12.04 7.19 3.27
N LEU A 23 12.80 8.15 2.78
CA LEU A 23 13.60 9.02 3.65
C LEU A 23 12.72 10.09 4.27
N GLU A 24 11.92 10.74 3.43
CA GLU A 24 11.06 11.82 3.87
C GLU A 24 9.61 11.36 3.93
N MET A 25 9.29 10.55 4.94
CA MET A 25 7.96 9.98 5.09
C MET A 25 6.97 11.07 5.46
N THR A 26 6.22 11.55 4.47
CA THR A 26 5.27 12.62 4.67
C THR A 26 3.94 12.10 5.21
N ASP A 27 3.87 11.94 6.53
CA ASP A 27 2.64 11.53 7.18
C ASP A 27 1.73 12.74 7.34
N CYS A 28 1.15 13.19 6.25
CA CYS A 28 0.29 14.35 6.27
C CYS A 28 -0.92 14.14 5.37
N ASP A 29 -1.61 13.04 5.55
CA ASP A 29 -2.79 12.74 4.75
C ASP A 29 -4.05 12.85 5.61
N GLU A 30 -5.04 13.56 5.09
CA GLU A 30 -6.33 13.69 5.76
C GLU A 30 -7.42 13.18 4.84
N GLY A 31 -7.05 12.84 3.62
CA GLY A 31 -8.01 12.41 2.63
C GLY A 31 -8.41 10.97 2.80
N GLY A 32 -7.46 10.07 2.67
CA GLY A 32 -7.77 8.65 2.69
C GLY A 32 -8.30 8.17 1.35
N GLU A 33 -9.21 8.95 0.78
CA GLU A 33 -9.83 8.65 -0.50
C GLU A 33 -10.55 7.31 -0.44
N TYR A 34 -11.66 7.31 0.28
CA TYR A 34 -12.45 6.10 0.47
C TYR A 34 -13.51 6.03 -0.61
N ASP A 35 -13.14 5.42 -1.74
CA ASP A 35 -14.02 5.33 -2.91
C ASP A 35 -15.34 4.64 -2.58
N GLY A 36 -15.35 3.84 -1.52
CA GLY A 36 -16.57 3.20 -1.08
C GLY A 36 -16.46 1.69 -1.06
N MET A 37 -15.64 1.14 -1.94
CA MET A 37 -15.50 -0.29 -2.04
C MET A 37 -14.54 -0.81 -0.97
N GLN A 38 -15.07 -1.04 0.21
CA GLN A 38 -14.36 -1.73 1.26
C GLN A 38 -15.13 -2.98 1.67
N ASP A 39 -15.83 -3.56 0.71
CA ASP A 39 -16.62 -4.76 0.97
C ASP A 39 -15.70 -5.94 1.18
N GLU A 40 -15.05 -6.38 0.11
CA GLU A 40 -14.03 -7.40 0.22
C GLU A 40 -12.74 -6.91 -0.43
N PRO A 41 -11.91 -6.20 0.34
CA PRO A 41 -10.63 -5.72 -0.17
C PRO A 41 -9.56 -6.81 -0.14
N ARG A 42 -8.98 -7.11 -1.29
CA ARG A 42 -7.89 -8.09 -1.36
C ARG A 42 -6.58 -7.47 -0.87
N TYR A 43 -6.44 -6.16 -1.04
CA TYR A 43 -5.22 -5.47 -0.67
C TYR A 43 -4.97 -5.54 0.82
N MET A 44 -6.03 -5.75 1.60
CA MET A 44 -5.90 -5.87 3.04
C MET A 44 -5.27 -7.21 3.40
N MET A 45 -5.65 -8.26 2.68
CA MET A 45 -5.10 -9.58 2.92
C MET A 45 -3.66 -9.63 2.43
N LEU A 46 -3.44 -9.06 1.25
CA LEU A 46 -2.10 -8.98 0.69
C LEU A 46 -1.18 -8.17 1.59
N ALA A 47 -1.70 -7.08 2.17
CA ALA A 47 -0.91 -6.23 3.03
C ALA A 47 -0.73 -6.89 4.39
N ARG A 48 -1.75 -7.63 4.83
CA ARG A 48 -1.67 -8.38 6.08
C ARG A 48 -0.55 -9.41 5.99
N GLU A 49 -0.52 -10.14 4.89
CA GLU A 49 0.52 -11.13 4.68
C GLU A 49 1.87 -10.42 4.55
N ALA A 50 1.88 -9.33 3.80
CA ALA A 50 3.07 -8.49 3.67
C ALA A 50 3.59 -8.06 5.03
N GLU A 51 2.67 -7.68 5.93
CA GLU A 51 3.04 -7.26 7.27
C GLU A 51 3.62 -8.42 8.06
N MET A 52 3.01 -9.59 7.90
CA MET A 52 3.48 -10.79 8.57
C MET A 52 4.83 -11.22 8.02
N LEU A 53 5.08 -10.88 6.76
CA LEU A 53 6.36 -11.18 6.11
C LEU A 53 7.39 -10.10 6.39
N PHE A 54 6.91 -8.91 6.72
CA PHE A 54 7.78 -7.78 7.04
C PHE A 54 8.36 -7.94 8.43
N THR A 55 7.48 -8.02 9.43
CA THR A 55 7.91 -8.10 10.81
C THR A 55 8.31 -9.52 11.19
N GLY A 56 7.63 -10.49 10.60
CA GLY A 56 7.89 -11.88 10.92
C GLY A 56 7.02 -12.36 12.07
N GLY A 57 6.95 -13.67 12.25
CA GLY A 57 6.17 -14.20 13.36
C GLY A 57 6.29 -15.71 13.44
N TYR A 58 5.62 -16.29 14.43
CA TYR A 58 5.60 -17.73 14.59
C TYR A 58 4.65 -18.35 13.58
N GLY A 59 5.16 -18.55 12.37
CA GLY A 59 4.36 -19.09 11.29
C GLY A 59 4.80 -18.54 9.95
N LEU A 60 5.10 -17.25 9.94
CA LEU A 60 5.59 -16.60 8.74
C LEU A 60 7.04 -16.16 8.94
N GLU A 61 7.93 -16.66 8.09
CA GLU A 61 9.32 -16.28 8.14
C GLU A 61 9.51 -14.96 7.41
N LYS A 62 9.99 -13.95 8.13
CA LYS A 62 10.12 -12.62 7.57
C LYS A 62 11.11 -12.59 6.41
N ASP A 63 10.70 -11.89 5.36
CA ASP A 63 11.50 -11.79 4.15
C ASP A 63 11.24 -10.44 3.49
N PRO A 64 12.16 -9.47 3.65
CA PRO A 64 12.01 -8.10 3.13
C PRO A 64 11.66 -8.06 1.65
N GLN A 65 12.17 -9.02 0.88
CA GLN A 65 11.92 -9.04 -0.55
C GLN A 65 10.46 -9.36 -0.83
N ARG A 66 9.97 -10.47 -0.28
CA ARG A 66 8.60 -10.88 -0.48
C ARG A 66 7.67 -9.87 0.21
N SER A 67 8.14 -9.34 1.32
CA SER A 67 7.42 -8.29 2.03
C SER A 67 7.10 -7.14 1.09
N GLY A 68 8.13 -6.58 0.45
CA GLY A 68 7.90 -5.48 -0.45
C GLY A 68 7.11 -5.89 -1.67
N ASP A 69 7.29 -7.12 -2.12
CA ASP A 69 6.55 -7.63 -3.26
C ASP A 69 5.06 -7.67 -2.93
N LEU A 70 4.75 -8.17 -1.74
CA LEU A 70 3.36 -8.27 -1.29
C LEU A 70 2.79 -6.88 -1.02
N TYR A 71 3.62 -5.99 -0.46
CA TYR A 71 3.18 -4.62 -0.20
C TYR A 71 2.92 -3.87 -1.50
N THR A 72 3.77 -4.09 -2.50
CA THR A 72 3.60 -3.42 -3.78
C THR A 72 2.42 -4.01 -4.55
N GLN A 73 2.21 -5.30 -4.40
CA GLN A 73 1.04 -5.94 -4.99
C GLN A 73 -0.22 -5.48 -4.26
N ALA A 74 -0.12 -5.37 -2.95
CA ALA A 74 -1.21 -4.84 -2.14
C ALA A 74 -1.53 -3.41 -2.55
N ALA A 75 -0.49 -2.60 -2.79
CA ALA A 75 -0.68 -1.24 -3.21
C ALA A 75 -1.25 -1.18 -4.62
N GLU A 76 -0.84 -2.14 -5.43
CA GLU A 76 -1.39 -2.29 -6.77
C GLU A 76 -2.90 -2.53 -6.69
N ALA A 77 -3.28 -3.48 -5.83
CA ALA A 77 -4.69 -3.79 -5.63
C ALA A 77 -5.41 -2.63 -4.95
N ALA A 78 -4.66 -1.84 -4.20
CA ALA A 78 -5.21 -0.67 -3.52
C ALA A 78 -5.49 0.44 -4.53
N MET A 79 -4.51 0.76 -5.37
CA MET A 79 -4.66 1.79 -6.38
C MET A 79 -5.68 1.35 -7.43
N GLU A 80 -5.75 0.04 -7.66
CA GLU A 80 -6.73 -0.50 -8.58
C GLU A 80 -8.14 -0.35 -8.01
N ALA A 81 -8.22 -0.33 -6.69
CA ALA A 81 -9.49 -0.14 -6.00
C ALA A 81 -9.71 1.33 -5.64
N MET A 82 -8.96 2.21 -6.31
CA MET A 82 -9.11 3.66 -6.14
C MET A 82 -8.88 4.08 -4.69
N LYS A 83 -7.89 3.48 -4.06
CA LYS A 83 -7.55 3.80 -2.68
C LYS A 83 -6.19 4.46 -2.60
N GLY A 84 -6.15 5.77 -2.82
CA GLY A 84 -4.90 6.52 -2.82
C GLY A 84 -4.07 6.33 -1.56
N ARG A 85 -4.64 6.66 -0.41
CA ARG A 85 -3.90 6.58 0.87
C ARG A 85 -3.37 5.18 1.11
N LEU A 86 -4.18 4.18 0.80
CA LEU A 86 -3.79 2.79 0.99
C LEU A 86 -2.59 2.45 0.13
N ALA A 87 -2.70 2.75 -1.15
CA ALA A 87 -1.62 2.50 -2.10
C ALA A 87 -0.35 3.24 -1.70
N ASN A 88 -0.50 4.52 -1.36
CA ASN A 88 0.64 5.33 -0.93
C ASN A 88 1.30 4.72 0.31
N GLN A 89 0.48 4.40 1.30
CA GLN A 89 0.94 3.78 2.53
C GLN A 89 1.70 2.48 2.25
N TYR A 90 1.05 1.56 1.58
CA TYR A 90 1.67 0.27 1.29
C TYR A 90 2.93 0.42 0.42
N TYR A 91 2.95 1.41 -0.47
CA TYR A 91 4.18 1.68 -1.23
C TYR A 91 5.25 2.25 -0.31
N GLN A 92 4.82 3.12 0.62
CA GLN A 92 5.71 3.69 1.62
C GLN A 92 6.34 2.59 2.46
N LYS A 93 5.56 1.56 2.74
CA LYS A 93 6.01 0.49 3.60
C LYS A 93 6.82 -0.51 2.79
N ALA A 94 6.52 -0.60 1.49
CA ALA A 94 7.32 -1.38 0.57
C ALA A 94 8.71 -0.79 0.47
N GLU A 95 8.77 0.53 0.38
CA GLU A 95 10.04 1.22 0.32
C GLU A 95 10.80 1.00 1.62
N GLU A 96 10.12 1.18 2.75
CA GLU A 96 10.74 0.94 4.06
C GLU A 96 11.20 -0.51 4.17
N ALA A 97 10.40 -1.43 3.63
CA ALA A 97 10.76 -2.85 3.66
C ALA A 97 12.10 -3.08 2.97
N TRP A 98 12.22 -2.62 1.74
CA TRP A 98 13.44 -2.82 0.96
C TRP A 98 14.58 -1.92 1.47
N ALA A 99 14.23 -0.75 1.99
CA ALA A 99 15.24 0.18 2.50
C ALA A 99 15.84 -0.28 3.81
N GLN A 100 14.99 -0.81 4.70
CA GLN A 100 15.45 -1.19 6.02
C GLN A 100 16.01 -2.61 6.03
N MET A 101 15.20 -3.58 5.64
CA MET A 101 15.62 -5.00 5.67
C MET A 101 16.19 -5.37 7.04
N GLU A 102 15.63 -4.79 8.09
CA GLU A 102 16.11 -5.01 9.45
C GLU A 102 15.09 -4.54 10.47
N GLU A 103 13.82 -4.68 10.11
CA GLU A 103 12.73 -4.23 10.96
C GLU A 103 11.85 -5.41 11.33
N GLY A 1 -14.06 5.85 -21.21
CA GLY A 1 -13.37 6.67 -20.19
C GLY A 1 -14.15 6.76 -18.91
N SER A 2 -13.57 7.42 -17.91
CA SER A 2 -14.23 7.66 -16.63
C SER A 2 -14.54 6.36 -15.90
N HIS A 3 -13.69 5.35 -16.10
CA HIS A 3 -13.84 4.08 -15.40
C HIS A 3 -12.76 3.93 -14.34
N MET A 4 -11.74 4.75 -14.43
CA MET A 4 -10.69 4.77 -13.43
C MET A 4 -11.17 5.54 -12.20
N SER A 5 -11.60 4.78 -11.19
CA SER A 5 -12.15 5.36 -9.96
C SER A 5 -13.40 6.18 -10.25
N PRO A 6 -14.50 5.50 -10.64
CA PRO A 6 -15.75 6.17 -11.04
C PRO A 6 -16.44 6.90 -9.89
N ASP A 7 -16.03 6.61 -8.67
CA ASP A 7 -16.61 7.24 -7.49
C ASP A 7 -15.80 8.46 -7.10
N ARG A 8 -15.19 9.09 -8.11
CA ARG A 8 -14.36 10.29 -7.92
C ARG A 8 -13.24 10.04 -6.94
N CYS A 9 -12.60 8.89 -7.07
CA CYS A 9 -11.46 8.55 -6.24
C CYS A 9 -10.19 8.62 -7.08
N GLN A 10 -10.15 9.61 -7.96
CA GLN A 10 -9.02 9.77 -8.87
C GLN A 10 -7.90 10.56 -8.21
N ASP A 11 -8.10 10.85 -6.94
CA ASP A 11 -7.12 11.59 -6.15
C ASP A 11 -5.90 10.72 -5.84
N TRP A 12 -5.98 9.45 -6.25
CA TRP A 12 -4.85 8.55 -6.11
C TRP A 12 -3.74 8.95 -7.07
N LEU A 13 -4.13 9.63 -8.14
CA LEU A 13 -3.18 10.16 -9.10
C LEU A 13 -2.32 11.20 -8.42
N GLU A 14 -2.96 12.06 -7.64
CA GLU A 14 -2.26 13.06 -6.84
C GLU A 14 -1.35 12.36 -5.84
N ALA A 15 -1.90 11.35 -5.16
CA ALA A 15 -1.17 10.60 -4.17
C ALA A 15 0.11 10.01 -4.74
N LEU A 16 0.02 9.43 -5.93
CA LEU A 16 1.19 8.84 -6.57
C LEU A 16 2.04 9.91 -7.26
N HIS A 17 1.49 11.09 -7.47
CA HIS A 17 2.25 12.17 -8.07
C HIS A 17 3.20 12.79 -7.05
N TRP A 18 2.76 12.80 -5.79
CA TRP A 18 3.59 13.30 -4.70
C TRP A 18 4.55 12.23 -4.21
N TYR A 19 4.49 11.07 -4.85
CA TYR A 19 5.36 9.96 -4.50
C TYR A 19 6.78 10.22 -5.01
N ASN A 20 7.53 10.97 -4.23
CA ASN A 20 8.92 11.27 -4.56
C ASN A 20 9.80 10.92 -3.37
N THR A 21 9.66 9.68 -2.90
CA THR A 21 10.36 9.23 -1.72
C THR A 21 11.74 8.66 -2.05
N ALA A 22 11.77 7.39 -2.44
CA ALA A 22 13.03 6.70 -2.71
C ALA A 22 13.05 6.08 -4.10
N LEU A 23 12.01 5.35 -4.45
CA LEU A 23 11.93 4.70 -5.75
C LEU A 23 11.08 5.51 -6.70
N GLU A 24 11.42 5.44 -7.99
CA GLU A 24 10.66 6.12 -9.01
C GLU A 24 9.68 5.16 -9.66
N MET A 25 8.44 5.58 -9.82
CA MET A 25 7.43 4.75 -10.43
C MET A 25 7.10 5.25 -11.82
N THR A 26 6.74 4.34 -12.71
CA THR A 26 6.35 4.70 -14.05
C THR A 26 4.84 4.92 -14.12
N ASP A 27 4.37 6.00 -13.51
CA ASP A 27 2.95 6.34 -13.49
C ASP A 27 2.51 6.96 -14.81
N CYS A 28 2.89 6.31 -15.90
CA CYS A 28 2.53 6.73 -17.24
C CYS A 28 1.43 5.84 -17.77
N ASP A 29 0.54 6.43 -18.58
CA ASP A 29 -0.59 5.71 -19.17
C ASP A 29 -1.50 5.12 -18.10
N GLU A 30 -2.51 5.88 -17.71
CA GLU A 30 -3.48 5.41 -16.74
C GLU A 30 -4.69 4.82 -17.45
N GLY A 31 -4.43 4.05 -18.50
CA GLY A 31 -5.49 3.47 -19.29
C GLY A 31 -6.16 2.30 -18.60
N GLY A 32 -5.57 1.83 -17.51
CA GLY A 32 -6.13 0.74 -16.75
C GLY A 32 -7.31 1.19 -15.92
N GLU A 33 -8.40 1.52 -16.59
CA GLU A 33 -9.59 2.02 -15.94
C GLU A 33 -10.46 0.87 -15.44
N TYR A 34 -10.34 0.58 -14.16
CA TYR A 34 -11.12 -0.46 -13.52
C TYR A 34 -11.10 -0.27 -12.02
N ASP A 35 -12.26 -0.43 -11.37
CA ASP A 35 -12.33 -0.35 -9.93
C ASP A 35 -12.46 -1.75 -9.35
N GLY A 36 -11.47 -2.15 -8.56
CA GLY A 36 -11.43 -3.50 -8.04
C GLY A 36 -11.89 -3.58 -6.61
N MET A 37 -12.85 -2.76 -6.25
CA MET A 37 -13.41 -2.80 -4.90
C MET A 37 -14.86 -3.28 -4.96
N GLN A 38 -15.04 -4.57 -5.12
CA GLN A 38 -16.37 -5.16 -5.18
C GLN A 38 -16.90 -5.43 -3.79
N ASP A 39 -16.15 -6.20 -3.02
CA ASP A 39 -16.54 -6.56 -1.66
C ASP A 39 -15.38 -7.19 -0.91
N GLU A 40 -14.61 -8.00 -1.61
CA GLU A 40 -13.44 -8.64 -1.04
C GLU A 40 -12.19 -7.82 -1.38
N PRO A 41 -11.68 -7.00 -0.44
CA PRO A 41 -10.50 -6.19 -0.70
C PRO A 41 -9.23 -7.04 -0.68
N ARG A 42 -8.53 -7.07 -1.81
CA ARG A 42 -7.31 -7.87 -1.92
C ARG A 42 -6.15 -7.19 -1.24
N TYR A 43 -6.18 -5.86 -1.20
CA TYR A 43 -5.06 -5.08 -0.69
C TYR A 43 -4.85 -5.31 0.81
N MET A 44 -5.93 -5.50 1.55
CA MET A 44 -5.82 -5.75 2.98
C MET A 44 -5.25 -7.13 3.23
N MET A 45 -5.66 -8.11 2.43
CA MET A 45 -5.16 -9.47 2.54
C MET A 45 -3.67 -9.48 2.21
N LEU A 46 -3.33 -8.87 1.09
CA LEU A 46 -1.94 -8.82 0.62
C LEU A 46 -1.08 -8.02 1.58
N ALA A 47 -1.65 -7.00 2.21
CA ALA A 47 -0.90 -6.18 3.14
C ALA A 47 -0.72 -6.92 4.46
N ARG A 48 -1.73 -7.67 4.86
CA ARG A 48 -1.65 -8.50 6.05
C ARG A 48 -0.58 -9.58 5.85
N GLU A 49 -0.57 -10.17 4.66
CA GLU A 49 0.41 -11.17 4.30
C GLU A 49 1.80 -10.53 4.33
N ALA A 50 1.91 -9.35 3.71
CA ALA A 50 3.16 -8.59 3.73
C ALA A 50 3.59 -8.26 5.15
N GLU A 51 2.63 -7.88 5.99
CA GLU A 51 2.89 -7.54 7.38
C GLU A 51 3.46 -8.75 8.11
N MET A 52 2.87 -9.91 7.86
CA MET A 52 3.34 -11.15 8.47
C MET A 52 4.73 -11.51 7.94
N LEU A 53 4.96 -11.26 6.65
CA LEU A 53 6.25 -11.58 6.03
C LEU A 53 7.32 -10.60 6.50
N PHE A 54 6.93 -9.38 6.81
CA PHE A 54 7.89 -8.36 7.18
C PHE A 54 8.29 -8.46 8.66
N THR A 55 7.30 -8.47 9.54
CA THR A 55 7.58 -8.45 10.97
C THR A 55 7.95 -9.84 11.49
N GLY A 56 7.48 -10.86 10.80
CA GLY A 56 7.67 -12.22 11.26
C GLY A 56 6.37 -12.84 11.70
N GLY A 57 5.86 -13.77 10.91
CA GLY A 57 4.57 -14.35 11.22
C GLY A 57 4.72 -15.68 11.93
N TYR A 58 3.63 -16.17 12.48
CA TYR A 58 3.64 -17.44 13.18
C TYR A 58 3.46 -18.58 12.19
N GLY A 59 4.53 -18.85 11.45
CA GLY A 59 4.46 -19.80 10.37
C GLY A 59 5.06 -19.23 9.10
N LEU A 60 5.26 -17.91 9.11
CA LEU A 60 5.86 -17.21 7.99
C LEU A 60 7.24 -16.68 8.37
N GLU A 61 8.27 -17.10 7.66
CA GLU A 61 9.61 -16.58 7.87
C GLU A 61 9.70 -15.17 7.29
N LYS A 62 10.31 -14.27 8.04
CA LYS A 62 10.41 -12.89 7.60
C LYS A 62 11.34 -12.78 6.39
N ASP A 63 10.84 -12.13 5.36
CA ASP A 63 11.61 -11.92 4.13
C ASP A 63 11.32 -10.54 3.56
N PRO A 64 12.24 -9.58 3.76
CA PRO A 64 12.07 -8.19 3.34
C PRO A 64 11.71 -8.06 1.85
N GLN A 65 12.21 -8.97 1.03
CA GLN A 65 11.97 -8.90 -0.40
C GLN A 65 10.50 -9.22 -0.71
N ARG A 66 10.02 -10.36 -0.21
CA ARG A 66 8.65 -10.75 -0.44
C ARG A 66 7.72 -9.78 0.26
N SER A 67 8.16 -9.23 1.39
CA SER A 67 7.43 -8.21 2.09
C SER A 67 7.11 -7.05 1.16
N GLY A 68 8.13 -6.49 0.51
CA GLY A 68 7.89 -5.37 -0.38
C GLY A 68 7.14 -5.79 -1.63
N ASP A 69 7.37 -7.03 -2.06
CA ASP A 69 6.66 -7.58 -3.21
C ASP A 69 5.16 -7.63 -2.92
N LEU A 70 4.82 -8.12 -1.73
CA LEU A 70 3.43 -8.19 -1.30
C LEU A 70 2.87 -6.80 -1.02
N TYR A 71 3.69 -5.92 -0.47
CA TYR A 71 3.28 -4.55 -0.23
C TYR A 71 2.97 -3.84 -1.54
N THR A 72 3.78 -4.09 -2.56
CA THR A 72 3.57 -3.47 -3.85
C THR A 72 2.39 -4.09 -4.58
N GLN A 73 2.18 -5.39 -4.38
CA GLN A 73 0.98 -6.04 -4.88
C GLN A 73 -0.24 -5.45 -4.19
N ALA A 74 -0.13 -5.30 -2.87
CA ALA A 74 -1.19 -4.71 -2.07
C ALA A 74 -1.48 -3.29 -2.52
N ALA A 75 -0.44 -2.52 -2.79
CA ALA A 75 -0.62 -1.15 -3.24
C ALA A 75 -1.26 -1.10 -4.61
N GLU A 76 -0.87 -2.05 -5.46
CA GLU A 76 -1.49 -2.18 -6.77
C GLU A 76 -2.98 -2.44 -6.60
N ALA A 77 -3.31 -3.40 -5.75
CA ALA A 77 -4.70 -3.72 -5.46
C ALA A 77 -5.41 -2.56 -4.78
N ALA A 78 -4.64 -1.75 -4.06
CA ALA A 78 -5.19 -0.57 -3.39
C ALA A 78 -5.58 0.49 -4.39
N MET A 79 -4.66 0.82 -5.30
CA MET A 79 -4.93 1.83 -6.31
C MET A 79 -5.98 1.30 -7.30
N GLU A 80 -6.02 -0.02 -7.45
CA GLU A 80 -7.05 -0.67 -8.25
C GLU A 80 -8.42 -0.52 -7.59
N ALA A 81 -8.43 -0.61 -6.27
CA ALA A 81 -9.67 -0.55 -5.50
C ALA A 81 -10.03 0.89 -5.12
N MET A 82 -9.43 1.85 -5.83
CA MET A 82 -9.72 3.28 -5.63
C MET A 82 -9.25 3.76 -4.25
N LYS A 83 -8.22 3.10 -3.73
CA LYS A 83 -7.70 3.43 -2.41
C LYS A 83 -6.30 4.01 -2.53
N GLY A 84 -6.22 5.25 -3.02
CA GLY A 84 -4.94 5.89 -3.26
C GLY A 84 -4.08 6.05 -2.02
N ARG A 85 -4.71 6.38 -0.90
CA ARG A 85 -3.97 6.56 0.36
C ARG A 85 -3.34 5.25 0.78
N LEU A 86 -4.11 4.17 0.65
CA LEU A 86 -3.62 2.84 0.98
C LEU A 86 -2.46 2.48 0.05
N ALA A 87 -2.63 2.80 -1.23
CA ALA A 87 -1.60 2.54 -2.23
C ALA A 87 -0.32 3.28 -1.86
N ASN A 88 -0.42 4.60 -1.70
CA ASN A 88 0.74 5.42 -1.33
C ASN A 88 1.42 4.87 -0.08
N GLN A 89 0.62 4.58 0.94
CA GLN A 89 1.13 3.99 2.16
C GLN A 89 1.90 2.71 1.88
N TYR A 90 1.24 1.74 1.25
CA TYR A 90 1.86 0.44 1.00
C TYR A 90 3.08 0.54 0.07
N TYR A 91 3.12 1.53 -0.82
CA TYR A 91 4.32 1.75 -1.63
C TYR A 91 5.45 2.25 -0.74
N GLN A 92 5.14 3.24 0.09
CA GLN A 92 6.11 3.79 1.03
C GLN A 92 6.49 2.73 2.07
N LYS A 93 5.59 1.78 2.25
CA LYS A 93 5.78 0.71 3.23
C LYS A 93 6.68 -0.35 2.60
N ALA A 94 6.51 -0.54 1.29
CA ALA A 94 7.41 -1.38 0.51
C ALA A 94 8.83 -0.83 0.57
N GLU A 95 8.95 0.48 0.39
CA GLU A 95 10.23 1.14 0.52
C GLU A 95 10.78 0.94 1.93
N GLU A 96 9.89 1.10 2.92
CA GLU A 96 10.25 0.85 4.31
C GLU A 96 10.81 -0.56 4.46
N ALA A 97 10.10 -1.54 3.90
CA ALA A 97 10.53 -2.94 3.96
C ALA A 97 11.94 -3.11 3.39
N TRP A 98 12.15 -2.63 2.17
CA TRP A 98 13.45 -2.79 1.52
C TRP A 98 14.53 -1.93 2.16
N ALA A 99 14.15 -0.82 2.79
CA ALA A 99 15.11 0.04 3.47
C ALA A 99 15.46 -0.48 4.86
N GLN A 100 14.47 -1.05 5.52
CA GLN A 100 14.58 -1.46 6.91
C GLN A 100 15.03 -2.93 7.03
N MET A 101 15.55 -3.49 5.94
CA MET A 101 16.06 -4.87 5.94
C MET A 101 17.06 -5.10 7.08
N GLU A 102 16.55 -5.63 8.19
CA GLU A 102 17.35 -5.87 9.38
C GLU A 102 16.50 -6.57 10.43
N GLU A 103 16.97 -6.54 11.69
CA GLU A 103 16.25 -7.11 12.81
C GLU A 103 16.23 -8.64 12.72
N GLY A 1 -15.41 15.22 5.08
CA GLY A 1 -15.85 14.16 6.01
C GLY A 1 -16.81 13.19 5.35
N SER A 2 -17.54 12.44 6.18
CA SER A 2 -18.52 11.46 5.69
C SER A 2 -17.82 10.41 4.82
N HIS A 3 -16.65 9.96 5.28
CA HIS A 3 -15.80 9.04 4.52
C HIS A 3 -15.28 9.72 3.25
N MET A 4 -14.03 10.16 3.28
CA MET A 4 -13.43 10.84 2.14
C MET A 4 -13.10 9.82 1.04
N SER A 5 -14.14 9.34 0.39
CA SER A 5 -14.01 8.34 -0.65
C SER A 5 -13.70 9.01 -1.99
N PRO A 6 -12.53 8.72 -2.57
CA PRO A 6 -12.15 9.23 -3.89
C PRO A 6 -12.92 8.52 -5.02
N ASP A 7 -14.17 8.91 -5.22
CA ASP A 7 -14.99 8.32 -6.27
C ASP A 7 -14.55 8.82 -7.63
N ARG A 8 -13.83 9.92 -7.63
CA ARG A 8 -13.27 10.49 -8.86
C ARG A 8 -12.00 9.74 -9.24
N CYS A 9 -11.94 9.27 -10.47
CA CYS A 9 -10.76 8.55 -10.96
C CYS A 9 -9.65 9.53 -11.32
N GLN A 10 -9.23 10.31 -10.35
CA GLN A 10 -8.17 11.29 -10.52
C GLN A 10 -7.42 11.50 -9.20
N ASP A 11 -8.17 11.52 -8.10
CA ASP A 11 -7.62 11.78 -6.79
C ASP A 11 -6.59 10.73 -6.39
N TRP A 12 -6.89 9.46 -6.65
CA TRP A 12 -5.98 8.40 -6.24
C TRP A 12 -4.77 8.33 -7.17
N LEU A 13 -4.92 8.89 -8.36
CA LEU A 13 -3.79 9.00 -9.30
C LEU A 13 -2.79 10.00 -8.76
N GLU A 14 -3.31 11.10 -8.21
CA GLU A 14 -2.46 12.10 -7.59
C GLU A 14 -1.76 11.53 -6.37
N ALA A 15 -2.52 10.79 -5.57
CA ALA A 15 -1.98 10.13 -4.40
C ALA A 15 -0.87 9.17 -4.78
N LEU A 16 -1.05 8.51 -5.91
CA LEU A 16 -0.06 7.58 -6.45
C LEU A 16 1.23 8.33 -6.80
N HIS A 17 1.10 9.59 -7.18
CA HIS A 17 2.24 10.39 -7.62
C HIS A 17 3.04 10.90 -6.42
N TRP A 18 2.35 11.20 -5.34
CA TRP A 18 2.97 11.78 -4.16
C TRP A 18 3.43 10.72 -3.16
N TYR A 19 3.40 9.45 -3.58
CA TYR A 19 3.84 8.37 -2.71
C TYR A 19 5.29 8.61 -2.27
N ASN A 20 5.61 8.23 -1.04
CA ASN A 20 6.92 8.53 -0.47
C ASN A 20 7.84 7.33 -0.57
N THR A 21 9.07 7.56 -0.99
CA THR A 21 10.03 6.50 -1.20
C THR A 21 10.86 6.23 0.06
N ALA A 22 10.16 5.97 1.18
CA ALA A 22 10.78 5.54 2.44
C ALA A 22 11.57 6.65 3.13
N LEU A 23 11.96 7.67 2.38
CA LEU A 23 12.75 8.76 2.93
C LEU A 23 11.88 9.70 3.75
N GLU A 24 10.59 9.65 3.51
CA GLU A 24 9.63 10.46 4.25
C GLU A 24 8.65 9.55 4.98
N MET A 25 7.96 10.08 5.96
CA MET A 25 6.95 9.33 6.69
C MET A 25 5.62 10.07 6.69
N THR A 26 4.64 9.49 6.04
CA THR A 26 3.32 10.09 5.96
C THR A 26 2.23 9.12 6.43
N ASP A 27 1.60 9.48 7.53
CA ASP A 27 0.45 8.74 8.05
C ASP A 27 -0.66 9.74 8.35
N CYS A 28 -0.96 10.56 7.36
CA CYS A 28 -1.85 11.70 7.52
C CYS A 28 -3.29 11.34 7.19
N ASP A 29 -4.00 10.76 8.15
CA ASP A 29 -5.39 10.41 7.96
C ASP A 29 -6.09 10.24 9.30
N GLU A 30 -6.92 11.19 9.66
CA GLU A 30 -7.70 11.10 10.89
C GLU A 30 -9.10 10.57 10.58
N GLY A 31 -9.16 9.32 10.15
CA GLY A 31 -10.42 8.74 9.74
C GLY A 31 -10.98 9.43 8.51
N GLY A 32 -10.11 9.60 7.51
CA GLY A 32 -10.48 10.38 6.36
C GLY A 32 -10.83 9.54 5.14
N GLU A 33 -9.82 9.18 4.37
CA GLU A 33 -10.01 8.51 3.08
C GLU A 33 -10.34 7.03 3.25
N TYR A 34 -11.39 6.75 4.00
CA TYR A 34 -11.86 5.39 4.18
C TYR A 34 -13.06 5.13 3.30
N ASP A 35 -12.95 4.08 2.49
CA ASP A 35 -14.03 3.71 1.58
C ASP A 35 -14.36 2.24 1.73
N GLY A 36 -15.65 1.93 1.71
CA GLY A 36 -16.08 0.55 1.82
C GLY A 36 -17.16 0.22 0.80
N MET A 37 -16.99 0.69 -0.43
CA MET A 37 -17.94 0.38 -1.50
C MET A 37 -17.98 -1.13 -1.78
N GLN A 38 -16.90 -1.81 -1.41
CA GLN A 38 -16.86 -3.26 -1.42
C GLN A 38 -16.33 -3.75 -0.08
N ASP A 39 -16.93 -4.79 0.46
CA ASP A 39 -16.53 -5.32 1.75
C ASP A 39 -15.58 -6.49 1.57
N GLU A 40 -15.04 -6.61 0.37
CA GLU A 40 -14.03 -7.62 0.07
C GLU A 40 -12.71 -6.92 -0.29
N PRO A 41 -11.88 -6.61 0.72
CA PRO A 41 -10.59 -6.01 0.46
C PRO A 41 -9.54 -7.04 0.06
N ARG A 42 -9.01 -6.91 -1.14
CA ARG A 42 -7.91 -7.76 -1.59
C ARG A 42 -6.59 -7.21 -1.05
N TYR A 43 -6.46 -5.90 -1.12
CA TYR A 43 -5.25 -5.19 -0.71
C TYR A 43 -4.93 -5.43 0.77
N MET A 44 -5.96 -5.67 1.57
CA MET A 44 -5.76 -5.90 3.00
C MET A 44 -5.19 -7.28 3.25
N MET A 45 -5.61 -8.26 2.47
CA MET A 45 -5.10 -9.61 2.62
C MET A 45 -3.65 -9.67 2.18
N LEU A 46 -3.39 -9.05 1.04
CA LEU A 46 -2.04 -8.98 0.50
C LEU A 46 -1.10 -8.24 1.45
N ALA A 47 -1.61 -7.17 2.08
CA ALA A 47 -0.81 -6.38 2.99
C ALA A 47 -0.66 -7.10 4.33
N ARG A 48 -1.69 -7.84 4.72
CA ARG A 48 -1.64 -8.63 5.94
C ARG A 48 -0.57 -9.71 5.82
N GLU A 49 -0.54 -10.36 4.67
CA GLU A 49 0.47 -11.36 4.39
C GLU A 49 1.85 -10.70 4.41
N ALA A 50 1.95 -9.56 3.73
CA ALA A 50 3.19 -8.79 3.69
C ALA A 50 3.63 -8.37 5.09
N GLU A 51 2.67 -7.99 5.92
CA GLU A 51 2.94 -7.57 7.29
C GLU A 51 3.49 -8.74 8.10
N MET A 52 2.85 -9.89 7.95
CA MET A 52 3.28 -11.10 8.66
C MET A 52 4.63 -11.55 8.14
N LEU A 53 4.93 -11.23 6.89
CA LEU A 53 6.22 -11.55 6.29
C LEU A 53 7.25 -10.46 6.57
N PHE A 54 6.80 -9.33 7.10
CA PHE A 54 7.72 -8.24 7.43
C PHE A 54 8.24 -8.38 8.85
N THR A 55 7.35 -8.34 9.81
CA THR A 55 7.74 -8.30 11.22
C THR A 55 7.66 -9.69 11.86
N GLY A 56 7.12 -10.65 11.12
CA GLY A 56 6.95 -11.98 11.65
C GLY A 56 5.52 -12.24 12.05
N GLY A 57 4.90 -13.23 11.43
CA GLY A 57 3.52 -13.51 11.68
C GLY A 57 3.30 -14.94 12.14
N TYR A 58 2.07 -15.42 11.98
CA TYR A 58 1.70 -16.75 12.43
C TYR A 58 2.24 -17.82 11.48
N GLY A 59 3.51 -18.14 11.62
CA GLY A 59 4.11 -19.18 10.79
C GLY A 59 4.75 -18.61 9.54
N LEU A 60 4.78 -17.29 9.42
CA LEU A 60 5.36 -16.64 8.26
C LEU A 60 6.76 -16.12 8.59
N GLU A 61 7.75 -16.57 7.82
CA GLU A 61 9.11 -16.10 7.99
C GLU A 61 9.22 -14.66 7.53
N LYS A 62 9.93 -13.85 8.29
CA LYS A 62 10.02 -12.42 7.99
C LYS A 62 11.09 -12.16 6.94
N ASP A 63 10.66 -12.08 5.70
CA ASP A 63 11.53 -11.81 4.58
C ASP A 63 11.20 -10.44 3.97
N PRO A 64 12.04 -9.41 4.25
CA PRO A 64 11.81 -8.05 3.76
C PRO A 64 11.62 -7.98 2.24
N GLN A 65 12.22 -8.91 1.51
CA GLN A 65 12.15 -8.92 0.06
C GLN A 65 10.74 -9.25 -0.40
N ARG A 66 10.21 -10.38 0.06
CA ARG A 66 8.86 -10.80 -0.30
C ARG A 66 7.84 -9.87 0.34
N SER A 67 8.18 -9.36 1.51
CA SER A 67 7.33 -8.40 2.21
C SER A 67 7.01 -7.22 1.30
N GLY A 68 8.04 -6.64 0.70
CA GLY A 68 7.84 -5.49 -0.17
C GLY A 68 7.10 -5.87 -1.42
N ASP A 69 7.34 -7.08 -1.92
CA ASP A 69 6.67 -7.56 -3.13
C ASP A 69 5.16 -7.64 -2.90
N LEU A 70 4.76 -8.17 -1.76
CA LEU A 70 3.35 -8.27 -1.45
C LEU A 70 2.77 -6.90 -1.09
N TYR A 71 3.60 -6.02 -0.52
CA TYR A 71 3.17 -4.66 -0.25
C TYR A 71 2.95 -3.89 -1.55
N THR A 72 3.81 -4.13 -2.55
CA THR A 72 3.65 -3.47 -3.84
C THR A 72 2.43 -4.01 -4.58
N GLN A 73 2.24 -5.33 -4.51
CA GLN A 73 1.08 -5.95 -5.11
C GLN A 73 -0.18 -5.45 -4.43
N ALA A 74 -0.08 -5.27 -3.11
CA ALA A 74 -1.17 -4.70 -2.33
C ALA A 74 -1.45 -3.27 -2.75
N ALA A 75 -0.40 -2.51 -3.07
CA ALA A 75 -0.59 -1.14 -3.53
C ALA A 75 -1.28 -1.12 -4.89
N GLU A 76 -0.92 -2.07 -5.74
CA GLU A 76 -1.59 -2.22 -7.02
C GLU A 76 -3.08 -2.46 -6.81
N ALA A 77 -3.41 -3.34 -5.87
CA ALA A 77 -4.80 -3.65 -5.56
C ALA A 77 -5.49 -2.48 -4.87
N ALA A 78 -4.71 -1.72 -4.12
CA ALA A 78 -5.23 -0.56 -3.39
C ALA A 78 -5.61 0.55 -4.36
N MET A 79 -4.70 0.86 -5.29
CA MET A 79 -4.97 1.88 -6.28
C MET A 79 -6.07 1.41 -7.24
N GLU A 80 -6.15 0.09 -7.42
CA GLU A 80 -7.19 -0.49 -8.26
C GLU A 80 -8.54 -0.40 -7.57
N ALA A 81 -8.51 -0.34 -6.24
CA ALA A 81 -9.71 -0.17 -5.45
C ALA A 81 -9.99 1.32 -5.21
N MET A 82 -9.30 2.16 -6.00
CA MET A 82 -9.48 3.61 -5.96
C MET A 82 -9.13 4.17 -4.59
N LYS A 83 -8.13 3.58 -3.96
CA LYS A 83 -7.71 3.99 -2.63
C LYS A 83 -6.25 4.42 -2.64
N GLY A 84 -6.05 5.66 -3.08
CA GLY A 84 -4.71 6.22 -3.19
C GLY A 84 -3.97 6.24 -1.86
N ARG A 85 -4.67 6.53 -0.77
CA ARG A 85 -4.05 6.56 0.55
C ARG A 85 -3.41 5.22 0.86
N LEU A 86 -4.17 4.15 0.66
CA LEU A 86 -3.70 2.79 0.91
C LEU A 86 -2.48 2.49 0.04
N ALA A 87 -2.60 2.82 -1.25
CA ALA A 87 -1.52 2.61 -2.20
C ALA A 87 -0.27 3.39 -1.78
N ASN A 88 -0.47 4.63 -1.34
CA ASN A 88 0.63 5.49 -0.92
C ASN A 88 1.33 4.86 0.29
N GLN A 89 0.54 4.47 1.29
CA GLN A 89 1.07 3.84 2.49
C GLN A 89 1.84 2.56 2.13
N TYR A 90 1.19 1.68 1.39
CA TYR A 90 1.80 0.41 1.00
C TYR A 90 3.07 0.62 0.16
N TYR A 91 3.09 1.63 -0.70
CA TYR A 91 4.30 1.95 -1.45
C TYR A 91 5.40 2.41 -0.50
N GLN A 92 5.00 3.24 0.46
CA GLN A 92 5.92 3.80 1.43
C GLN A 92 6.47 2.71 2.33
N LYS A 93 5.68 1.66 2.51
CA LYS A 93 6.03 0.58 3.40
C LYS A 93 6.87 -0.45 2.64
N ALA A 94 6.54 -0.63 1.36
CA ALA A 94 7.31 -1.50 0.49
C ALA A 94 8.71 -0.94 0.30
N GLU A 95 8.77 0.37 0.09
CA GLU A 95 10.03 1.03 -0.12
C GLU A 95 10.83 1.02 1.17
N GLU A 96 10.14 1.23 2.28
CA GLU A 96 10.75 1.18 3.61
C GLU A 96 11.31 -0.21 3.89
N ALA A 97 10.54 -1.23 3.51
CA ALA A 97 10.96 -2.62 3.69
C ALA A 97 12.28 -2.88 3.00
N TRP A 98 12.37 -2.51 1.73
CA TRP A 98 13.58 -2.72 0.97
C TRP A 98 14.68 -1.73 1.37
N ALA A 99 14.29 -0.55 1.85
CA ALA A 99 15.24 0.44 2.31
C ALA A 99 15.96 -0.02 3.58
N GLN A 100 15.23 -0.71 4.43
CA GLN A 100 15.76 -1.13 5.72
C GLN A 100 16.82 -2.23 5.56
N MET A 101 16.40 -3.38 5.01
CA MET A 101 17.25 -4.56 4.81
C MET A 101 18.40 -4.65 5.81
N GLU A 102 18.07 -4.60 7.10
CA GLU A 102 19.08 -4.67 8.15
C GLU A 102 18.62 -5.62 9.25
N GLU A 103 17.41 -6.11 9.10
CA GLU A 103 16.79 -6.96 10.09
C GLU A 103 15.82 -7.90 9.38
N GLY A 1 -20.75 12.49 -2.16
CA GLY A 1 -20.21 11.11 -2.20
C GLY A 1 -19.10 10.90 -1.19
N SER A 2 -19.48 10.73 0.08
CA SER A 2 -18.55 10.61 1.21
C SER A 2 -17.56 11.79 1.26
N HIS A 3 -16.40 11.62 0.66
CA HIS A 3 -15.40 12.68 0.61
C HIS A 3 -15.41 13.34 -0.76
N MET A 4 -15.60 12.52 -1.78
CA MET A 4 -15.67 12.97 -3.16
C MET A 4 -16.14 11.81 -4.04
N SER A 5 -17.13 12.07 -4.87
CA SER A 5 -17.66 11.06 -5.77
C SER A 5 -16.66 10.74 -6.87
N PRO A 6 -16.51 9.44 -7.21
CA PRO A 6 -15.67 9.00 -8.32
C PRO A 6 -16.00 9.70 -9.62
N ASP A 7 -15.20 10.70 -9.97
CA ASP A 7 -15.44 11.48 -11.18
C ASP A 7 -14.29 11.34 -12.17
N ARG A 8 -13.09 11.11 -11.67
CA ARG A 8 -11.93 10.96 -12.54
C ARG A 8 -11.28 9.59 -12.31
N CYS A 9 -10.92 9.30 -11.06
CA CYS A 9 -10.34 8.00 -10.67
C CYS A 9 -9.32 7.46 -11.68
N GLN A 10 -8.45 8.31 -12.17
CA GLN A 10 -7.44 7.87 -13.11
C GLN A 10 -6.09 8.54 -12.85
N ASP A 11 -5.98 9.25 -11.74
CA ASP A 11 -4.73 9.93 -11.40
C ASP A 11 -3.76 8.96 -10.76
N TRP A 12 -4.31 7.89 -10.16
CA TRP A 12 -3.51 6.94 -9.42
C TRP A 12 -2.51 6.22 -10.31
N LEU A 13 -2.86 6.08 -11.60
CA LEU A 13 -1.95 5.52 -12.59
C LEU A 13 -0.65 6.31 -12.58
N GLU A 14 -0.79 7.63 -12.64
CA GLU A 14 0.34 8.52 -12.64
C GLU A 14 0.96 8.60 -11.25
N ALA A 15 0.11 8.78 -10.25
CA ALA A 15 0.56 8.95 -8.87
C ALA A 15 1.51 7.84 -8.43
N LEU A 16 1.12 6.60 -8.67
CA LEU A 16 1.95 5.48 -8.27
C LEU A 16 3.10 5.25 -9.25
N HIS A 17 3.05 5.93 -10.40
CA HIS A 17 4.10 5.80 -11.38
C HIS A 17 5.33 6.63 -11.00
N TRP A 18 5.11 7.85 -10.52
CA TRP A 18 6.22 8.70 -10.12
C TRP A 18 6.58 8.50 -8.66
N TYR A 19 5.73 7.78 -7.94
CA TYR A 19 5.96 7.55 -6.52
C TYR A 19 7.00 6.45 -6.33
N ASN A 20 8.25 6.85 -6.24
CA ASN A 20 9.34 5.93 -5.98
C ASN A 20 10.18 6.45 -4.82
N THR A 21 9.54 6.63 -3.69
CA THR A 21 10.20 7.25 -2.55
C THR A 21 9.69 6.65 -1.23
N ALA A 22 10.60 6.43 -0.30
CA ALA A 22 10.25 5.93 1.01
C ALA A 22 9.95 7.07 1.98
N LEU A 23 10.39 8.27 1.61
CA LEU A 23 10.31 9.41 2.51
C LEU A 23 9.91 10.68 1.75
N GLU A 24 8.63 10.82 1.47
CA GLU A 24 8.12 12.05 0.89
C GLU A 24 6.74 12.37 1.44
N MET A 25 6.47 13.65 1.61
CA MET A 25 5.21 14.14 2.15
C MET A 25 4.14 14.24 1.06
N THR A 26 3.90 13.14 0.39
CA THR A 26 2.93 13.10 -0.69
C THR A 26 1.51 13.23 -0.17
N ASP A 27 0.76 14.16 -0.76
CA ASP A 27 -0.59 14.42 -0.33
C ASP A 27 -1.57 13.52 -1.07
N CYS A 28 -1.61 12.26 -0.67
CA CYS A 28 -2.56 11.31 -1.23
C CYS A 28 -3.59 10.95 -0.18
N ASP A 29 -4.23 11.99 0.36
CA ASP A 29 -5.16 11.84 1.47
C ASP A 29 -6.46 11.20 1.03
N GLU A 30 -7.13 10.52 1.96
CA GLU A 30 -8.34 9.77 1.68
C GLU A 30 -9.58 10.67 1.66
N GLY A 31 -9.35 11.98 1.67
CA GLY A 31 -10.43 12.93 1.59
C GLY A 31 -10.82 13.24 0.15
N GLY A 32 -10.27 12.48 -0.79
CA GLY A 32 -10.60 12.65 -2.18
C GLY A 32 -11.67 11.67 -2.61
N GLU A 33 -11.51 11.11 -3.80
CA GLU A 33 -12.45 10.14 -4.33
C GLU A 33 -12.45 8.87 -3.49
N TYR A 34 -13.46 8.75 -2.65
CA TYR A 34 -13.55 7.64 -1.72
C TYR A 34 -14.62 6.65 -2.16
N ASP A 35 -14.19 5.59 -2.82
CA ASP A 35 -15.10 4.54 -3.26
C ASP A 35 -14.30 3.32 -3.70
N GLY A 36 -14.87 2.51 -4.58
CA GLY A 36 -14.19 1.31 -5.05
C GLY A 36 -13.98 0.31 -3.94
N MET A 37 -14.97 0.16 -3.10
CA MET A 37 -14.86 -0.75 -1.97
C MET A 37 -15.34 -2.14 -2.37
N GLN A 38 -14.47 -2.85 -3.07
CA GLN A 38 -14.70 -4.23 -3.45
C GLN A 38 -15.05 -5.07 -2.20
N ASP A 39 -16.01 -5.97 -2.39
CA ASP A 39 -16.56 -6.77 -1.29
C ASP A 39 -15.48 -7.63 -0.64
N GLU A 40 -14.53 -8.06 -1.46
CA GLU A 40 -13.38 -8.79 -0.95
C GLU A 40 -12.12 -8.00 -1.26
N PRO A 41 -11.67 -7.14 -0.33
CA PRO A 41 -10.49 -6.31 -0.57
C PRO A 41 -9.23 -7.16 -0.62
N ARG A 42 -8.56 -7.12 -1.76
CA ARG A 42 -7.36 -7.92 -1.97
C ARG A 42 -6.17 -7.27 -1.29
N TYR A 43 -6.15 -5.95 -1.28
CA TYR A 43 -5.02 -5.19 -0.74
C TYR A 43 -4.85 -5.42 0.76
N MET A 44 -5.95 -5.60 1.47
CA MET A 44 -5.88 -5.80 2.91
C MET A 44 -5.28 -7.16 3.24
N MET A 45 -5.68 -8.18 2.49
CA MET A 45 -5.15 -9.52 2.70
C MET A 45 -3.69 -9.57 2.27
N LEU A 46 -3.38 -8.95 1.15
CA LEU A 46 -2.03 -8.89 0.65
C LEU A 46 -1.12 -8.11 1.58
N ALA A 47 -1.68 -7.09 2.23
CA ALA A 47 -0.90 -6.29 3.17
C ALA A 47 -0.76 -7.03 4.50
N ARG A 48 -1.80 -7.77 4.86
CA ARG A 48 -1.76 -8.64 6.02
C ARG A 48 -0.64 -9.67 5.84
N GLU A 49 -0.59 -10.26 4.66
CA GLU A 49 0.43 -11.22 4.31
C GLU A 49 1.80 -10.54 4.36
N ALA A 50 1.87 -9.38 3.72
CA ALA A 50 3.10 -8.59 3.67
C ALA A 50 3.59 -8.23 5.07
N GLU A 51 2.66 -7.89 5.97
CA GLU A 51 3.01 -7.55 7.33
C GLU A 51 3.52 -8.78 8.07
N MET A 52 2.88 -9.93 7.81
CA MET A 52 3.34 -11.19 8.40
C MET A 52 4.69 -11.58 7.82
N LEU A 53 4.95 -11.18 6.58
CA LEU A 53 6.22 -11.47 5.93
C LEU A 53 7.29 -10.49 6.38
N PHE A 54 6.89 -9.30 6.79
CA PHE A 54 7.84 -8.29 7.24
C PHE A 54 8.28 -8.56 8.67
N THR A 55 7.34 -8.55 9.59
CA THR A 55 7.66 -8.66 11.01
C THR A 55 7.87 -10.10 11.42
N GLY A 56 7.16 -11.01 10.79
CA GLY A 56 7.20 -12.40 11.17
C GLY A 56 5.84 -12.89 11.60
N GLY A 57 5.29 -13.82 10.86
CA GLY A 57 3.92 -14.24 11.11
C GLY A 57 3.81 -15.46 11.98
N TYR A 58 4.84 -15.71 12.79
CA TYR A 58 4.86 -16.88 13.69
C TYR A 58 4.45 -18.13 12.92
N GLY A 59 5.15 -18.38 11.83
CA GLY A 59 4.76 -19.40 10.89
C GLY A 59 5.04 -18.95 9.48
N LEU A 60 5.03 -17.64 9.29
CA LEU A 60 5.50 -17.04 8.05
C LEU A 60 6.86 -16.42 8.30
N GLU A 61 7.86 -16.87 7.57
CA GLU A 61 9.23 -16.42 7.79
C GLU A 61 9.44 -15.03 7.24
N LYS A 62 10.01 -14.17 8.06
CA LYS A 62 10.21 -12.78 7.70
C LYS A 62 11.18 -12.64 6.53
N ASP A 63 10.78 -11.86 5.55
CA ASP A 63 11.58 -11.64 4.36
C ASP A 63 11.24 -10.29 3.75
N PRO A 64 12.07 -9.26 4.01
CA PRO A 64 11.84 -7.89 3.51
C PRO A 64 11.60 -7.84 2.00
N GLN A 65 12.22 -8.75 1.25
CA GLN A 65 12.07 -8.78 -0.20
C GLN A 65 10.64 -9.15 -0.58
N ARG A 66 10.17 -10.28 -0.08
CA ARG A 66 8.83 -10.73 -0.39
C ARG A 66 7.82 -9.83 0.29
N SER A 67 8.19 -9.29 1.44
CA SER A 67 7.35 -8.34 2.14
C SER A 67 7.02 -7.16 1.24
N GLY A 68 8.04 -6.55 0.64
CA GLY A 68 7.81 -5.41 -0.20
C GLY A 68 7.13 -5.80 -1.50
N ASP A 69 7.40 -7.01 -1.96
CA ASP A 69 6.74 -7.51 -3.16
C ASP A 69 5.23 -7.65 -2.91
N LEU A 70 4.88 -8.17 -1.74
CA LEU A 70 3.50 -8.30 -1.36
C LEU A 70 2.88 -6.93 -1.08
N TYR A 71 3.68 -6.03 -0.51
CA TYR A 71 3.22 -4.66 -0.27
C TYR A 71 2.97 -3.92 -1.57
N THR A 72 3.81 -4.17 -2.58
CA THR A 72 3.64 -3.53 -3.87
C THR A 72 2.43 -4.11 -4.59
N GLN A 73 2.23 -5.42 -4.44
CA GLN A 73 1.02 -6.05 -4.95
C GLN A 73 -0.20 -5.48 -4.25
N ALA A 74 -0.08 -5.31 -2.93
CA ALA A 74 -1.13 -4.71 -2.13
C ALA A 74 -1.42 -3.29 -2.60
N ALA A 75 -0.36 -2.54 -2.93
CA ALA A 75 -0.54 -1.17 -3.41
C ALA A 75 -1.25 -1.17 -4.75
N GLU A 76 -0.92 -2.16 -5.59
CA GLU A 76 -1.60 -2.32 -6.87
C GLU A 76 -3.09 -2.52 -6.63
N ALA A 77 -3.43 -3.47 -5.76
CA ALA A 77 -4.82 -3.76 -5.46
C ALA A 77 -5.49 -2.58 -4.76
N ALA A 78 -4.71 -1.78 -4.05
CA ALA A 78 -5.21 -0.61 -3.37
C ALA A 78 -5.56 0.49 -4.35
N MET A 79 -4.62 0.80 -5.24
CA MET A 79 -4.85 1.83 -6.24
C MET A 79 -5.93 1.38 -7.23
N GLU A 80 -6.02 0.07 -7.43
CA GLU A 80 -7.07 -0.51 -8.25
C GLU A 80 -8.44 -0.25 -7.62
N ALA A 81 -8.49 -0.35 -6.31
CA ALA A 81 -9.74 -0.17 -5.56
C ALA A 81 -9.95 1.29 -5.18
N MET A 82 -9.30 2.19 -5.91
CA MET A 82 -9.45 3.63 -5.72
C MET A 82 -9.05 4.06 -4.31
N LYS A 83 -8.09 3.34 -3.74
CA LYS A 83 -7.61 3.63 -2.40
C LYS A 83 -6.23 4.28 -2.49
N GLY A 84 -6.22 5.53 -2.95
CA GLY A 84 -4.97 6.27 -3.13
C GLY A 84 -4.07 6.26 -1.91
N ARG A 85 -4.62 6.62 -0.75
CA ARG A 85 -3.82 6.69 0.47
C ARG A 85 -3.24 5.34 0.82
N LEU A 86 -4.05 4.30 0.67
CA LEU A 86 -3.60 2.94 0.98
C LEU A 86 -2.45 2.56 0.07
N ALA A 87 -2.62 2.80 -1.23
CA ALA A 87 -1.59 2.52 -2.21
C ALA A 87 -0.30 3.26 -1.87
N ASN A 88 -0.42 4.57 -1.64
CA ASN A 88 0.72 5.39 -1.24
C ASN A 88 1.41 4.80 -0.02
N GLN A 89 0.64 4.52 1.03
CA GLN A 89 1.20 3.96 2.26
C GLN A 89 1.88 2.62 2.00
N TYR A 90 1.15 1.68 1.42
CA TYR A 90 1.70 0.35 1.15
C TYR A 90 2.96 0.42 0.29
N TYR A 91 3.02 1.37 -0.63
CA TYR A 91 4.22 1.51 -1.45
C TYR A 91 5.36 2.11 -0.61
N GLN A 92 5.04 3.11 0.20
CA GLN A 92 6.03 3.69 1.10
C GLN A 92 6.50 2.67 2.12
N LYS A 93 5.63 1.69 2.38
CA LYS A 93 5.93 0.66 3.33
C LYS A 93 6.77 -0.42 2.67
N ALA A 94 6.49 -0.65 1.39
CA ALA A 94 7.32 -1.52 0.58
C ALA A 94 8.74 -0.97 0.50
N GLU A 95 8.82 0.33 0.19
CA GLU A 95 10.09 1.02 0.15
C GLU A 95 10.79 0.97 1.49
N GLU A 96 10.03 1.20 2.57
CA GLU A 96 10.58 1.10 3.92
C GLU A 96 11.10 -0.31 4.18
N ALA A 97 10.33 -1.31 3.78
CA ALA A 97 10.73 -2.71 3.94
C ALA A 97 12.07 -2.98 3.28
N TRP A 98 12.18 -2.59 2.01
CA TRP A 98 13.42 -2.80 1.27
C TRP A 98 14.55 -1.89 1.76
N ALA A 99 14.19 -0.69 2.21
CA ALA A 99 15.18 0.27 2.69
C ALA A 99 15.78 -0.18 4.01
N GLN A 100 14.95 -0.78 4.86
CA GLN A 100 15.41 -1.20 6.18
C GLN A 100 16.36 -2.38 6.11
N MET A 101 15.87 -3.51 5.55
CA MET A 101 16.65 -4.76 5.43
C MET A 101 17.60 -4.99 6.61
N GLU A 102 17.09 -4.92 7.82
CA GLU A 102 17.94 -5.13 9.00
C GLU A 102 17.17 -5.74 10.16
N GLU A 103 16.28 -6.67 9.84
CA GLU A 103 15.53 -7.37 10.85
C GLU A 103 15.44 -8.84 10.50
N GLY A 1 -22.71 16.60 1.24
CA GLY A 1 -21.98 15.32 1.03
C GLY A 1 -21.05 15.41 -0.16
N SER A 2 -19.92 14.73 -0.07
CA SER A 2 -18.95 14.71 -1.14
C SER A 2 -18.75 13.29 -1.65
N HIS A 3 -18.89 13.11 -2.96
CA HIS A 3 -18.73 11.78 -3.55
C HIS A 3 -17.43 11.71 -4.33
N MET A 4 -16.54 10.82 -3.90
CA MET A 4 -15.26 10.64 -4.57
C MET A 4 -15.43 9.77 -5.80
N SER A 5 -15.63 10.41 -6.94
CA SER A 5 -15.74 9.72 -8.21
C SER A 5 -14.45 9.90 -9.01
N PRO A 6 -14.01 8.85 -9.72
CA PRO A 6 -12.76 8.88 -10.49
C PRO A 6 -12.92 9.62 -11.81
N ASP A 7 -13.48 10.82 -11.73
CA ASP A 7 -13.78 11.60 -12.92
C ASP A 7 -12.55 12.28 -13.50
N ARG A 8 -11.72 12.84 -12.63
CA ARG A 8 -10.49 13.50 -13.05
C ARG A 8 -9.35 13.20 -12.08
N CYS A 9 -9.28 11.97 -11.62
CA CYS A 9 -8.23 11.56 -10.69
C CYS A 9 -7.58 10.26 -11.15
N GLN A 10 -6.96 10.31 -12.31
CA GLN A 10 -6.32 9.13 -12.89
C GLN A 10 -4.81 9.30 -12.96
N ASP A 11 -4.34 10.49 -12.61
CA ASP A 11 -2.92 10.83 -12.72
C ASP A 11 -2.12 10.27 -11.54
N TRP A 12 -2.76 10.19 -10.37
CA TRP A 12 -2.05 9.81 -9.16
C TRP A 12 -1.57 8.36 -9.23
N LEU A 13 -2.24 7.55 -10.04
CA LEU A 13 -1.84 6.15 -10.21
C LEU A 13 -0.51 6.07 -10.92
N GLU A 14 -0.33 6.95 -11.91
CA GLU A 14 0.90 7.01 -12.67
C GLU A 14 1.97 7.74 -11.86
N ALA A 15 1.55 8.76 -11.15
CA ALA A 15 2.45 9.49 -10.26
C ALA A 15 3.03 8.55 -9.21
N LEU A 16 2.17 7.72 -8.64
CA LEU A 16 2.56 6.78 -7.61
C LEU A 16 3.45 5.67 -8.19
N HIS A 17 3.40 5.49 -9.51
CA HIS A 17 4.25 4.53 -10.18
C HIS A 17 5.70 5.00 -10.16
N TRP A 18 5.89 6.32 -10.17
CA TRP A 18 7.22 6.92 -10.13
C TRP A 18 7.62 7.21 -8.69
N TYR A 19 6.82 6.74 -7.75
CA TYR A 19 7.07 6.99 -6.33
C TYR A 19 8.30 6.22 -5.86
N ASN A 20 9.23 6.94 -5.24
CA ASN A 20 10.44 6.35 -4.70
C ASN A 20 11.06 7.28 -3.66
N THR A 21 10.61 7.14 -2.41
CA THR A 21 11.14 7.93 -1.32
C THR A 21 12.18 7.15 -0.53
N ALA A 22 12.25 5.84 -0.78
CA ALA A 22 13.15 4.93 -0.07
C ALA A 22 12.72 4.73 1.38
N LEU A 23 12.71 5.80 2.17
CA LEU A 23 12.39 5.70 3.58
C LEU A 23 11.82 7.02 4.10
N GLU A 24 10.80 7.53 3.44
CA GLU A 24 10.13 8.74 3.90
C GLU A 24 8.64 8.49 4.04
N MET A 25 8.04 9.05 5.08
CA MET A 25 6.61 8.88 5.29
C MET A 25 5.83 9.92 4.47
N THR A 26 4.79 9.46 3.81
CA THR A 26 3.97 10.32 2.99
C THR A 26 2.49 10.02 3.21
N ASP A 27 1.80 10.90 3.92
CA ASP A 27 0.37 10.74 4.13
C ASP A 27 -0.34 12.05 3.82
N CYS A 28 -0.41 12.36 2.54
CA CYS A 28 -1.13 13.52 2.06
C CYS A 28 -1.80 13.19 0.73
N ASP A 29 -2.72 12.23 0.78
CA ASP A 29 -3.36 11.73 -0.43
C ASP A 29 -4.87 11.68 -0.26
N GLU A 30 -5.53 12.75 -0.67
CA GLU A 30 -6.99 12.79 -0.64
C GLU A 30 -7.58 12.01 -1.81
N GLY A 31 -7.21 10.74 -1.90
CA GLY A 31 -7.68 9.90 -2.97
C GLY A 31 -8.32 8.63 -2.44
N GLY A 32 -9.63 8.57 -2.52
CA GLY A 32 -10.36 7.44 -2.03
C GLY A 32 -11.68 7.26 -2.75
N GLU A 33 -11.60 7.09 -4.05
CA GLU A 33 -12.78 6.99 -4.89
C GLU A 33 -13.40 5.61 -4.76
N TYR A 34 -14.68 5.58 -4.41
CA TYR A 34 -15.37 4.31 -4.18
C TYR A 34 -15.93 3.76 -5.48
N ASP A 35 -15.08 3.67 -6.48
CA ASP A 35 -15.45 3.12 -7.78
C ASP A 35 -14.42 2.08 -8.20
N GLY A 36 -14.79 0.81 -8.06
CA GLY A 36 -13.86 -0.27 -8.29
C GLY A 36 -13.48 -0.96 -6.99
N MET A 37 -14.20 -0.61 -5.94
CA MET A 37 -13.98 -1.20 -4.63
C MET A 37 -14.80 -2.46 -4.46
N GLN A 38 -14.14 -3.60 -4.63
CA GLN A 38 -14.75 -4.89 -4.34
C GLN A 38 -14.88 -5.07 -2.83
N ASP A 39 -16.00 -5.63 -2.40
CA ASP A 39 -16.33 -5.71 -0.98
C ASP A 39 -15.39 -6.65 -0.25
N GLU A 40 -14.78 -7.56 -0.98
CA GLU A 40 -13.70 -8.38 -0.45
C GLU A 40 -12.36 -7.80 -0.90
N PRO A 41 -11.75 -6.93 -0.08
CA PRO A 41 -10.53 -6.22 -0.47
C PRO A 41 -9.31 -7.13 -0.48
N ARG A 42 -8.64 -7.21 -1.63
CA ARG A 42 -7.45 -8.05 -1.77
C ARG A 42 -6.24 -7.39 -1.14
N TYR A 43 -6.19 -6.07 -1.21
CA TYR A 43 -5.03 -5.33 -0.74
C TYR A 43 -4.81 -5.50 0.75
N MET A 44 -5.88 -5.69 1.51
CA MET A 44 -5.75 -5.87 2.95
C MET A 44 -5.18 -7.24 3.26
N MET A 45 -5.55 -8.24 2.47
CA MET A 45 -5.01 -9.58 2.67
C MET A 45 -3.55 -9.61 2.26
N LEU A 46 -3.28 -9.04 1.09
CA LEU A 46 -1.91 -8.97 0.56
C LEU A 46 -1.01 -8.16 1.49
N ALA A 47 -1.56 -7.09 2.06
CA ALA A 47 -0.78 -6.24 2.94
C ALA A 47 -0.61 -6.88 4.31
N ARG A 48 -1.64 -7.61 4.74
CA ARG A 48 -1.56 -8.34 5.99
C ARG A 48 -0.50 -9.43 5.88
N GLU A 49 -0.50 -10.12 4.75
CA GLU A 49 0.49 -11.16 4.52
C GLU A 49 1.87 -10.53 4.42
N ALA A 50 1.95 -9.41 3.71
CA ALA A 50 3.19 -8.65 3.63
C ALA A 50 3.66 -8.22 5.02
N GLU A 51 2.71 -7.84 5.85
CA GLU A 51 2.98 -7.45 7.23
C GLU A 51 3.55 -8.63 8.00
N MET A 52 2.93 -9.78 7.82
CA MET A 52 3.37 -11.00 8.49
C MET A 52 4.69 -11.50 7.88
N LEU A 53 4.98 -11.05 6.67
CA LEU A 53 6.26 -11.37 6.04
C LEU A 53 7.33 -10.37 6.46
N PHE A 54 6.91 -9.19 6.89
CA PHE A 54 7.86 -8.18 7.33
C PHE A 54 8.29 -8.43 8.77
N THR A 55 7.33 -8.45 9.69
CA THR A 55 7.64 -8.60 11.10
C THR A 55 7.68 -10.08 11.51
N GLY A 56 7.13 -10.93 10.67
CA GLY A 56 7.13 -12.35 10.95
C GLY A 56 5.99 -12.76 11.86
N GLY A 57 5.72 -14.06 11.93
CA GLY A 57 4.68 -14.55 12.81
C GLY A 57 3.59 -15.26 12.04
N TYR A 58 2.69 -15.94 12.78
CA TYR A 58 1.56 -16.66 12.18
C TYR A 58 2.03 -17.74 11.20
N GLY A 59 3.24 -18.25 11.41
CA GLY A 59 3.76 -19.28 10.53
C GLY A 59 4.59 -18.68 9.40
N LEU A 60 4.61 -17.36 9.31
CA LEU A 60 5.37 -16.68 8.27
C LEU A 60 6.73 -16.24 8.80
N GLU A 61 7.77 -16.53 8.03
CA GLU A 61 9.10 -16.09 8.37
C GLU A 61 9.38 -14.75 7.71
N LYS A 62 9.97 -13.83 8.47
CA LYS A 62 10.25 -12.49 7.97
C LYS A 62 11.18 -12.53 6.75
N ASP A 63 10.82 -11.77 5.74
CA ASP A 63 11.60 -11.67 4.51
C ASP A 63 11.31 -10.33 3.82
N PRO A 64 12.22 -9.34 3.96
CA PRO A 64 12.03 -7.99 3.41
C PRO A 64 11.70 -7.98 1.91
N GLN A 65 12.22 -8.94 1.18
CA GLN A 65 12.01 -9.00 -0.27
C GLN A 65 10.55 -9.31 -0.59
N ARG A 66 10.07 -10.41 -0.03
CA ARG A 66 8.71 -10.86 -0.26
C ARG A 66 7.74 -9.88 0.36
N SER A 67 8.15 -9.31 1.50
CA SER A 67 7.35 -8.30 2.17
C SER A 67 7.05 -7.15 1.22
N GLY A 68 8.09 -6.58 0.59
CA GLY A 68 7.87 -5.47 -0.29
C GLY A 68 7.14 -5.87 -1.55
N ASP A 69 7.39 -7.10 -2.01
CA ASP A 69 6.71 -7.61 -3.19
C ASP A 69 5.21 -7.70 -2.94
N LEU A 70 4.84 -8.25 -1.79
CA LEU A 70 3.45 -8.36 -1.40
C LEU A 70 2.85 -6.98 -1.12
N TYR A 71 3.65 -6.09 -0.53
CA TYR A 71 3.18 -4.73 -0.24
C TYR A 71 2.93 -3.96 -1.53
N THR A 72 3.77 -4.17 -2.53
CA THR A 72 3.60 -3.49 -3.80
C THR A 72 2.40 -4.07 -4.55
N GLN A 73 2.21 -5.39 -4.43
CA GLN A 73 1.02 -6.02 -5.02
C GLN A 73 -0.23 -5.53 -4.30
N ALA A 74 -0.14 -5.42 -2.98
CA ALA A 74 -1.22 -4.89 -2.17
C ALA A 74 -1.54 -3.46 -2.58
N ALA A 75 -0.51 -2.65 -2.81
CA ALA A 75 -0.71 -1.28 -3.20
C ALA A 75 -1.32 -1.21 -4.59
N GLU A 76 -0.95 -2.17 -5.43
CA GLU A 76 -1.55 -2.31 -6.75
C GLU A 76 -3.06 -2.53 -6.60
N ALA A 77 -3.43 -3.47 -5.75
CA ALA A 77 -4.84 -3.78 -5.51
C ALA A 77 -5.54 -2.61 -4.81
N ALA A 78 -4.76 -1.82 -4.07
CA ALA A 78 -5.29 -0.65 -3.38
C ALA A 78 -5.60 0.46 -4.38
N MET A 79 -4.66 0.73 -5.28
CA MET A 79 -4.87 1.76 -6.31
C MET A 79 -5.90 1.28 -7.33
N GLU A 80 -6.05 -0.03 -7.44
CA GLU A 80 -7.13 -0.61 -8.25
C GLU A 80 -8.48 -0.19 -7.69
N ALA A 81 -8.58 -0.15 -6.38
CA ALA A 81 -9.80 0.25 -5.70
C ALA A 81 -9.88 1.77 -5.60
N MET A 82 -8.96 2.44 -6.30
CA MET A 82 -8.88 3.89 -6.33
C MET A 82 -8.65 4.46 -4.93
N LYS A 83 -7.95 3.70 -4.10
CA LYS A 83 -7.60 4.15 -2.77
C LYS A 83 -6.15 4.61 -2.73
N GLY A 84 -5.93 5.84 -3.19
CA GLY A 84 -4.59 6.38 -3.32
C GLY A 84 -3.82 6.41 -2.02
N ARG A 85 -4.48 6.78 -0.92
CA ARG A 85 -3.80 6.90 0.36
C ARG A 85 -3.25 5.56 0.82
N LEU A 86 -4.09 4.53 0.74
CA LEU A 86 -3.68 3.19 1.15
C LEU A 86 -2.58 2.68 0.23
N ALA A 87 -2.76 2.88 -1.06
CA ALA A 87 -1.77 2.49 -2.05
C ALA A 87 -0.44 3.16 -1.77
N ASN A 88 -0.48 4.46 -1.48
CA ASN A 88 0.73 5.22 -1.20
C ASN A 88 1.39 4.69 0.08
N GLN A 89 0.58 4.46 1.11
CA GLN A 89 1.08 3.91 2.36
C GLN A 89 1.81 2.58 2.12
N TYR A 90 1.12 1.65 1.47
CA TYR A 90 1.70 0.34 1.22
C TYR A 90 2.91 0.40 0.29
N TYR A 91 2.94 1.37 -0.64
CA TYR A 91 4.15 1.59 -1.43
C TYR A 91 5.26 2.14 -0.52
N GLN A 92 4.89 3.07 0.35
CA GLN A 92 5.80 3.64 1.35
C GLN A 92 6.31 2.56 2.28
N LYS A 93 5.51 1.53 2.47
CA LYS A 93 5.86 0.46 3.37
C LYS A 93 6.76 -0.53 2.65
N ALA A 94 6.52 -0.69 1.35
CA ALA A 94 7.42 -1.47 0.50
C ALA A 94 8.79 -0.82 0.47
N GLU A 95 8.79 0.49 0.23
CA GLU A 95 10.00 1.30 0.31
C GLU A 95 10.72 1.04 1.62
N GLU A 96 10.00 1.19 2.71
CA GLU A 96 10.55 0.97 4.05
C GLU A 96 11.11 -0.46 4.18
N ALA A 97 10.36 -1.43 3.69
CA ALA A 97 10.76 -2.83 3.77
C ALA A 97 12.11 -3.05 3.10
N TRP A 98 12.26 -2.54 1.89
CA TRP A 98 13.52 -2.70 1.16
C TRP A 98 14.60 -1.76 1.67
N ALA A 99 14.21 -0.61 2.20
CA ALA A 99 15.17 0.34 2.73
C ALA A 99 15.78 -0.15 4.03
N GLN A 100 14.97 -0.76 4.88
CA GLN A 100 15.43 -1.18 6.19
C GLN A 100 16.59 -2.16 6.09
N MET A 101 16.33 -3.32 5.46
CA MET A 101 17.30 -4.41 5.30
C MET A 101 18.40 -4.42 6.36
N GLU A 102 18.02 -4.36 7.63
CA GLU A 102 18.96 -4.45 8.72
C GLU A 102 18.42 -5.36 9.81
N GLU A 103 17.35 -6.06 9.47
CA GLU A 103 16.69 -6.96 10.39
C GLU A 103 16.45 -8.29 9.69
#